data_2GRC
# 
_entry.id   2GRC 
# 
_audit_conform.dict_name       mmcif_pdbx.dic 
_audit_conform.dict_version    5.387 
_audit_conform.dict_location   http://mmcif.pdb.org/dictionaries/ascii/mmcif_pdbx.dic 
# 
loop_
_database_2.database_id 
_database_2.database_code 
_database_2.pdbx_database_accession 
_database_2.pdbx_DOI 
PDB   2GRC         pdb_00002grc 10.2210/pdb2grc/pdb 
RCSB  RCSB037460   ?            ?                   
WWPDB D_1000037460 ?            ?                   
# 
loop_
_pdbx_audit_revision_history.ordinal 
_pdbx_audit_revision_history.data_content_type 
_pdbx_audit_revision_history.major_revision 
_pdbx_audit_revision_history.minor_revision 
_pdbx_audit_revision_history.revision_date 
1 'Structure model' 1 0 2007-05-08 
2 'Structure model' 1 1 2008-05-01 
3 'Structure model' 1 2 2011-07-13 
4 'Structure model' 1 3 2017-10-18 
5 'Structure model' 1 4 2024-02-14 
# 
_pdbx_audit_revision_details.ordinal             1 
_pdbx_audit_revision_details.revision_ordinal    1 
_pdbx_audit_revision_details.data_content_type   'Structure model' 
_pdbx_audit_revision_details.provider            repository 
_pdbx_audit_revision_details.type                'Initial release' 
_pdbx_audit_revision_details.description         ? 
_pdbx_audit_revision_details.details             ? 
# 
loop_
_pdbx_audit_revision_group.ordinal 
_pdbx_audit_revision_group.revision_ordinal 
_pdbx_audit_revision_group.data_content_type 
_pdbx_audit_revision_group.group 
1 2 'Structure model' 'Version format compliance' 
2 3 'Structure model' 'Version format compliance' 
3 4 'Structure model' 'Refinement description'    
4 5 'Structure model' 'Data collection'           
5 5 'Structure model' 'Database references'       
# 
loop_
_pdbx_audit_revision_category.ordinal 
_pdbx_audit_revision_category.revision_ordinal 
_pdbx_audit_revision_category.data_content_type 
_pdbx_audit_revision_category.category 
1 4 'Structure model' software           
2 5 'Structure model' chem_comp_atom     
3 5 'Structure model' chem_comp_bond     
4 5 'Structure model' database_2         
5 5 'Structure model' struct_ref_seq_dif 
# 
loop_
_pdbx_audit_revision_item.ordinal 
_pdbx_audit_revision_item.revision_ordinal 
_pdbx_audit_revision_item.data_content_type 
_pdbx_audit_revision_item.item 
1 4 'Structure model' '_software.classification'            
2 4 'Structure model' '_software.name'                      
3 5 'Structure model' '_database_2.pdbx_DOI'                
4 5 'Structure model' '_database_2.pdbx_database_accession' 
5 5 'Structure model' '_struct_ref_seq_dif.details'         
# 
_pdbx_database_status.status_code                     REL 
_pdbx_database_status.entry_id                        2GRC 
_pdbx_database_status.recvd_initial_deposition_date   2006-04-24 
_pdbx_database_status.deposit_site                    RCSB 
_pdbx_database_status.process_site                    RCSB 
_pdbx_database_status.status_code_sf                  REL 
_pdbx_database_status.status_code_mr                  ? 
_pdbx_database_status.SG_entry                        ? 
_pdbx_database_status.pdb_format_compatible           Y 
_pdbx_database_status.status_code_cs                  ? 
_pdbx_database_status.methods_development_category    ? 
_pdbx_database_status.status_code_nmr_data            ? 
# 
loop_
_audit_author.name 
_audit_author.pdbx_ordinal 
'Singh, M.'      1 
'Popowicz, G.M.' 2 
'Krajewski, M.'  3 
'Holak, T.A.'    4 
# 
_citation.id                        primary 
_citation.title                     
;Structural ramification for acetyl-lysine recognition by the bromodomain of human BRG1 protein, a central ATPase of the SWI/SNF remodeling complex.
;
_citation.journal_abbrev            Chembiochem 
_citation.journal_volume            8 
_citation.page_first                1308 
_citation.page_last                 1316 
_citation.year                      2007 
_citation.journal_id_ASTM           ? 
_citation.country                   GE 
_citation.journal_id_ISSN           1439-4227 
_citation.journal_id_CSD            ? 
_citation.book_publisher            ? 
_citation.pdbx_database_id_PubMed   17582821 
_citation.pdbx_database_id_DOI      10.1002/cbic.200600562 
# 
loop_
_citation_author.citation_id 
_citation_author.name 
_citation_author.ordinal 
_citation_author.identifier_ORCID 
primary 'Singh, M.'      1 ? 
primary 'Popowicz, G.M.' 2 ? 
primary 'Krajewski, M.'  3 ? 
primary 'Holak, T.A.'    4 ? 
# 
loop_
_entity.id 
_entity.type 
_entity.src_method 
_entity.pdbx_description 
_entity.formula_weight 
_entity.pdbx_number_of_molecules 
_entity.pdbx_ec 
_entity.pdbx_mutation 
_entity.pdbx_fragment 
_entity.details 
1 polymer man 'Probable global transcription activator SNF2L4' 15091.295 1   3.6.1.- ? 'bromodomain, residues 1448-1575' ? 
2 water   nat water                                            18.015    165 ?       ? ?                                 ? 
# 
_entity_name_com.entity_id   1 
_entity_name_com.name        
;ATP- dependent helicase SMARCA4, SNF2-beta, BRG-1 protein, Mitotic growth and transcription activator, Brahma protein homolog 1, SWI/SNF-related matrix-associated actin-dependent regulator of chromatin subfamily A member 4
;
# 
_entity_poly.entity_id                      1 
_entity_poly.type                           'polypeptide(L)' 
_entity_poly.nstd_linkage                   no 
_entity_poly.nstd_monomer                   no 
_entity_poly.pdbx_seq_one_letter_code       
;MAEKLSPNPPNLTKKMKKIVDAVIKYKDSSSGRQLSEVFIQLPSRKELPEYYELIRKPVDFKKIKERIRNHKYRSLNDLE
KDVMLLCQNAQTFNLEGSLIYEDSIVLQSVFTSVRQKIEKEDDSEGEES
;
_entity_poly.pdbx_seq_one_letter_code_can   
;MAEKLSPNPPNLTKKMKKIVDAVIKYKDSSSGRQLSEVFIQLPSRKELPEYYELIRKPVDFKKIKERIRNHKYRSLNDLE
KDVMLLCQNAQTFNLEGSLIYEDSIVLQSVFTSVRQKIEKEDDSEGEES
;
_entity_poly.pdbx_strand_id                 A 
_entity_poly.pdbx_target_identifier         ? 
# 
_pdbx_entity_nonpoly.entity_id   2 
_pdbx_entity_nonpoly.name        water 
_pdbx_entity_nonpoly.comp_id     HOH 
# 
loop_
_entity_poly_seq.entity_id 
_entity_poly_seq.num 
_entity_poly_seq.mon_id 
_entity_poly_seq.hetero 
1 1   MET n 
1 2   ALA n 
1 3   GLU n 
1 4   LYS n 
1 5   LEU n 
1 6   SER n 
1 7   PRO n 
1 8   ASN n 
1 9   PRO n 
1 10  PRO n 
1 11  ASN n 
1 12  LEU n 
1 13  THR n 
1 14  LYS n 
1 15  LYS n 
1 16  MET n 
1 17  LYS n 
1 18  LYS n 
1 19  ILE n 
1 20  VAL n 
1 21  ASP n 
1 22  ALA n 
1 23  VAL n 
1 24  ILE n 
1 25  LYS n 
1 26  TYR n 
1 27  LYS n 
1 28  ASP n 
1 29  SER n 
1 30  SER n 
1 31  SER n 
1 32  GLY n 
1 33  ARG n 
1 34  GLN n 
1 35  LEU n 
1 36  SER n 
1 37  GLU n 
1 38  VAL n 
1 39  PHE n 
1 40  ILE n 
1 41  GLN n 
1 42  LEU n 
1 43  PRO n 
1 44  SER n 
1 45  ARG n 
1 46  LYS n 
1 47  GLU n 
1 48  LEU n 
1 49  PRO n 
1 50  GLU n 
1 51  TYR n 
1 52  TYR n 
1 53  GLU n 
1 54  LEU n 
1 55  ILE n 
1 56  ARG n 
1 57  LYS n 
1 58  PRO n 
1 59  VAL n 
1 60  ASP n 
1 61  PHE n 
1 62  LYS n 
1 63  LYS n 
1 64  ILE n 
1 65  LYS n 
1 66  GLU n 
1 67  ARG n 
1 68  ILE n 
1 69  ARG n 
1 70  ASN n 
1 71  HIS n 
1 72  LYS n 
1 73  TYR n 
1 74  ARG n 
1 75  SER n 
1 76  LEU n 
1 77  ASN n 
1 78  ASP n 
1 79  LEU n 
1 80  GLU n 
1 81  LYS n 
1 82  ASP n 
1 83  VAL n 
1 84  MET n 
1 85  LEU n 
1 86  LEU n 
1 87  CYS n 
1 88  GLN n 
1 89  ASN n 
1 90  ALA n 
1 91  GLN n 
1 92  THR n 
1 93  PHE n 
1 94  ASN n 
1 95  LEU n 
1 96  GLU n 
1 97  GLY n 
1 98  SER n 
1 99  LEU n 
1 100 ILE n 
1 101 TYR n 
1 102 GLU n 
1 103 ASP n 
1 104 SER n 
1 105 ILE n 
1 106 VAL n 
1 107 LEU n 
1 108 GLN n 
1 109 SER n 
1 110 VAL n 
1 111 PHE n 
1 112 THR n 
1 113 SER n 
1 114 VAL n 
1 115 ARG n 
1 116 GLN n 
1 117 LYS n 
1 118 ILE n 
1 119 GLU n 
1 120 LYS n 
1 121 GLU n 
1 122 ASP n 
1 123 ASP n 
1 124 SER n 
1 125 GLU n 
1 126 GLY n 
1 127 GLU n 
1 128 GLU n 
1 129 SER n 
# 
_entity_src_gen.entity_id                          1 
_entity_src_gen.pdbx_src_id                        1 
_entity_src_gen.pdbx_alt_source_flag               sample 
_entity_src_gen.pdbx_seq_type                      ? 
_entity_src_gen.pdbx_beg_seq_num                   ? 
_entity_src_gen.pdbx_end_seq_num                   ? 
_entity_src_gen.gene_src_common_name               human 
_entity_src_gen.gene_src_genus                     Homo 
_entity_src_gen.pdbx_gene_src_gene                 'SMARCA4, BRG1, SNF2B, SNF2L4' 
_entity_src_gen.gene_src_species                   ? 
_entity_src_gen.gene_src_strain                    ? 
_entity_src_gen.gene_src_tissue                    ? 
_entity_src_gen.gene_src_tissue_fraction           ? 
_entity_src_gen.gene_src_details                   ? 
_entity_src_gen.pdbx_gene_src_fragment             ? 
_entity_src_gen.pdbx_gene_src_scientific_name      'Homo sapiens' 
_entity_src_gen.pdbx_gene_src_ncbi_taxonomy_id     9606 
_entity_src_gen.pdbx_gene_src_variant              ? 
_entity_src_gen.pdbx_gene_src_cell_line            ? 
_entity_src_gen.pdbx_gene_src_atcc                 ? 
_entity_src_gen.pdbx_gene_src_organ                ? 
_entity_src_gen.pdbx_gene_src_organelle            ? 
_entity_src_gen.pdbx_gene_src_cell                 ? 
_entity_src_gen.pdbx_gene_src_cellular_location    ? 
_entity_src_gen.host_org_common_name               ? 
_entity_src_gen.pdbx_host_org_scientific_name      'Escherichia coli BL21(DE3)' 
_entity_src_gen.pdbx_host_org_ncbi_taxonomy_id     469008 
_entity_src_gen.host_org_genus                     Escherichia 
_entity_src_gen.pdbx_host_org_gene                 ? 
_entity_src_gen.pdbx_host_org_organ                ? 
_entity_src_gen.host_org_species                   'Escherichia coli' 
_entity_src_gen.pdbx_host_org_tissue               ? 
_entity_src_gen.pdbx_host_org_tissue_fraction      ? 
_entity_src_gen.pdbx_host_org_strain               'BL21(DE3)' 
_entity_src_gen.pdbx_host_org_variant              ? 
_entity_src_gen.pdbx_host_org_cell_line            ? 
_entity_src_gen.pdbx_host_org_atcc                 ? 
_entity_src_gen.pdbx_host_org_culture_collection   ? 
_entity_src_gen.pdbx_host_org_cell                 ? 
_entity_src_gen.pdbx_host_org_organelle            ? 
_entity_src_gen.pdbx_host_org_cellular_location    ? 
_entity_src_gen.pdbx_host_org_vector_type          PLASMID 
_entity_src_gen.pdbx_host_org_vector               ? 
_entity_src_gen.host_org_details                   ? 
_entity_src_gen.expression_system_id               ? 
_entity_src_gen.plasmid_name                       pET46LIC/EK 
_entity_src_gen.plasmid_details                    ? 
_entity_src_gen.pdbx_description                   ? 
# 
loop_
_chem_comp.id 
_chem_comp.type 
_chem_comp.mon_nstd_flag 
_chem_comp.name 
_chem_comp.pdbx_synonyms 
_chem_comp.formula 
_chem_comp.formula_weight 
ALA 'L-peptide linking' y ALANINE         ? 'C3 H7 N O2'     89.093  
ARG 'L-peptide linking' y ARGININE        ? 'C6 H15 N4 O2 1' 175.209 
ASN 'L-peptide linking' y ASPARAGINE      ? 'C4 H8 N2 O3'    132.118 
ASP 'L-peptide linking' y 'ASPARTIC ACID' ? 'C4 H7 N O4'     133.103 
CYS 'L-peptide linking' y CYSTEINE        ? 'C3 H7 N O2 S'   121.158 
GLN 'L-peptide linking' y GLUTAMINE       ? 'C5 H10 N2 O3'   146.144 
GLU 'L-peptide linking' y 'GLUTAMIC ACID' ? 'C5 H9 N O4'     147.129 
GLY 'peptide linking'   y GLYCINE         ? 'C2 H5 N O2'     75.067  
HIS 'L-peptide linking' y HISTIDINE       ? 'C6 H10 N3 O2 1' 156.162 
HOH non-polymer         . WATER           ? 'H2 O'           18.015  
ILE 'L-peptide linking' y ISOLEUCINE      ? 'C6 H13 N O2'    131.173 
LEU 'L-peptide linking' y LEUCINE         ? 'C6 H13 N O2'    131.173 
LYS 'L-peptide linking' y LYSINE          ? 'C6 H15 N2 O2 1' 147.195 
MET 'L-peptide linking' y METHIONINE      ? 'C5 H11 N O2 S'  149.211 
PHE 'L-peptide linking' y PHENYLALANINE   ? 'C9 H11 N O2'    165.189 
PRO 'L-peptide linking' y PROLINE         ? 'C5 H9 N O2'     115.130 
SER 'L-peptide linking' y SERINE          ? 'C3 H7 N O3'     105.093 
THR 'L-peptide linking' y THREONINE       ? 'C4 H9 N O3'     119.119 
TYR 'L-peptide linking' y TYROSINE        ? 'C9 H11 N O3'    181.189 
VAL 'L-peptide linking' y VALINE          ? 'C5 H11 N O2'    117.146 
# 
loop_
_pdbx_poly_seq_scheme.asym_id 
_pdbx_poly_seq_scheme.entity_id 
_pdbx_poly_seq_scheme.seq_id 
_pdbx_poly_seq_scheme.mon_id 
_pdbx_poly_seq_scheme.ndb_seq_num 
_pdbx_poly_seq_scheme.pdb_seq_num 
_pdbx_poly_seq_scheme.auth_seq_num 
_pdbx_poly_seq_scheme.pdb_mon_id 
_pdbx_poly_seq_scheme.auth_mon_id 
_pdbx_poly_seq_scheme.pdb_strand_id 
_pdbx_poly_seq_scheme.pdb_ins_code 
_pdbx_poly_seq_scheme.hetero 
A 1 1   MET 1   1447 ?    ?   ?   A . n 
A 1 2   ALA 2   1448 ?    ?   ?   A . n 
A 1 3   GLU 3   1449 1449 GLU GLU A . n 
A 1 4   LYS 4   1450 1450 LYS LYS A . n 
A 1 5   LEU 5   1451 1451 LEU LEU A . n 
A 1 6   SER 6   1452 1452 SER SER A . n 
A 1 7   PRO 7   1453 1453 PRO PRO A . n 
A 1 8   ASN 8   1454 1454 ASN ASN A . n 
A 1 9   PRO 9   1455 1455 PRO PRO A . n 
A 1 10  PRO 10  1456 1456 PRO PRO A . n 
A 1 11  ASN 11  1457 1457 ASN ASN A . n 
A 1 12  LEU 12  1458 1458 LEU LEU A . n 
A 1 13  THR 13  1459 1459 THR THR A . n 
A 1 14  LYS 14  1460 1460 LYS LYS A . n 
A 1 15  LYS 15  1461 1461 LYS LYS A . n 
A 1 16  MET 16  1462 1462 MET MET A . n 
A 1 17  LYS 17  1463 1463 LYS LYS A . n 
A 1 18  LYS 18  1464 1464 LYS LYS A . n 
A 1 19  ILE 19  1465 1465 ILE ILE A . n 
A 1 20  VAL 20  1466 1466 VAL VAL A . n 
A 1 21  ASP 21  1467 1467 ASP ASP A . n 
A 1 22  ALA 22  1468 1468 ALA ALA A . n 
A 1 23  VAL 23  1469 1469 VAL VAL A . n 
A 1 24  ILE 24  1470 1470 ILE ILE A . n 
A 1 25  LYS 25  1471 1471 LYS LYS A . n 
A 1 26  TYR 26  1472 1472 TYR TYR A . n 
A 1 27  LYS 27  1473 1473 LYS LYS A . n 
A 1 28  ASP 28  1474 1474 ASP ASP A . n 
A 1 29  SER 29  1475 1475 SER SER A . n 
A 1 30  SER 30  1476 1476 SER SER A . n 
A 1 31  SER 31  1477 1477 SER SER A . n 
A 1 32  GLY 32  1478 1478 GLY GLY A . n 
A 1 33  ARG 33  1479 1479 ARG ARG A . n 
A 1 34  GLN 34  1480 1480 GLN GLN A . n 
A 1 35  LEU 35  1481 1481 LEU LEU A . n 
A 1 36  SER 36  1482 1482 SER SER A . n 
A 1 37  GLU 37  1483 1483 GLU GLU A . n 
A 1 38  VAL 38  1484 1484 VAL VAL A . n 
A 1 39  PHE 39  1485 1485 PHE PHE A . n 
A 1 40  ILE 40  1486 1486 ILE ILE A . n 
A 1 41  GLN 41  1487 1487 GLN GLN A . n 
A 1 42  LEU 42  1488 1488 LEU LEU A . n 
A 1 43  PRO 43  1489 1489 PRO PRO A . n 
A 1 44  SER 44  1490 1490 SER SER A . n 
A 1 45  ARG 45  1491 1491 ARG ARG A . n 
A 1 46  LYS 46  1492 1492 LYS LYS A . n 
A 1 47  GLU 47  1493 1493 GLU GLU A . n 
A 1 48  LEU 48  1494 1494 LEU LEU A . n 
A 1 49  PRO 49  1495 1495 PRO PRO A . n 
A 1 50  GLU 50  1496 1496 GLU GLU A . n 
A 1 51  TYR 51  1497 1497 TYR TYR A . n 
A 1 52  TYR 52  1498 1498 TYR TYR A . n 
A 1 53  GLU 53  1499 1499 GLU GLU A . n 
A 1 54  LEU 54  1500 1500 LEU LEU A . n 
A 1 55  ILE 55  1501 1501 ILE ILE A . n 
A 1 56  ARG 56  1502 1502 ARG ARG A . n 
A 1 57  LYS 57  1503 1503 LYS LYS A . n 
A 1 58  PRO 58  1504 1504 PRO PRO A . n 
A 1 59  VAL 59  1505 1505 VAL VAL A . n 
A 1 60  ASP 60  1506 1506 ASP ASP A . n 
A 1 61  PHE 61  1507 1507 PHE PHE A . n 
A 1 62  LYS 62  1508 1508 LYS LYS A . n 
A 1 63  LYS 63  1509 1509 LYS LYS A . n 
A 1 64  ILE 64  1510 1510 ILE ILE A . n 
A 1 65  LYS 65  1511 1511 LYS LYS A . n 
A 1 66  GLU 66  1512 1512 GLU GLU A . n 
A 1 67  ARG 67  1513 1513 ARG ARG A . n 
A 1 68  ILE 68  1514 1514 ILE ILE A . n 
A 1 69  ARG 69  1515 1515 ARG ARG A . n 
A 1 70  ASN 70  1516 1516 ASN ASN A . n 
A 1 71  HIS 71  1517 1517 HIS HIS A . n 
A 1 72  LYS 72  1518 1518 LYS LYS A . n 
A 1 73  TYR 73  1519 1519 TYR TYR A . n 
A 1 74  ARG 74  1520 1520 ARG ARG A . n 
A 1 75  SER 75  1521 1521 SER SER A . n 
A 1 76  LEU 76  1522 1522 LEU LEU A . n 
A 1 77  ASN 77  1523 1523 ASN ASN A . n 
A 1 78  ASP 78  1524 1524 ASP ASP A . n 
A 1 79  LEU 79  1525 1525 LEU LEU A . n 
A 1 80  GLU 80  1526 1526 GLU GLU A . n 
A 1 81  LYS 81  1527 1527 LYS LYS A . n 
A 1 82  ASP 82  1528 1528 ASP ASP A . n 
A 1 83  VAL 83  1529 1529 VAL VAL A . n 
A 1 84  MET 84  1530 1530 MET MET A . n 
A 1 85  LEU 85  1531 1531 LEU LEU A . n 
A 1 86  LEU 86  1532 1532 LEU LEU A . n 
A 1 87  CYS 87  1533 1533 CYS CYS A . n 
A 1 88  GLN 88  1534 1534 GLN GLN A . n 
A 1 89  ASN 89  1535 1535 ASN ASN A . n 
A 1 90  ALA 90  1536 1536 ALA ALA A . n 
A 1 91  GLN 91  1537 1537 GLN GLN A . n 
A 1 92  THR 92  1538 1538 THR THR A . n 
A 1 93  PHE 93  1539 1539 PHE PHE A . n 
A 1 94  ASN 94  1540 1540 ASN ASN A . n 
A 1 95  LEU 95  1541 1541 LEU LEU A . n 
A 1 96  GLU 96  1542 1542 GLU GLU A . n 
A 1 97  GLY 97  1543 1543 GLY GLY A . n 
A 1 98  SER 98  1544 1544 SER SER A . n 
A 1 99  LEU 99  1545 1545 LEU LEU A . n 
A 1 100 ILE 100 1546 1546 ILE ILE A . n 
A 1 101 TYR 101 1547 1547 TYR TYR A . n 
A 1 102 GLU 102 1548 1548 GLU GLU A . n 
A 1 103 ASP 103 1549 1549 ASP ASP A . n 
A 1 104 SER 104 1550 1550 SER SER A . n 
A 1 105 ILE 105 1551 1551 ILE ILE A . n 
A 1 106 VAL 106 1552 1552 VAL VAL A . n 
A 1 107 LEU 107 1553 1553 LEU LEU A . n 
A 1 108 GLN 108 1554 1554 GLN GLN A . n 
A 1 109 SER 109 1555 1555 SER SER A . n 
A 1 110 VAL 110 1556 1556 VAL VAL A . n 
A 1 111 PHE 111 1557 1557 PHE PHE A . n 
A 1 112 THR 112 1558 1558 THR THR A . n 
A 1 113 SER 113 1559 1559 SER SER A . n 
A 1 114 VAL 114 1560 1560 VAL VAL A . n 
A 1 115 ARG 115 1561 1561 ARG ARG A . n 
A 1 116 GLN 116 1562 1562 GLN GLN A . n 
A 1 117 LYS 117 1563 1563 LYS LYS A . n 
A 1 118 ILE 118 1564 1564 ILE ILE A . n 
A 1 119 GLU 119 1565 1565 GLU GLU A . n 
A 1 120 LYS 120 1566 1566 LYS LYS A . n 
A 1 121 GLU 121 1567 1567 GLU GLU A . n 
A 1 122 ASP 122 1568 1568 ASP ASP A . n 
A 1 123 ASP 123 1569 1569 ASP ASP A . n 
A 1 124 SER 124 1570 ?    ?   ?   A . n 
A 1 125 GLU 125 1571 ?    ?   ?   A . n 
A 1 126 GLY 126 1572 ?    ?   ?   A . n 
A 1 127 GLU 127 1573 ?    ?   ?   A . n 
A 1 128 GLU 128 1574 ?    ?   ?   A . n 
A 1 129 SER 129 1575 ?    ?   ?   A . n 
# 
loop_
_pdbx_nonpoly_scheme.asym_id 
_pdbx_nonpoly_scheme.entity_id 
_pdbx_nonpoly_scheme.mon_id 
_pdbx_nonpoly_scheme.ndb_seq_num 
_pdbx_nonpoly_scheme.pdb_seq_num 
_pdbx_nonpoly_scheme.auth_seq_num 
_pdbx_nonpoly_scheme.pdb_mon_id 
_pdbx_nonpoly_scheme.auth_mon_id 
_pdbx_nonpoly_scheme.pdb_strand_id 
_pdbx_nonpoly_scheme.pdb_ins_code 
B 2 HOH 1   1   1   HOH HOH A . 
B 2 HOH 2   2   2   HOH HOH A . 
B 2 HOH 3   3   3   HOH HOH A . 
B 2 HOH 4   4   4   HOH HOH A . 
B 2 HOH 5   5   5   HOH HOH A . 
B 2 HOH 6   6   6   HOH HOH A . 
B 2 HOH 7   7   7   HOH HOH A . 
B 2 HOH 8   8   8   HOH HOH A . 
B 2 HOH 9   9   9   HOH HOH A . 
B 2 HOH 10  10  10  HOH HOH A . 
B 2 HOH 11  11  11  HOH HOH A . 
B 2 HOH 12  12  12  HOH HOH A . 
B 2 HOH 13  13  13  HOH HOH A . 
B 2 HOH 14  14  14  HOH HOH A . 
B 2 HOH 15  15  15  HOH HOH A . 
B 2 HOH 16  16  16  HOH HOH A . 
B 2 HOH 17  17  17  HOH HOH A . 
B 2 HOH 18  18  18  HOH HOH A . 
B 2 HOH 19  19  19  HOH HOH A . 
B 2 HOH 20  20  20  HOH HOH A . 
B 2 HOH 21  21  21  HOH HOH A . 
B 2 HOH 22  22  22  HOH HOH A . 
B 2 HOH 23  23  23  HOH HOH A . 
B 2 HOH 24  24  24  HOH HOH A . 
B 2 HOH 25  25  25  HOH HOH A . 
B 2 HOH 26  26  26  HOH HOH A . 
B 2 HOH 27  27  27  HOH HOH A . 
B 2 HOH 28  28  28  HOH HOH A . 
B 2 HOH 29  29  29  HOH HOH A . 
B 2 HOH 30  30  30  HOH HOH A . 
B 2 HOH 31  31  31  HOH HOH A . 
B 2 HOH 32  32  32  HOH HOH A . 
B 2 HOH 33  33  33  HOH HOH A . 
B 2 HOH 34  34  34  HOH HOH A . 
B 2 HOH 35  35  35  HOH HOH A . 
B 2 HOH 36  36  36  HOH HOH A . 
B 2 HOH 37  37  37  HOH HOH A . 
B 2 HOH 38  38  38  HOH HOH A . 
B 2 HOH 39  39  39  HOH HOH A . 
B 2 HOH 40  40  40  HOH HOH A . 
B 2 HOH 41  41  41  HOH HOH A . 
B 2 HOH 42  42  42  HOH HOH A . 
B 2 HOH 43  43  43  HOH HOH A . 
B 2 HOH 44  44  44  HOH HOH A . 
B 2 HOH 45  45  45  HOH HOH A . 
B 2 HOH 46  46  46  HOH HOH A . 
B 2 HOH 47  47  47  HOH HOH A . 
B 2 HOH 48  48  48  HOH HOH A . 
B 2 HOH 49  49  49  HOH HOH A . 
B 2 HOH 50  50  50  HOH HOH A . 
B 2 HOH 51  51  51  HOH HOH A . 
B 2 HOH 52  52  52  HOH HOH A . 
B 2 HOH 53  53  53  HOH HOH A . 
B 2 HOH 54  54  54  HOH HOH A . 
B 2 HOH 55  55  55  HOH HOH A . 
B 2 HOH 56  56  56  HOH HOH A . 
B 2 HOH 57  57  57  HOH HOH A . 
B 2 HOH 58  58  58  HOH HOH A . 
B 2 HOH 59  59  59  HOH HOH A . 
B 2 HOH 60  60  60  HOH HOH A . 
B 2 HOH 61  61  61  HOH HOH A . 
B 2 HOH 62  62  62  HOH HOH A . 
B 2 HOH 63  63  63  HOH HOH A . 
B 2 HOH 64  64  64  HOH HOH A . 
B 2 HOH 65  65  65  HOH HOH A . 
B 2 HOH 66  66  66  HOH HOH A . 
B 2 HOH 67  67  67  HOH HOH A . 
B 2 HOH 68  68  68  HOH HOH A . 
B 2 HOH 69  69  69  HOH HOH A . 
B 2 HOH 70  70  70  HOH HOH A . 
B 2 HOH 71  71  71  HOH HOH A . 
B 2 HOH 72  72  72  HOH HOH A . 
B 2 HOH 73  73  73  HOH HOH A . 
B 2 HOH 74  74  74  HOH HOH A . 
B 2 HOH 75  75  75  HOH HOH A . 
B 2 HOH 76  76  76  HOH HOH A . 
B 2 HOH 77  77  77  HOH HOH A . 
B 2 HOH 78  78  78  HOH HOH A . 
B 2 HOH 79  79  79  HOH HOH A . 
B 2 HOH 80  80  80  HOH HOH A . 
B 2 HOH 81  81  81  HOH HOH A . 
B 2 HOH 82  82  82  HOH HOH A . 
B 2 HOH 83  83  83  HOH HOH A . 
B 2 HOH 84  84  84  HOH HOH A . 
B 2 HOH 85  85  85  HOH HOH A . 
B 2 HOH 86  86  86  HOH HOH A . 
B 2 HOH 87  87  87  HOH HOH A . 
B 2 HOH 88  88  88  HOH HOH A . 
B 2 HOH 89  89  89  HOH HOH A . 
B 2 HOH 90  90  90  HOH HOH A . 
B 2 HOH 91  91  91  HOH HOH A . 
B 2 HOH 92  92  92  HOH HOH A . 
B 2 HOH 93  93  93  HOH HOH A . 
B 2 HOH 94  94  94  HOH HOH A . 
B 2 HOH 95  95  95  HOH HOH A . 
B 2 HOH 96  96  96  HOH HOH A . 
B 2 HOH 97  97  97  HOH HOH A . 
B 2 HOH 98  98  98  HOH HOH A . 
B 2 HOH 99  99  99  HOH HOH A . 
B 2 HOH 100 100 100 HOH HOH A . 
B 2 HOH 101 101 101 HOH HOH A . 
B 2 HOH 102 102 102 HOH HOH A . 
B 2 HOH 103 103 103 HOH HOH A . 
B 2 HOH 104 104 104 HOH HOH A . 
B 2 HOH 105 105 105 HOH HOH A . 
B 2 HOH 106 106 106 HOH HOH A . 
B 2 HOH 107 107 107 HOH HOH A . 
B 2 HOH 108 108 108 HOH HOH A . 
B 2 HOH 109 109 109 HOH HOH A . 
B 2 HOH 110 110 110 HOH HOH A . 
B 2 HOH 111 111 111 HOH HOH A . 
B 2 HOH 112 112 112 HOH HOH A . 
B 2 HOH 113 113 113 HOH HOH A . 
B 2 HOH 114 114 114 HOH HOH A . 
B 2 HOH 115 115 115 HOH HOH A . 
B 2 HOH 116 116 116 HOH HOH A . 
B 2 HOH 117 117 117 HOH HOH A . 
B 2 HOH 118 118 118 HOH HOH A . 
B 2 HOH 119 119 119 HOH HOH A . 
B 2 HOH 120 120 120 HOH HOH A . 
B 2 HOH 121 121 121 HOH HOH A . 
B 2 HOH 122 122 122 HOH HOH A . 
B 2 HOH 123 123 123 HOH HOH A . 
B 2 HOH 124 124 124 HOH HOH A . 
B 2 HOH 125 125 125 HOH HOH A . 
B 2 HOH 126 126 126 HOH HOH A . 
B 2 HOH 127 127 127 HOH HOH A . 
B 2 HOH 128 128 128 HOH HOH A . 
B 2 HOH 129 129 129 HOH HOH A . 
B 2 HOH 130 130 130 HOH HOH A . 
B 2 HOH 131 131 131 HOH HOH A . 
B 2 HOH 132 132 132 HOH HOH A . 
B 2 HOH 133 133 133 HOH HOH A . 
B 2 HOH 134 134 134 HOH HOH A . 
B 2 HOH 135 135 135 HOH HOH A . 
B 2 HOH 136 136 136 HOH HOH A . 
B 2 HOH 137 137 137 HOH HOH A . 
B 2 HOH 138 138 138 HOH HOH A . 
B 2 HOH 139 139 139 HOH HOH A . 
B 2 HOH 140 140 140 HOH HOH A . 
B 2 HOH 141 141 141 HOH HOH A . 
B 2 HOH 142 142 142 HOH HOH A . 
B 2 HOH 143 143 143 HOH HOH A . 
B 2 HOH 144 144 144 HOH HOH A . 
B 2 HOH 145 145 145 HOH HOH A . 
B 2 HOH 146 146 146 HOH HOH A . 
B 2 HOH 147 147 147 HOH HOH A . 
B 2 HOH 148 148 148 HOH HOH A . 
B 2 HOH 149 149 149 HOH HOH A . 
B 2 HOH 150 150 150 HOH HOH A . 
B 2 HOH 151 151 151 HOH HOH A . 
B 2 HOH 152 152 152 HOH HOH A . 
B 2 HOH 153 153 153 HOH HOH A . 
B 2 HOH 154 154 154 HOH HOH A . 
B 2 HOH 155 155 155 HOH HOH A . 
B 2 HOH 156 156 156 HOH HOH A . 
B 2 HOH 157 157 157 HOH HOH A . 
B 2 HOH 158 158 158 HOH HOH A . 
B 2 HOH 159 159 159 HOH HOH A . 
B 2 HOH 160 160 160 HOH HOH A . 
B 2 HOH 161 161 161 HOH HOH A . 
B 2 HOH 162 162 162 HOH HOH A . 
B 2 HOH 163 163 163 HOH HOH A . 
B 2 HOH 164 164 164 HOH HOH A . 
B 2 HOH 165 165 165 HOH HOH A . 
# 
loop_
_pdbx_unobs_or_zero_occ_atoms.id 
_pdbx_unobs_or_zero_occ_atoms.PDB_model_num 
_pdbx_unobs_or_zero_occ_atoms.polymer_flag 
_pdbx_unobs_or_zero_occ_atoms.occupancy_flag 
_pdbx_unobs_or_zero_occ_atoms.auth_asym_id 
_pdbx_unobs_or_zero_occ_atoms.auth_comp_id 
_pdbx_unobs_or_zero_occ_atoms.auth_seq_id 
_pdbx_unobs_or_zero_occ_atoms.PDB_ins_code 
_pdbx_unobs_or_zero_occ_atoms.auth_atom_id 
_pdbx_unobs_or_zero_occ_atoms.label_alt_id 
_pdbx_unobs_or_zero_occ_atoms.label_asym_id 
_pdbx_unobs_or_zero_occ_atoms.label_comp_id 
_pdbx_unobs_or_zero_occ_atoms.label_seq_id 
_pdbx_unobs_or_zero_occ_atoms.label_atom_id 
1  1 Y 1 A LEU 1500 ? CG  ? A LEU 54  CG  
2  1 Y 1 A LEU 1500 ? CD1 ? A LEU 54  CD1 
3  1 Y 1 A LEU 1500 ? CD2 ? A LEU 54  CD2 
4  1 Y 1 A ARG 1502 ? CG  ? A ARG 56  CG  
5  1 Y 1 A ARG 1502 ? CD  ? A ARG 56  CD  
6  1 Y 1 A ARG 1502 ? NE  ? A ARG 56  NE  
7  1 Y 1 A ARG 1502 ? CZ  ? A ARG 56  CZ  
8  1 Y 1 A ARG 1502 ? NH1 ? A ARG 56  NH1 
9  1 Y 1 A ARG 1502 ? NH2 ? A ARG 56  NH2 
10 1 Y 1 A LYS 1508 ? CE  ? A LYS 62  CE  
11 1 Y 1 A LYS 1508 ? NZ  ? A LYS 62  NZ  
12 1 Y 1 A ARG 1515 ? CD  ? A ARG 69  CD  
13 1 Y 1 A ARG 1515 ? NE  ? A ARG 69  NE  
14 1 Y 1 A ARG 1515 ? CZ  ? A ARG 69  CZ  
15 1 Y 1 A ARG 1515 ? NH1 ? A ARG 69  NH1 
16 1 Y 1 A ARG 1515 ? NH2 ? A ARG 69  NH2 
17 1 Y 1 A LYS 1563 ? CD  ? A LYS 117 CD  
18 1 Y 1 A LYS 1563 ? CE  ? A LYS 117 CE  
19 1 Y 1 A LYS 1563 ? NZ  ? A LYS 117 NZ  
# 
loop_
_software.name 
_software.classification 
_software.version 
_software.citation_id 
_software.pdbx_ordinal 
REFMAC refinement        5.2.0005  ? 1 
MAR345 'data collection' .         ? 2 
CCP4   'data scaling'    '(SCALA)' ? 3 
SHELXS phasing           .         ? 4 
# 
_cell.entry_id           2GRC 
_cell.length_a           29.860 
_cell.length_b           30.330 
_cell.length_c           66.820 
_cell.angle_alpha        90.00 
_cell.angle_beta         90.28 
_cell.angle_gamma        90.00 
_cell.Z_PDB              2 
_cell.pdbx_unique_axis   ? 
_cell.length_a_esd       ? 
_cell.length_b_esd       ? 
_cell.length_c_esd       ? 
_cell.angle_alpha_esd    ? 
_cell.angle_beta_esd     ? 
_cell.angle_gamma_esd    ? 
# 
_symmetry.entry_id                         2GRC 
_symmetry.space_group_name_H-M             'P 1 21 1' 
_symmetry.pdbx_full_space_group_name_H-M   ? 
_symmetry.cell_setting                     ? 
_symmetry.Int_Tables_number                4 
_symmetry.space_group_name_Hall            ? 
# 
_exptl.entry_id          2GRC 
_exptl.method            'X-RAY DIFFRACTION' 
_exptl.crystals_number   2 
# 
_exptl_crystal.id                    1 
_exptl_crystal.density_meas          ? 
_exptl_crystal.density_Matthews      2.00 
_exptl_crystal.density_percent_sol   38.63 
_exptl_crystal.description           ? 
_exptl_crystal.F_000                 ? 
_exptl_crystal.preparation           ? 
# 
_exptl_crystal_grow.crystal_id      1 
_exptl_crystal_grow.method          'VAPOR DIFFUSION' 
_exptl_crystal_grow.temp            298.0 
_exptl_crystal_grow.temp_details    ? 
_exptl_crystal_grow.pH              8.5 
_exptl_crystal_grow.pdbx_details    '0.1 M Tris, 25% w/v PEG 3350, pH 8.5, VAPOR DIFFUSION, temperature 298.0K' 
_exptl_crystal_grow.pdbx_pH_range   . 
# 
_diffrn.id                     1 
_diffrn.ambient_temp           298.0 
_diffrn.ambient_temp_details   ? 
_diffrn.crystal_id             1 
# 
_diffrn_detector.diffrn_id              1 
_diffrn_detector.detector               CCD 
_diffrn_detector.type                   MARRESEARCH 
_diffrn_detector.pdbx_collection_date   2005-11-08 
_diffrn_detector.details                ? 
# 
_diffrn_radiation.diffrn_id                        1 
_diffrn_radiation.wavelength_id                    1 
_diffrn_radiation.pdbx_monochromatic_or_laue_m_l   M 
_diffrn_radiation.monochromator                    'DESY BW6' 
_diffrn_radiation.pdbx_diffrn_protocol             MAD 
_diffrn_radiation.pdbx_scattering_type             x-ray 
# 
loop_
_diffrn_radiation_wavelength.id 
_diffrn_radiation_wavelength.wavelength 
_diffrn_radiation_wavelength.wt 
1 1.05   1.0 
2 0.9793 1.0 
3 0.9796 1.0 
4 0.9770 1.0 
# 
_diffrn_source.diffrn_id                   1 
_diffrn_source.source                      SYNCHROTRON 
_diffrn_source.type                        'MPG/DESY, HAMBURG BEAMLINE BW6' 
_diffrn_source.pdbx_synchrotron_site       'MPG/DESY, HAMBURG' 
_diffrn_source.pdbx_synchrotron_beamline   BW6 
_diffrn_source.pdbx_wavelength             ? 
_diffrn_source.pdbx_wavelength_list        '1.05, 0.9793, 0.9796, 0.9770' 
# 
_reflns.entry_id                     2GRC 
_reflns.observed_criterion_sigma_I   ? 
_reflns.observed_criterion_sigma_F   ? 
_reflns.d_resolution_low             27.62 
_reflns.d_resolution_high            1.5 
_reflns.number_obs                   18402 
_reflns.number_all                   ? 
_reflns.percent_possible_obs         ? 
_reflns.pdbx_Rmerge_I_obs            ? 
_reflns.pdbx_Rsym_value              ? 
_reflns.pdbx_netI_over_sigmaI        ? 
_reflns.B_iso_Wilson_estimate        ? 
_reflns.pdbx_redundancy              ? 
_reflns.R_free_details               ? 
_reflns.limit_h_max                  ? 
_reflns.limit_h_min                  ? 
_reflns.limit_k_max                  ? 
_reflns.limit_k_min                  ? 
_reflns.limit_l_max                  ? 
_reflns.limit_l_min                  ? 
_reflns.observed_criterion_F_max     ? 
_reflns.observed_criterion_F_min     ? 
_reflns.pdbx_chi_squared             ? 
_reflns.pdbx_scaling_rejects         ? 
_reflns.pdbx_diffrn_id               1 
_reflns.pdbx_ordinal                 1 
# 
_reflns_shell.d_res_high             1.5 
_reflns_shell.d_res_low              1.539 
_reflns_shell.percent_possible_all   99.1 
_reflns_shell.Rmerge_I_obs           ? 
_reflns_shell.pdbx_Rsym_value        ? 
_reflns_shell.meanI_over_sigI_obs    ? 
_reflns_shell.pdbx_redundancy        ? 
_reflns_shell.percent_possible_obs   ? 
_reflns_shell.number_unique_all      ? 
_reflns_shell.number_measured_all    ? 
_reflns_shell.number_measured_obs    ? 
_reflns_shell.number_unique_obs      ? 
_reflns_shell.pdbx_chi_squared       ? 
_reflns_shell.pdbx_diffrn_id         ? 
_reflns_shell.pdbx_ordinal           1 
# 
_refine.entry_id                                 2GRC 
_refine.ls_number_reflns_obs                     18402 
_refine.ls_number_reflns_all                     ? 
_refine.pdbx_ls_sigma_I                          ? 
_refine.pdbx_ls_sigma_F                          ? 
_refine.pdbx_data_cutoff_high_absF               ? 
_refine.pdbx_data_cutoff_low_absF                ? 
_refine.pdbx_data_cutoff_high_rms_absF           ? 
_refine.ls_d_res_low                             27.62 
_refine.ls_d_res_high                            1.50 
_refine.ls_percent_reflns_obs                    99.62 
_refine.ls_R_factor_obs                          0.24333 
_refine.ls_R_factor_all                          0.25 
_refine.ls_R_factor_R_work                       0.24217 
_refine.ls_R_factor_R_free                       0.26399 
_refine.ls_R_factor_R_free_error                 ? 
_refine.ls_R_factor_R_free_error_details         ? 
_refine.ls_percent_reflns_R_free                 5.1 
_refine.ls_number_reflns_R_free                  987 
_refine.ls_number_parameters                     ? 
_refine.ls_number_restraints                     ? 
_refine.occupancy_min                            ? 
_refine.occupancy_max                            ? 
_refine.correlation_coeff_Fo_to_Fc               0.932 
_refine.correlation_coeff_Fo_to_Fc_free          0.926 
_refine.B_iso_mean                               17.940 
_refine.aniso_B[1][1]                            -0.59 
_refine.aniso_B[2][2]                            0.24 
_refine.aniso_B[3][3]                            0.35 
_refine.aniso_B[1][2]                            0.00 
_refine.aniso_B[1][3]                            0.22 
_refine.aniso_B[2][3]                            0.00 
_refine.solvent_model_details                    MASK 
_refine.solvent_model_param_ksol                 ? 
_refine.solvent_model_param_bsol                 ? 
_refine.pdbx_solvent_vdw_probe_radii             1.20 
_refine.pdbx_solvent_ion_probe_radii             0.80 
_refine.pdbx_solvent_shrinkage_radii             0.80 
_refine.pdbx_ls_cross_valid_method               THROUGHOUT 
_refine.details                                  'HYDROGENS HAVE BEEN ADDED IN THE RIDING POSITIONS' 
_refine.pdbx_starting_model                      ? 
_refine.pdbx_method_to_determine_struct          MAD 
_refine.pdbx_isotropic_thermal_model             ? 
_refine.pdbx_stereochemistry_target_values       'MAXIMUM LIKELIHOOD' 
_refine.pdbx_stereochem_target_val_spec_case     ? 
_refine.pdbx_R_Free_selection_details            RANDOM 
_refine.pdbx_overall_ESU_R                       0.107 
_refine.pdbx_overall_ESU_R_Free                  0.101 
_refine.overall_SU_ML                            0.074 
_refine.overall_SU_B                             1.901 
_refine.ls_redundancy_reflns_obs                 ? 
_refine.B_iso_min                                ? 
_refine.B_iso_max                                ? 
_refine.overall_SU_R_Cruickshank_DPI             ? 
_refine.overall_SU_R_free                        ? 
_refine.ls_wR_factor_R_free                      ? 
_refine.ls_wR_factor_R_work                      ? 
_refine.overall_FOM_free_R_set                   ? 
_refine.overall_FOM_work_R_set                   ? 
_refine.pdbx_refine_id                           'X-RAY DIFFRACTION' 
_refine.pdbx_overall_phase_error                 ? 
_refine.pdbx_diffrn_id                           1 
_refine.pdbx_TLS_residual_ADP_flag               ? 
_refine.pdbx_overall_SU_R_free_Cruickshank_DPI   ? 
_refine.pdbx_overall_SU_R_Blow_DPI               ? 
_refine.pdbx_overall_SU_R_free_Blow_DPI          ? 
# 
_refine_hist.pdbx_refine_id                   'X-RAY DIFFRACTION' 
_refine_hist.cycle_id                         LAST 
_refine_hist.pdbx_number_atoms_protein        982 
_refine_hist.pdbx_number_atoms_nucleic_acid   0 
_refine_hist.pdbx_number_atoms_ligand         0 
_refine_hist.number_atoms_solvent             165 
_refine_hist.number_atoms_total               1147 
_refine_hist.d_res_high                       1.50 
_refine_hist.d_res_low                        27.62 
# 
loop_
_refine_ls_restr.type 
_refine_ls_restr.dev_ideal 
_refine_ls_restr.dev_ideal_target 
_refine_ls_restr.weight 
_refine_ls_restr.number 
_refine_ls_restr.pdbx_refine_id 
_refine_ls_restr.pdbx_restraint_function 
r_bond_refined_d         0.012  0.022  ? 997  'X-RAY DIFFRACTION' ? 
r_angle_refined_deg      1.372  1.997  ? 1340 'X-RAY DIFFRACTION' ? 
r_dihedral_angle_1_deg   5.199  5.000  ? 120  'X-RAY DIFFRACTION' ? 
r_dihedral_angle_2_deg   33.497 25.652 ? 46   'X-RAY DIFFRACTION' ? 
r_dihedral_angle_3_deg   15.638 15.000 ? 204  'X-RAY DIFFRACTION' ? 
r_dihedral_angle_4_deg   21.548 15.000 ? 5    'X-RAY DIFFRACTION' ? 
r_chiral_restr           0.087  0.200  ? 151  'X-RAY DIFFRACTION' ? 
r_gen_planes_refined     0.005  0.020  ? 727  'X-RAY DIFFRACTION' ? 
r_nbd_refined            0.225  0.200  ? 546  'X-RAY DIFFRACTION' ? 
r_nbtor_refined          0.311  0.200  ? 687  'X-RAY DIFFRACTION' ? 
r_xyhbond_nbd_refined    0.140  0.200  ? 127  'X-RAY DIFFRACTION' ? 
r_symmetry_vdw_refined   0.232  0.200  ? 26   'X-RAY DIFFRACTION' ? 
r_symmetry_hbond_refined 0.151  0.200  ? 22   'X-RAY DIFFRACTION' ? 
r_mcbond_it              1.066  1.500  ? 627  'X-RAY DIFFRACTION' ? 
r_mcangle_it             1.529  2.000  ? 993  'X-RAY DIFFRACTION' ? 
r_scbond_it              2.354  3.000  ? 411  'X-RAY DIFFRACTION' ? 
r_scangle_it             3.500  4.500  ? 347  'X-RAY DIFFRACTION' ? 
# 
_refine_ls_shell.pdbx_total_number_of_bins_used   20 
_refine_ls_shell.d_res_high                       1.500 
_refine_ls_shell.d_res_low                        1.539 
_refine_ls_shell.number_reflns_R_work             1332 
_refine_ls_shell.R_factor_R_work                  0.298 
_refine_ls_shell.percent_reflns_obs               99.93 
_refine_ls_shell.R_factor_R_free                  0.352 
_refine_ls_shell.R_factor_R_free_error            ? 
_refine_ls_shell.percent_reflns_R_free            ? 
_refine_ls_shell.number_reflns_R_free             73 
_refine_ls_shell.number_reflns_all                ? 
_refine_ls_shell.R_factor_all                     ? 
_refine_ls_shell.number_reflns_obs                ? 
_refine_ls_shell.redundancy_reflns_obs            ? 
_refine_ls_shell.pdbx_refine_id                   'X-RAY DIFFRACTION' 
# 
_struct.entry_id                  2GRC 
_struct.title                     
'1.5 A structure of bromodomain from human BRG1 protein, a central ATPase of SWI/SNF remodeling complex' 
_struct.pdbx_model_details        ? 
_struct.pdbx_CASP_flag            ? 
_struct.pdbx_model_type_details   ? 
# 
_struct_keywords.entry_id        2GRC 
_struct_keywords.pdbx_keywords   HYDROLASE 
_struct_keywords.text            
'Bromodomain, BRG1, chromatin remodelling, acely-lysine binding, protein-protein interactions, HYDROLASE' 
# 
loop_
_struct_asym.id 
_struct_asym.pdbx_blank_PDB_chainid_flag 
_struct_asym.pdbx_modified 
_struct_asym.entity_id 
_struct_asym.details 
A N N 1 ? 
B N N 2 ? 
# 
_struct_ref.id                         1 
_struct_ref.db_name                    UNP 
_struct_ref.db_code                    SMCA4_HUMAN 
_struct_ref.pdbx_db_accession          P51532 
_struct_ref.entity_id                  1 
_struct_ref.pdbx_seq_one_letter_code   
;AEKLSPNPPNLTKKMKKIVDAVIKYKDSSSGRQLSEVFIQLPSRKELPEYYELIRKPVDFKKIKERIRNHKYRSLNDLEK
DVMLLCQNAQTFNLEGSLIYEDSIVLQSVFTSVRQKIEKEDDSEGEES
;
_struct_ref.pdbx_align_begin           1448 
_struct_ref.pdbx_db_isoform            ? 
# 
_struct_ref_seq.align_id                      1 
_struct_ref_seq.ref_id                        1 
_struct_ref_seq.pdbx_PDB_id_code              2GRC 
_struct_ref_seq.pdbx_strand_id                A 
_struct_ref_seq.seq_align_beg                 2 
_struct_ref_seq.pdbx_seq_align_beg_ins_code   ? 
_struct_ref_seq.seq_align_end                 129 
_struct_ref_seq.pdbx_seq_align_end_ins_code   ? 
_struct_ref_seq.pdbx_db_accession             P51532 
_struct_ref_seq.db_align_beg                  1448 
_struct_ref_seq.pdbx_db_align_beg_ins_code    ? 
_struct_ref_seq.db_align_end                  1575 
_struct_ref_seq.pdbx_db_align_end_ins_code    ? 
_struct_ref_seq.pdbx_auth_seq_align_beg       1448 
_struct_ref_seq.pdbx_auth_seq_align_end       1575 
# 
_struct_ref_seq_dif.align_id                     1 
_struct_ref_seq_dif.pdbx_pdb_id_code             2GRC 
_struct_ref_seq_dif.mon_id                       MET 
_struct_ref_seq_dif.pdbx_pdb_strand_id           A 
_struct_ref_seq_dif.seq_num                      1 
_struct_ref_seq_dif.pdbx_pdb_ins_code            ? 
_struct_ref_seq_dif.pdbx_seq_db_name             UNP 
_struct_ref_seq_dif.pdbx_seq_db_accession_code   P51532 
_struct_ref_seq_dif.db_mon_id                    ? 
_struct_ref_seq_dif.pdbx_seq_db_seq_num          ? 
_struct_ref_seq_dif.details                      'initiating methionine' 
_struct_ref_seq_dif.pdbx_auth_seq_num            1447 
_struct_ref_seq_dif.pdbx_ordinal                 1 
# 
_pdbx_struct_assembly.id                   1 
_pdbx_struct_assembly.details              author_defined_assembly 
_pdbx_struct_assembly.method_details       ? 
_pdbx_struct_assembly.oligomeric_details   monomeric 
_pdbx_struct_assembly.oligomeric_count     1 
# 
_pdbx_struct_assembly_gen.assembly_id       1 
_pdbx_struct_assembly_gen.oper_expression   1 
_pdbx_struct_assembly_gen.asym_id_list      A,B 
# 
_pdbx_struct_oper_list.id                   1 
_pdbx_struct_oper_list.type                 'identity operation' 
_pdbx_struct_oper_list.name                 1_555 
_pdbx_struct_oper_list.symmetry_operation   x,y,z 
_pdbx_struct_oper_list.matrix[1][1]         1.0000000000 
_pdbx_struct_oper_list.matrix[1][2]         0.0000000000 
_pdbx_struct_oper_list.matrix[1][3]         0.0000000000 
_pdbx_struct_oper_list.vector[1]            0.0000000000 
_pdbx_struct_oper_list.matrix[2][1]         0.0000000000 
_pdbx_struct_oper_list.matrix[2][2]         1.0000000000 
_pdbx_struct_oper_list.matrix[2][3]         0.0000000000 
_pdbx_struct_oper_list.vector[2]            0.0000000000 
_pdbx_struct_oper_list.matrix[3][1]         0.0000000000 
_pdbx_struct_oper_list.matrix[3][2]         0.0000000000 
_pdbx_struct_oper_list.matrix[3][3]         1.0000000000 
_pdbx_struct_oper_list.vector[3]            0.0000000000 
# 
_struct_biol.id                    1 
_struct_biol.details               
;The second part of the biological assembly is generated 
by the two fold axis
;
_struct_biol.pdbx_parent_biol_id   ? 
# 
loop_
_struct_conf.conf_type_id 
_struct_conf.id 
_struct_conf.pdbx_PDB_helix_id 
_struct_conf.beg_label_comp_id 
_struct_conf.beg_label_asym_id 
_struct_conf.beg_label_seq_id 
_struct_conf.pdbx_beg_PDB_ins_code 
_struct_conf.end_label_comp_id 
_struct_conf.end_label_asym_id 
_struct_conf.end_label_seq_id 
_struct_conf.pdbx_end_PDB_ins_code 
_struct_conf.beg_auth_comp_id 
_struct_conf.beg_auth_asym_id 
_struct_conf.beg_auth_seq_id 
_struct_conf.end_auth_comp_id 
_struct_conf.end_auth_asym_id 
_struct_conf.end_auth_seq_id 
_struct_conf.pdbx_PDB_helix_class 
_struct_conf.details 
_struct_conf.pdbx_PDB_helix_length 
HELX_P HELX_P1 1 PRO A 9  ? TYR A 26  ? PRO A 1455 TYR A 1472 1 ? 18 
HELX_P HELX_P2 2 GLN A 34 ? ILE A 40  ? GLN A 1480 ILE A 1486 5 ? 7  
HELX_P HELX_P3 3 LEU A 48 ? ILE A 55  ? LEU A 1494 ILE A 1501 1 ? 8  
HELX_P HELX_P4 4 ASP A 60 ? ASN A 70  ? ASP A 1506 ASN A 1516 1 ? 11 
HELX_P HELX_P5 5 SER A 75 ? ASN A 94  ? SER A 1521 ASN A 1540 1 ? 20 
HELX_P HELX_P6 6 SER A 98 ? ASP A 122 ? SER A 1544 ASP A 1568 1 ? 25 
# 
_struct_conf_type.id          HELX_P 
_struct_conf_type.criteria    ? 
_struct_conf_type.reference   ? 
# 
loop_
_pdbx_unobs_or_zero_occ_residues.id 
_pdbx_unobs_or_zero_occ_residues.PDB_model_num 
_pdbx_unobs_or_zero_occ_residues.polymer_flag 
_pdbx_unobs_or_zero_occ_residues.occupancy_flag 
_pdbx_unobs_or_zero_occ_residues.auth_asym_id 
_pdbx_unobs_or_zero_occ_residues.auth_comp_id 
_pdbx_unobs_or_zero_occ_residues.auth_seq_id 
_pdbx_unobs_or_zero_occ_residues.PDB_ins_code 
_pdbx_unobs_or_zero_occ_residues.label_asym_id 
_pdbx_unobs_or_zero_occ_residues.label_comp_id 
_pdbx_unobs_or_zero_occ_residues.label_seq_id 
1 1 Y 1 A MET 1447 ? A MET 1   
2 1 Y 1 A ALA 1448 ? A ALA 2   
3 1 Y 1 A SER 1570 ? A SER 124 
4 1 Y 1 A GLU 1571 ? A GLU 125 
5 1 Y 1 A GLY 1572 ? A GLY 126 
6 1 Y 1 A GLU 1573 ? A GLU 127 
7 1 Y 1 A GLU 1574 ? A GLU 128 
8 1 Y 1 A SER 1575 ? A SER 129 
# 
loop_
_chem_comp_atom.comp_id 
_chem_comp_atom.atom_id 
_chem_comp_atom.type_symbol 
_chem_comp_atom.pdbx_aromatic_flag 
_chem_comp_atom.pdbx_stereo_config 
_chem_comp_atom.pdbx_ordinal 
ALA N    N N N 1   
ALA CA   C N S 2   
ALA C    C N N 3   
ALA O    O N N 4   
ALA CB   C N N 5   
ALA OXT  O N N 6   
ALA H    H N N 7   
ALA H2   H N N 8   
ALA HA   H N N 9   
ALA HB1  H N N 10  
ALA HB2  H N N 11  
ALA HB3  H N N 12  
ALA HXT  H N N 13  
ARG N    N N N 14  
ARG CA   C N S 15  
ARG C    C N N 16  
ARG O    O N N 17  
ARG CB   C N N 18  
ARG CG   C N N 19  
ARG CD   C N N 20  
ARG NE   N N N 21  
ARG CZ   C N N 22  
ARG NH1  N N N 23  
ARG NH2  N N N 24  
ARG OXT  O N N 25  
ARG H    H N N 26  
ARG H2   H N N 27  
ARG HA   H N N 28  
ARG HB2  H N N 29  
ARG HB3  H N N 30  
ARG HG2  H N N 31  
ARG HG3  H N N 32  
ARG HD2  H N N 33  
ARG HD3  H N N 34  
ARG HE   H N N 35  
ARG HH11 H N N 36  
ARG HH12 H N N 37  
ARG HH21 H N N 38  
ARG HH22 H N N 39  
ARG HXT  H N N 40  
ASN N    N N N 41  
ASN CA   C N S 42  
ASN C    C N N 43  
ASN O    O N N 44  
ASN CB   C N N 45  
ASN CG   C N N 46  
ASN OD1  O N N 47  
ASN ND2  N N N 48  
ASN OXT  O N N 49  
ASN H    H N N 50  
ASN H2   H N N 51  
ASN HA   H N N 52  
ASN HB2  H N N 53  
ASN HB3  H N N 54  
ASN HD21 H N N 55  
ASN HD22 H N N 56  
ASN HXT  H N N 57  
ASP N    N N N 58  
ASP CA   C N S 59  
ASP C    C N N 60  
ASP O    O N N 61  
ASP CB   C N N 62  
ASP CG   C N N 63  
ASP OD1  O N N 64  
ASP OD2  O N N 65  
ASP OXT  O N N 66  
ASP H    H N N 67  
ASP H2   H N N 68  
ASP HA   H N N 69  
ASP HB2  H N N 70  
ASP HB3  H N N 71  
ASP HD2  H N N 72  
ASP HXT  H N N 73  
CYS N    N N N 74  
CYS CA   C N R 75  
CYS C    C N N 76  
CYS O    O N N 77  
CYS CB   C N N 78  
CYS SG   S N N 79  
CYS OXT  O N N 80  
CYS H    H N N 81  
CYS H2   H N N 82  
CYS HA   H N N 83  
CYS HB2  H N N 84  
CYS HB3  H N N 85  
CYS HG   H N N 86  
CYS HXT  H N N 87  
GLN N    N N N 88  
GLN CA   C N S 89  
GLN C    C N N 90  
GLN O    O N N 91  
GLN CB   C N N 92  
GLN CG   C N N 93  
GLN CD   C N N 94  
GLN OE1  O N N 95  
GLN NE2  N N N 96  
GLN OXT  O N N 97  
GLN H    H N N 98  
GLN H2   H N N 99  
GLN HA   H N N 100 
GLN HB2  H N N 101 
GLN HB3  H N N 102 
GLN HG2  H N N 103 
GLN HG3  H N N 104 
GLN HE21 H N N 105 
GLN HE22 H N N 106 
GLN HXT  H N N 107 
GLU N    N N N 108 
GLU CA   C N S 109 
GLU C    C N N 110 
GLU O    O N N 111 
GLU CB   C N N 112 
GLU CG   C N N 113 
GLU CD   C N N 114 
GLU OE1  O N N 115 
GLU OE2  O N N 116 
GLU OXT  O N N 117 
GLU H    H N N 118 
GLU H2   H N N 119 
GLU HA   H N N 120 
GLU HB2  H N N 121 
GLU HB3  H N N 122 
GLU HG2  H N N 123 
GLU HG3  H N N 124 
GLU HE2  H N N 125 
GLU HXT  H N N 126 
GLY N    N N N 127 
GLY CA   C N N 128 
GLY C    C N N 129 
GLY O    O N N 130 
GLY OXT  O N N 131 
GLY H    H N N 132 
GLY H2   H N N 133 
GLY HA2  H N N 134 
GLY HA3  H N N 135 
GLY HXT  H N N 136 
HIS N    N N N 137 
HIS CA   C N S 138 
HIS C    C N N 139 
HIS O    O N N 140 
HIS CB   C N N 141 
HIS CG   C Y N 142 
HIS ND1  N Y N 143 
HIS CD2  C Y N 144 
HIS CE1  C Y N 145 
HIS NE2  N Y N 146 
HIS OXT  O N N 147 
HIS H    H N N 148 
HIS H2   H N N 149 
HIS HA   H N N 150 
HIS HB2  H N N 151 
HIS HB3  H N N 152 
HIS HD1  H N N 153 
HIS HD2  H N N 154 
HIS HE1  H N N 155 
HIS HE2  H N N 156 
HIS HXT  H N N 157 
HOH O    O N N 158 
HOH H1   H N N 159 
HOH H2   H N N 160 
ILE N    N N N 161 
ILE CA   C N S 162 
ILE C    C N N 163 
ILE O    O N N 164 
ILE CB   C N S 165 
ILE CG1  C N N 166 
ILE CG2  C N N 167 
ILE CD1  C N N 168 
ILE OXT  O N N 169 
ILE H    H N N 170 
ILE H2   H N N 171 
ILE HA   H N N 172 
ILE HB   H N N 173 
ILE HG12 H N N 174 
ILE HG13 H N N 175 
ILE HG21 H N N 176 
ILE HG22 H N N 177 
ILE HG23 H N N 178 
ILE HD11 H N N 179 
ILE HD12 H N N 180 
ILE HD13 H N N 181 
ILE HXT  H N N 182 
LEU N    N N N 183 
LEU CA   C N S 184 
LEU C    C N N 185 
LEU O    O N N 186 
LEU CB   C N N 187 
LEU CG   C N N 188 
LEU CD1  C N N 189 
LEU CD2  C N N 190 
LEU OXT  O N N 191 
LEU H    H N N 192 
LEU H2   H N N 193 
LEU HA   H N N 194 
LEU HB2  H N N 195 
LEU HB3  H N N 196 
LEU HG   H N N 197 
LEU HD11 H N N 198 
LEU HD12 H N N 199 
LEU HD13 H N N 200 
LEU HD21 H N N 201 
LEU HD22 H N N 202 
LEU HD23 H N N 203 
LEU HXT  H N N 204 
LYS N    N N N 205 
LYS CA   C N S 206 
LYS C    C N N 207 
LYS O    O N N 208 
LYS CB   C N N 209 
LYS CG   C N N 210 
LYS CD   C N N 211 
LYS CE   C N N 212 
LYS NZ   N N N 213 
LYS OXT  O N N 214 
LYS H    H N N 215 
LYS H2   H N N 216 
LYS HA   H N N 217 
LYS HB2  H N N 218 
LYS HB3  H N N 219 
LYS HG2  H N N 220 
LYS HG3  H N N 221 
LYS HD2  H N N 222 
LYS HD3  H N N 223 
LYS HE2  H N N 224 
LYS HE3  H N N 225 
LYS HZ1  H N N 226 
LYS HZ2  H N N 227 
LYS HZ3  H N N 228 
LYS HXT  H N N 229 
MET N    N N N 230 
MET CA   C N S 231 
MET C    C N N 232 
MET O    O N N 233 
MET CB   C N N 234 
MET CG   C N N 235 
MET SD   S N N 236 
MET CE   C N N 237 
MET OXT  O N N 238 
MET H    H N N 239 
MET H2   H N N 240 
MET HA   H N N 241 
MET HB2  H N N 242 
MET HB3  H N N 243 
MET HG2  H N N 244 
MET HG3  H N N 245 
MET HE1  H N N 246 
MET HE2  H N N 247 
MET HE3  H N N 248 
MET HXT  H N N 249 
PHE N    N N N 250 
PHE CA   C N S 251 
PHE C    C N N 252 
PHE O    O N N 253 
PHE CB   C N N 254 
PHE CG   C Y N 255 
PHE CD1  C Y N 256 
PHE CD2  C Y N 257 
PHE CE1  C Y N 258 
PHE CE2  C Y N 259 
PHE CZ   C Y N 260 
PHE OXT  O N N 261 
PHE H    H N N 262 
PHE H2   H N N 263 
PHE HA   H N N 264 
PHE HB2  H N N 265 
PHE HB3  H N N 266 
PHE HD1  H N N 267 
PHE HD2  H N N 268 
PHE HE1  H N N 269 
PHE HE2  H N N 270 
PHE HZ   H N N 271 
PHE HXT  H N N 272 
PRO N    N N N 273 
PRO CA   C N S 274 
PRO C    C N N 275 
PRO O    O N N 276 
PRO CB   C N N 277 
PRO CG   C N N 278 
PRO CD   C N N 279 
PRO OXT  O N N 280 
PRO H    H N N 281 
PRO HA   H N N 282 
PRO HB2  H N N 283 
PRO HB3  H N N 284 
PRO HG2  H N N 285 
PRO HG3  H N N 286 
PRO HD2  H N N 287 
PRO HD3  H N N 288 
PRO HXT  H N N 289 
SER N    N N N 290 
SER CA   C N S 291 
SER C    C N N 292 
SER O    O N N 293 
SER CB   C N N 294 
SER OG   O N N 295 
SER OXT  O N N 296 
SER H    H N N 297 
SER H2   H N N 298 
SER HA   H N N 299 
SER HB2  H N N 300 
SER HB3  H N N 301 
SER HG   H N N 302 
SER HXT  H N N 303 
THR N    N N N 304 
THR CA   C N S 305 
THR C    C N N 306 
THR O    O N N 307 
THR CB   C N R 308 
THR OG1  O N N 309 
THR CG2  C N N 310 
THR OXT  O N N 311 
THR H    H N N 312 
THR H2   H N N 313 
THR HA   H N N 314 
THR HB   H N N 315 
THR HG1  H N N 316 
THR HG21 H N N 317 
THR HG22 H N N 318 
THR HG23 H N N 319 
THR HXT  H N N 320 
TYR N    N N N 321 
TYR CA   C N S 322 
TYR C    C N N 323 
TYR O    O N N 324 
TYR CB   C N N 325 
TYR CG   C Y N 326 
TYR CD1  C Y N 327 
TYR CD2  C Y N 328 
TYR CE1  C Y N 329 
TYR CE2  C Y N 330 
TYR CZ   C Y N 331 
TYR OH   O N N 332 
TYR OXT  O N N 333 
TYR H    H N N 334 
TYR H2   H N N 335 
TYR HA   H N N 336 
TYR HB2  H N N 337 
TYR HB3  H N N 338 
TYR HD1  H N N 339 
TYR HD2  H N N 340 
TYR HE1  H N N 341 
TYR HE2  H N N 342 
TYR HH   H N N 343 
TYR HXT  H N N 344 
VAL N    N N N 345 
VAL CA   C N S 346 
VAL C    C N N 347 
VAL O    O N N 348 
VAL CB   C N N 349 
VAL CG1  C N N 350 
VAL CG2  C N N 351 
VAL OXT  O N N 352 
VAL H    H N N 353 
VAL H2   H N N 354 
VAL HA   H N N 355 
VAL HB   H N N 356 
VAL HG11 H N N 357 
VAL HG12 H N N 358 
VAL HG13 H N N 359 
VAL HG21 H N N 360 
VAL HG22 H N N 361 
VAL HG23 H N N 362 
VAL HXT  H N N 363 
# 
loop_
_chem_comp_bond.comp_id 
_chem_comp_bond.atom_id_1 
_chem_comp_bond.atom_id_2 
_chem_comp_bond.value_order 
_chem_comp_bond.pdbx_aromatic_flag 
_chem_comp_bond.pdbx_stereo_config 
_chem_comp_bond.pdbx_ordinal 
ALA N   CA   sing N N 1   
ALA N   H    sing N N 2   
ALA N   H2   sing N N 3   
ALA CA  C    sing N N 4   
ALA CA  CB   sing N N 5   
ALA CA  HA   sing N N 6   
ALA C   O    doub N N 7   
ALA C   OXT  sing N N 8   
ALA CB  HB1  sing N N 9   
ALA CB  HB2  sing N N 10  
ALA CB  HB3  sing N N 11  
ALA OXT HXT  sing N N 12  
ARG N   CA   sing N N 13  
ARG N   H    sing N N 14  
ARG N   H2   sing N N 15  
ARG CA  C    sing N N 16  
ARG CA  CB   sing N N 17  
ARG CA  HA   sing N N 18  
ARG C   O    doub N N 19  
ARG C   OXT  sing N N 20  
ARG CB  CG   sing N N 21  
ARG CB  HB2  sing N N 22  
ARG CB  HB3  sing N N 23  
ARG CG  CD   sing N N 24  
ARG CG  HG2  sing N N 25  
ARG CG  HG3  sing N N 26  
ARG CD  NE   sing N N 27  
ARG CD  HD2  sing N N 28  
ARG CD  HD3  sing N N 29  
ARG NE  CZ   sing N N 30  
ARG NE  HE   sing N N 31  
ARG CZ  NH1  sing N N 32  
ARG CZ  NH2  doub N N 33  
ARG NH1 HH11 sing N N 34  
ARG NH1 HH12 sing N N 35  
ARG NH2 HH21 sing N N 36  
ARG NH2 HH22 sing N N 37  
ARG OXT HXT  sing N N 38  
ASN N   CA   sing N N 39  
ASN N   H    sing N N 40  
ASN N   H2   sing N N 41  
ASN CA  C    sing N N 42  
ASN CA  CB   sing N N 43  
ASN CA  HA   sing N N 44  
ASN C   O    doub N N 45  
ASN C   OXT  sing N N 46  
ASN CB  CG   sing N N 47  
ASN CB  HB2  sing N N 48  
ASN CB  HB3  sing N N 49  
ASN CG  OD1  doub N N 50  
ASN CG  ND2  sing N N 51  
ASN ND2 HD21 sing N N 52  
ASN ND2 HD22 sing N N 53  
ASN OXT HXT  sing N N 54  
ASP N   CA   sing N N 55  
ASP N   H    sing N N 56  
ASP N   H2   sing N N 57  
ASP CA  C    sing N N 58  
ASP CA  CB   sing N N 59  
ASP CA  HA   sing N N 60  
ASP C   O    doub N N 61  
ASP C   OXT  sing N N 62  
ASP CB  CG   sing N N 63  
ASP CB  HB2  sing N N 64  
ASP CB  HB3  sing N N 65  
ASP CG  OD1  doub N N 66  
ASP CG  OD2  sing N N 67  
ASP OD2 HD2  sing N N 68  
ASP OXT HXT  sing N N 69  
CYS N   CA   sing N N 70  
CYS N   H    sing N N 71  
CYS N   H2   sing N N 72  
CYS CA  C    sing N N 73  
CYS CA  CB   sing N N 74  
CYS CA  HA   sing N N 75  
CYS C   O    doub N N 76  
CYS C   OXT  sing N N 77  
CYS CB  SG   sing N N 78  
CYS CB  HB2  sing N N 79  
CYS CB  HB3  sing N N 80  
CYS SG  HG   sing N N 81  
CYS OXT HXT  sing N N 82  
GLN N   CA   sing N N 83  
GLN N   H    sing N N 84  
GLN N   H2   sing N N 85  
GLN CA  C    sing N N 86  
GLN CA  CB   sing N N 87  
GLN CA  HA   sing N N 88  
GLN C   O    doub N N 89  
GLN C   OXT  sing N N 90  
GLN CB  CG   sing N N 91  
GLN CB  HB2  sing N N 92  
GLN CB  HB3  sing N N 93  
GLN CG  CD   sing N N 94  
GLN CG  HG2  sing N N 95  
GLN CG  HG3  sing N N 96  
GLN CD  OE1  doub N N 97  
GLN CD  NE2  sing N N 98  
GLN NE2 HE21 sing N N 99  
GLN NE2 HE22 sing N N 100 
GLN OXT HXT  sing N N 101 
GLU N   CA   sing N N 102 
GLU N   H    sing N N 103 
GLU N   H2   sing N N 104 
GLU CA  C    sing N N 105 
GLU CA  CB   sing N N 106 
GLU CA  HA   sing N N 107 
GLU C   O    doub N N 108 
GLU C   OXT  sing N N 109 
GLU CB  CG   sing N N 110 
GLU CB  HB2  sing N N 111 
GLU CB  HB3  sing N N 112 
GLU CG  CD   sing N N 113 
GLU CG  HG2  sing N N 114 
GLU CG  HG3  sing N N 115 
GLU CD  OE1  doub N N 116 
GLU CD  OE2  sing N N 117 
GLU OE2 HE2  sing N N 118 
GLU OXT HXT  sing N N 119 
GLY N   CA   sing N N 120 
GLY N   H    sing N N 121 
GLY N   H2   sing N N 122 
GLY CA  C    sing N N 123 
GLY CA  HA2  sing N N 124 
GLY CA  HA3  sing N N 125 
GLY C   O    doub N N 126 
GLY C   OXT  sing N N 127 
GLY OXT HXT  sing N N 128 
HIS N   CA   sing N N 129 
HIS N   H    sing N N 130 
HIS N   H2   sing N N 131 
HIS CA  C    sing N N 132 
HIS CA  CB   sing N N 133 
HIS CA  HA   sing N N 134 
HIS C   O    doub N N 135 
HIS C   OXT  sing N N 136 
HIS CB  CG   sing N N 137 
HIS CB  HB2  sing N N 138 
HIS CB  HB3  sing N N 139 
HIS CG  ND1  sing Y N 140 
HIS CG  CD2  doub Y N 141 
HIS ND1 CE1  doub Y N 142 
HIS ND1 HD1  sing N N 143 
HIS CD2 NE2  sing Y N 144 
HIS CD2 HD2  sing N N 145 
HIS CE1 NE2  sing Y N 146 
HIS CE1 HE1  sing N N 147 
HIS NE2 HE2  sing N N 148 
HIS OXT HXT  sing N N 149 
HOH O   H1   sing N N 150 
HOH O   H2   sing N N 151 
ILE N   CA   sing N N 152 
ILE N   H    sing N N 153 
ILE N   H2   sing N N 154 
ILE CA  C    sing N N 155 
ILE CA  CB   sing N N 156 
ILE CA  HA   sing N N 157 
ILE C   O    doub N N 158 
ILE C   OXT  sing N N 159 
ILE CB  CG1  sing N N 160 
ILE CB  CG2  sing N N 161 
ILE CB  HB   sing N N 162 
ILE CG1 CD1  sing N N 163 
ILE CG1 HG12 sing N N 164 
ILE CG1 HG13 sing N N 165 
ILE CG2 HG21 sing N N 166 
ILE CG2 HG22 sing N N 167 
ILE CG2 HG23 sing N N 168 
ILE CD1 HD11 sing N N 169 
ILE CD1 HD12 sing N N 170 
ILE CD1 HD13 sing N N 171 
ILE OXT HXT  sing N N 172 
LEU N   CA   sing N N 173 
LEU N   H    sing N N 174 
LEU N   H2   sing N N 175 
LEU CA  C    sing N N 176 
LEU CA  CB   sing N N 177 
LEU CA  HA   sing N N 178 
LEU C   O    doub N N 179 
LEU C   OXT  sing N N 180 
LEU CB  CG   sing N N 181 
LEU CB  HB2  sing N N 182 
LEU CB  HB3  sing N N 183 
LEU CG  CD1  sing N N 184 
LEU CG  CD2  sing N N 185 
LEU CG  HG   sing N N 186 
LEU CD1 HD11 sing N N 187 
LEU CD1 HD12 sing N N 188 
LEU CD1 HD13 sing N N 189 
LEU CD2 HD21 sing N N 190 
LEU CD2 HD22 sing N N 191 
LEU CD2 HD23 sing N N 192 
LEU OXT HXT  sing N N 193 
LYS N   CA   sing N N 194 
LYS N   H    sing N N 195 
LYS N   H2   sing N N 196 
LYS CA  C    sing N N 197 
LYS CA  CB   sing N N 198 
LYS CA  HA   sing N N 199 
LYS C   O    doub N N 200 
LYS C   OXT  sing N N 201 
LYS CB  CG   sing N N 202 
LYS CB  HB2  sing N N 203 
LYS CB  HB3  sing N N 204 
LYS CG  CD   sing N N 205 
LYS CG  HG2  sing N N 206 
LYS CG  HG3  sing N N 207 
LYS CD  CE   sing N N 208 
LYS CD  HD2  sing N N 209 
LYS CD  HD3  sing N N 210 
LYS CE  NZ   sing N N 211 
LYS CE  HE2  sing N N 212 
LYS CE  HE3  sing N N 213 
LYS NZ  HZ1  sing N N 214 
LYS NZ  HZ2  sing N N 215 
LYS NZ  HZ3  sing N N 216 
LYS OXT HXT  sing N N 217 
MET N   CA   sing N N 218 
MET N   H    sing N N 219 
MET N   H2   sing N N 220 
MET CA  C    sing N N 221 
MET CA  CB   sing N N 222 
MET CA  HA   sing N N 223 
MET C   O    doub N N 224 
MET C   OXT  sing N N 225 
MET CB  CG   sing N N 226 
MET CB  HB2  sing N N 227 
MET CB  HB3  sing N N 228 
MET CG  SD   sing N N 229 
MET CG  HG2  sing N N 230 
MET CG  HG3  sing N N 231 
MET SD  CE   sing N N 232 
MET CE  HE1  sing N N 233 
MET CE  HE2  sing N N 234 
MET CE  HE3  sing N N 235 
MET OXT HXT  sing N N 236 
PHE N   CA   sing N N 237 
PHE N   H    sing N N 238 
PHE N   H2   sing N N 239 
PHE CA  C    sing N N 240 
PHE CA  CB   sing N N 241 
PHE CA  HA   sing N N 242 
PHE C   O    doub N N 243 
PHE C   OXT  sing N N 244 
PHE CB  CG   sing N N 245 
PHE CB  HB2  sing N N 246 
PHE CB  HB3  sing N N 247 
PHE CG  CD1  doub Y N 248 
PHE CG  CD2  sing Y N 249 
PHE CD1 CE1  sing Y N 250 
PHE CD1 HD1  sing N N 251 
PHE CD2 CE2  doub Y N 252 
PHE CD2 HD2  sing N N 253 
PHE CE1 CZ   doub Y N 254 
PHE CE1 HE1  sing N N 255 
PHE CE2 CZ   sing Y N 256 
PHE CE2 HE2  sing N N 257 
PHE CZ  HZ   sing N N 258 
PHE OXT HXT  sing N N 259 
PRO N   CA   sing N N 260 
PRO N   CD   sing N N 261 
PRO N   H    sing N N 262 
PRO CA  C    sing N N 263 
PRO CA  CB   sing N N 264 
PRO CA  HA   sing N N 265 
PRO C   O    doub N N 266 
PRO C   OXT  sing N N 267 
PRO CB  CG   sing N N 268 
PRO CB  HB2  sing N N 269 
PRO CB  HB3  sing N N 270 
PRO CG  CD   sing N N 271 
PRO CG  HG2  sing N N 272 
PRO CG  HG3  sing N N 273 
PRO CD  HD2  sing N N 274 
PRO CD  HD3  sing N N 275 
PRO OXT HXT  sing N N 276 
SER N   CA   sing N N 277 
SER N   H    sing N N 278 
SER N   H2   sing N N 279 
SER CA  C    sing N N 280 
SER CA  CB   sing N N 281 
SER CA  HA   sing N N 282 
SER C   O    doub N N 283 
SER C   OXT  sing N N 284 
SER CB  OG   sing N N 285 
SER CB  HB2  sing N N 286 
SER CB  HB3  sing N N 287 
SER OG  HG   sing N N 288 
SER OXT HXT  sing N N 289 
THR N   CA   sing N N 290 
THR N   H    sing N N 291 
THR N   H2   sing N N 292 
THR CA  C    sing N N 293 
THR CA  CB   sing N N 294 
THR CA  HA   sing N N 295 
THR C   O    doub N N 296 
THR C   OXT  sing N N 297 
THR CB  OG1  sing N N 298 
THR CB  CG2  sing N N 299 
THR CB  HB   sing N N 300 
THR OG1 HG1  sing N N 301 
THR CG2 HG21 sing N N 302 
THR CG2 HG22 sing N N 303 
THR CG2 HG23 sing N N 304 
THR OXT HXT  sing N N 305 
TYR N   CA   sing N N 306 
TYR N   H    sing N N 307 
TYR N   H2   sing N N 308 
TYR CA  C    sing N N 309 
TYR CA  CB   sing N N 310 
TYR CA  HA   sing N N 311 
TYR C   O    doub N N 312 
TYR C   OXT  sing N N 313 
TYR CB  CG   sing N N 314 
TYR CB  HB2  sing N N 315 
TYR CB  HB3  sing N N 316 
TYR CG  CD1  doub Y N 317 
TYR CG  CD2  sing Y N 318 
TYR CD1 CE1  sing Y N 319 
TYR CD1 HD1  sing N N 320 
TYR CD2 CE2  doub Y N 321 
TYR CD2 HD2  sing N N 322 
TYR CE1 CZ   doub Y N 323 
TYR CE1 HE1  sing N N 324 
TYR CE2 CZ   sing Y N 325 
TYR CE2 HE2  sing N N 326 
TYR CZ  OH   sing N N 327 
TYR OH  HH   sing N N 328 
TYR OXT HXT  sing N N 329 
VAL N   CA   sing N N 330 
VAL N   H    sing N N 331 
VAL N   H2   sing N N 332 
VAL CA  C    sing N N 333 
VAL CA  CB   sing N N 334 
VAL CA  HA   sing N N 335 
VAL C   O    doub N N 336 
VAL C   OXT  sing N N 337 
VAL CB  CG1  sing N N 338 
VAL CB  CG2  sing N N 339 
VAL CB  HB   sing N N 340 
VAL CG1 HG11 sing N N 341 
VAL CG1 HG12 sing N N 342 
VAL CG1 HG13 sing N N 343 
VAL CG2 HG21 sing N N 344 
VAL CG2 HG22 sing N N 345 
VAL CG2 HG23 sing N N 346 
VAL OXT HXT  sing N N 347 
# 
_atom_sites.entry_id                    2GRC 
_atom_sites.fract_transf_matrix[1][1]   -0.00043812 
_atom_sites.fract_transf_matrix[1][2]   -0.00205407 
_atom_sites.fract_transf_matrix[1][3]   -0.03342447 
_atom_sites.fract_transf_matrix[2][1]   0.02552703 
_atom_sites.fract_transf_matrix[2][2]   -0.02084615 
_atom_sites.fract_transf_matrix[2][3]   0.00094648 
_atom_sites.fract_transf_matrix[3][1]   -0.00947092 
_atom_sites.fract_transf_matrix[3][2]   -0.01156293 
_atom_sites.fract_transf_matrix[3][3]   0.00076264 
_atom_sites.fract_transf_vector[1]      0.416534 
_atom_sites.fract_transf_vector[2]      0.010491 
_atom_sites.fract_transf_vector[3]      0.240286 
# 
loop_
_atom_type.symbol 
C 
N 
O 
S 
# 
loop_
_atom_site.group_PDB 
_atom_site.id 
_atom_site.type_symbol 
_atom_site.label_atom_id 
_atom_site.label_alt_id 
_atom_site.label_comp_id 
_atom_site.label_asym_id 
_atom_site.label_entity_id 
_atom_site.label_seq_id 
_atom_site.pdbx_PDB_ins_code 
_atom_site.Cartn_x 
_atom_site.Cartn_y 
_atom_site.Cartn_z 
_atom_site.occupancy 
_atom_site.B_iso_or_equiv 
_atom_site.pdbx_formal_charge 
_atom_site.auth_seq_id 
_atom_site.auth_comp_id 
_atom_site.auth_asym_id 
_atom_site.auth_atom_id 
_atom_site.pdbx_PDB_model_num 
ATOM   1    N N   . GLU A 1 3   ? 21.456  -6.158  10.499  1.00 27.92 ? 1449 GLU A N   1 
ATOM   2    C CA  . GLU A 1 3   ? 20.758  -6.640  11.733  1.00 27.19 ? 1449 GLU A CA  1 
ATOM   3    C C   . GLU A 1 3   ? 19.334  -7.140  11.444  1.00 25.93 ? 1449 GLU A C   1 
ATOM   4    O O   . GLU A 1 3   ? 18.563  -6.508  10.711  1.00 26.95 ? 1449 GLU A O   1 
ATOM   5    C CB  . GLU A 1 3   ? 20.674  -5.531  12.781  1.00 27.72 ? 1449 GLU A CB  1 
ATOM   6    C CG  . GLU A 1 3   ? 21.726  -5.553  13.881  1.00 28.28 ? 1449 GLU A CG  1 
ATOM   7    C CD  . GLU A 1 3   ? 21.306  -4.711  15.090  1.00 29.38 ? 1449 GLU A CD  1 
ATOM   8    O OE1 . GLU A 1 3   ? 21.967  -4.809  16.163  1.00 29.25 ? 1449 GLU A OE1 1 
ATOM   9    O OE2 . GLU A 1 3   ? 20.305  -3.958  14.960  1.00 30.31 ? 1449 GLU A OE2 1 
ATOM   10   N N   . LYS A 1 4   ? 19.002  -8.273  12.045  1.00 23.56 ? 1450 LYS A N   1 
ATOM   11   C CA  . LYS A 1 4   ? 17.644  -8.807  12.067  1.00 21.69 ? 1450 LYS A CA  1 
ATOM   12   C C   . LYS A 1 4   ? 16.813  -8.100  13.143  1.00 19.68 ? 1450 LYS A C   1 
ATOM   13   O O   . LYS A 1 4   ? 17.266  -7.974  14.284  1.00 18.37 ? 1450 LYS A O   1 
ATOM   14   C CB  . LYS A 1 4   ? 17.705  -10.287 12.438  1.00 22.54 ? 1450 LYS A CB  1 
ATOM   15   C CG  . LYS A 1 4   ? 17.899  -11.231 11.276  1.00 24.76 ? 1450 LYS A CG  1 
ATOM   16   C CD  . LYS A 1 4   ? 17.295  -12.599 11.587  1.00 23.81 ? 1450 LYS A CD  1 
ATOM   17   C CE  . LYS A 1 4   ? 18.162  -13.440 12.485  1.00 25.43 ? 1450 LYS A CE  1 
ATOM   18   N NZ  . LYS A 1 4   ? 17.494  -14.768 12.707  1.00 21.73 ? 1450 LYS A NZ  1 
ATOM   19   N N   . LEU A 1 5   ? 15.602  -7.673  12.812  1.00 17.42 ? 1451 LEU A N   1 
ATOM   20   C CA  . LEU A 1 5   ? 14.683  -7.172  13.847  1.00 15.93 ? 1451 LEU A CA  1 
ATOM   21   C C   . LEU A 1 5   ? 14.009  -8.317  14.580  1.00 14.66 ? 1451 LEU A C   1 
ATOM   22   O O   . LEU A 1 5   ? 13.766  -9.394  13.999  1.00 13.51 ? 1451 LEU A O   1 
ATOM   23   C CB  . LEU A 1 5   ? 13.606  -6.229  13.275  1.00 15.21 ? 1451 LEU A CB  1 
ATOM   24   C CG  . LEU A 1 5   ? 14.100  -4.877  12.720  1.00 16.65 ? 1451 LEU A CG  1 
ATOM   25   C CD1 . LEU A 1 5   ? 12.955  -4.119  12.095  1.00 14.30 ? 1451 LEU A CD1 1 
ATOM   26   C CD2 . LEU A 1 5   ? 14.702  -4.041  13.818  1.00 16.26 ? 1451 LEU A CD2 1 
ATOM   27   N N   . SER A 1 6   ? 13.680  -8.079  15.849  1.00 14.66 ? 1452 SER A N   1 
ATOM   28   C CA  . SER A 1 6   ? 12.907  -9.042  16.629  1.00 14.71 ? 1452 SER A CA  1 
ATOM   29   C C   . SER A 1 6   ? 11.550  -9.239  15.964  1.00 14.89 ? 1452 SER A C   1 
ATOM   30   O O   . SER A 1 6   ? 10.819  -8.263  15.776  1.00 14.16 ? 1452 SER A O   1 
ATOM   31   C CB  . SER A 1 6   ? 12.721  -8.525  18.046  1.00 14.53 ? 1452 SER A CB  1 
ATOM   32   O OG  . SER A 1 6   ? 12.074  -9.478  18.844  1.00 16.71 ? 1452 SER A OG  1 
ATOM   33   N N   . PRO A 1 7   ? 11.204  -10.493 15.615  1.00 15.14 ? 1453 PRO A N   1 
ATOM   34   C CA  . PRO A 1 7   ? 9.894   -10.743 14.986  1.00 14.39 ? 1453 PRO A CA  1 
ATOM   35   C C   . PRO A 1 7   ? 8.706   -10.166 15.755  1.00 14.34 ? 1453 PRO A C   1 
ATOM   36   O O   . PRO A 1 7   ? 8.694   -10.143 16.975  1.00 14.57 ? 1453 PRO A O   1 
ATOM   37   C CB  . PRO A 1 7   ? 9.825   -12.284 14.884  1.00 15.13 ? 1453 PRO A CB  1 
ATOM   38   C CG  . PRO A 1 7   ? 11.261  -12.710 14.832  1.00 16.48 ? 1453 PRO A CG  1 
ATOM   39   C CD  . PRO A 1 7   ? 11.999  -11.739 15.737  1.00 15.49 ? 1453 PRO A CD  1 
ATOM   40   N N   . ASN A 1 8   ? 7.706   -9.674  15.021  1.00 13.36 ? 1454 ASN A N   1 
ATOM   41   C CA  . ASN A 1 8   ? 6.431   -9.348  15.603  1.00 13.29 ? 1454 ASN A CA  1 
ATOM   42   C C   . ASN A 1 8   ? 5.754   -10.612 16.079  1.00 14.51 ? 1454 ASN A C   1 
ATOM   43   O O   . ASN A 1 8   ? 6.132   -11.688 15.637  1.00 14.43 ? 1454 ASN A O   1 
ATOM   44   C CB  . ASN A 1 8   ? 5.524   -8.723  14.532  1.00 12.26 ? 1454 ASN A CB  1 
ATOM   45   C CG  . ASN A 1 8   ? 5.814   -7.251  14.303  1.00 12.80 ? 1454 ASN A CG  1 
ATOM   46   O OD1 . ASN A 1 8   ? 5.981   -6.477  15.224  1.00 12.71 ? 1454 ASN A OD1 1 
ATOM   47   N ND2 . ASN A 1 8   ? 5.844   -6.867  13.048  1.00 9.70  ? 1454 ASN A ND2 1 
ATOM   48   N N   . PRO A 1 9   ? 4.730   -10.479 16.950  1.00 14.55 ? 1455 PRO A N   1 
ATOM   49   C CA  . PRO A 1 9   ? 3.913   -11.650 17.264  1.00 15.19 ? 1455 PRO A CA  1 
ATOM   50   C C   . PRO A 1 9   ? 3.356   -12.165 15.945  1.00 15.40 ? 1455 PRO A C   1 
ATOM   51   O O   . PRO A 1 9   ? 2.894   -11.362 15.120  1.00 14.64 ? 1455 PRO A O   1 
ATOM   52   C CB  . PRO A 1 9   ? 2.772   -11.079 18.113  1.00 15.53 ? 1455 PRO A CB  1 
ATOM   53   C CG  . PRO A 1 9   ? 3.303   -9.809  18.682  1.00 14.57 ? 1455 PRO A CG  1 
ATOM   54   C CD  . PRO A 1 9   ? 4.262   -9.269  17.647  1.00 15.66 ? 1455 PRO A CD  1 
ATOM   55   N N   . PRO A 1 10  ? 3.392   -13.476 15.715  1.00 14.52 ? 1456 PRO A N   1 
ATOM   56   C CA  . PRO A 1 10  ? 2.965   -13.984 14.394  1.00 14.25 ? 1456 PRO A CA  1 
ATOM   57   C C   . PRO A 1 10  ? 1.533   -13.617 13.986  1.00 14.01 ? 1456 PRO A C   1 
ATOM   58   O O   . PRO A 1 10  ? 1.264   -13.441 12.797  1.00 13.98 ? 1456 PRO A O   1 
ATOM   59   C CB  . PRO A 1 10  ? 3.185   -15.508 14.512  1.00 16.05 ? 1456 PRO A CB  1 
ATOM   60   C CG  . PRO A 1 10  ? 4.181   -15.630 15.603  1.00 16.65 ? 1456 PRO A CG  1 
ATOM   61   C CD  . PRO A 1 10  ? 3.836   -14.582 16.591  1.00 15.63 ? 1456 PRO A CD  1 
ATOM   62   N N   . ASN A 1 11  ? 0.621   -13.442 14.935  1.00 13.43 ? 1457 ASN A N   1 
ATOM   63   C CA  . ASN A 1 11  ? -0.738  -13.040 14.579  1.00 14.46 ? 1457 ASN A CA  1 
ATOM   64   C C   . ASN A 1 11  ? -0.767  -11.620 14.030  1.00 13.90 ? 1457 ASN A C   1 
ATOM   65   O O   . ASN A 1 11  ? -1.610  -11.310 13.192  1.00 13.25 ? 1457 ASN A O   1 
ATOM   66   C CB  . ASN A 1 11  ? -1.705  -13.163 15.759  1.00 16.10 ? 1457 ASN A CB  1 
ATOM   67   C CG  . ASN A 1 11  ? -1.883  -14.596 16.215  1.00 18.50 ? 1457 ASN A CG  1 
ATOM   68   O OD1 . ASN A 1 11  ? -1.517  -15.552 15.503  1.00 24.75 ? 1457 ASN A OD1 1 
ATOM   69   N ND2 . ASN A 1 11  ? -2.454  -14.761 17.405  1.00 22.78 ? 1457 ASN A ND2 1 
ATOM   70   N N   . LEU A 1 12  ? 0.147   -10.764 14.488  1.00 11.94 ? 1458 LEU A N   1 
ATOM   71   C CA  . LEU A 1 12  ? 0.182   -9.402  13.946  1.00 11.25 ? 1458 LEU A CA  1 
ATOM   72   C C   . LEU A 1 12  ? 0.695   -9.431  12.506  1.00 11.19 ? 1458 LEU A C   1 
ATOM   73   O O   . LEU A 1 12  ? 0.116   -8.803  11.606  1.00 10.32 ? 1458 LEU A O   1 
ATOM   74   C CB  . LEU A 1 12  ? 1.023   -8.475  14.822  1.00 10.51 ? 1458 LEU A CB  1 
ATOM   75   C CG  . LEU A 1 12  ? 1.202   -7.028  14.341  1.00 11.71 ? 1458 LEU A CG  1 
ATOM   76   C CD1 . LEU A 1 12  ? -0.132  -6.285  14.168  1.00 11.58 ? 1458 LEU A CD1 1 
ATOM   77   C CD2 . LEU A 1 12  ? 2.117   -6.288  15.289  1.00 10.39 ? 1458 LEU A CD2 1 
ATOM   78   N N   . THR A 1 13  ? 1.776   -10.155 12.273  1.00 11.32 ? 1459 THR A N   1 
ATOM   79   C CA  . THR A 1 13  ? 2.278   -10.372 10.913  1.00 11.69 ? 1459 THR A CA  1 
ATOM   80   C C   . THR A 1 13  ? 1.206   -10.935 10.000  1.00 11.76 ? 1459 THR A C   1 
ATOM   81   O O   . THR A 1 13  ? 1.008   -10.444 8.879   1.00 10.77 ? 1459 THR A O   1 
ATOM   82   C CB  . THR A 1 13  ? 3.468   -11.337 10.955  1.00 11.43 ? 1459 THR A CB  1 
ATOM   83   O OG1 . THR A 1 13  ? 4.477   -10.755 11.758  1.00 12.23 ? 1459 THR A OG1 1 
ATOM   84   C CG2 . THR A 1 13  ? 4.024   -11.589 9.546   1.00 12.50 ? 1459 THR A CG2 1 
ATOM   85   N N   . LYS A 1 14  ? 0.507   -11.966 10.469  1.00 12.65 ? 1460 LYS A N   1 
ATOM   86   C CA  . LYS A 1 14  ? -0.535  -12.567 9.683   1.00 14.50 ? 1460 LYS A CA  1 
ATOM   87   C C   . LYS A 1 14  ? -1.587  -11.541 9.281   1.00 12.64 ? 1460 LYS A C   1 
ATOM   88   O O   . LYS A 1 14  ? -1.990  -11.478 8.113   1.00 12.89 ? 1460 LYS A O   1 
ATOM   89   C CB  . LYS A 1 14  ? -1.121  -13.769 10.448  1.00 14.01 ? 1460 LYS A CB  1 
ATOM   90   C CG  . LYS A 1 14  ? -0.191  -14.997 10.355  1.00 18.89 ? 1460 LYS A CG  1 
ATOM   91   C CD  . LYS A 1 14  ? -0.788  -16.299 10.896  1.00 18.88 ? 1460 LYS A CD  1 
ATOM   92   C CE  . LYS A 1 14  ? 0.261   -17.128 11.661  1.00 22.91 ? 1460 LYS A CE  1 
ATOM   93   N NZ  . LYS A 1 14  ? 0.539   -16.578 13.012  1.00 26.33 ? 1460 LYS A NZ  1 
ATOM   94   N N   . LYS A 1 15  ? -1.995  -10.683 10.212  1.00 10.51 ? 1461 LYS A N   1 
ATOM   95   C CA  . LYS A 1 15  ? -3.008  -9.695  9.936   1.00 11.55 ? 1461 LYS A CA  1 
ATOM   96   C C   . LYS A 1 15  ? -2.513  -8.633  8.963   1.00 10.60 ? 1461 LYS A C   1 
ATOM   97   O O   . LYS A 1 15  ? -3.272  -8.205  8.081   1.00 10.44 ? 1461 LYS A O   1 
ATOM   98   C CB  . LYS A 1 15  ? -3.451  -8.996  11.204  1.00 12.05 ? 1461 LYS A CB  1 
ATOM   99   C CG  . LYS A 1 15  ? -4.449  -9.750  12.025  1.00 16.30 ? 1461 LYS A CG  1 
ATOM   100  C CD  . LYS A 1 15  ? -4.875  -8.916  13.221  1.00 20.17 ? 1461 LYS A CD  1 
ATOM   101  C CE  . LYS A 1 15  ? -3.964  -9.166  14.424  1.00 20.49 ? 1461 LYS A CE  1 
ATOM   102  N NZ  . LYS A 1 15  ? -4.517  -8.591  15.690  1.00 21.53 ? 1461 LYS A NZ  1 
ATOM   103  N N   . MET A 1 16  ? -1.257  -8.201  9.101   1.00 9.73  ? 1462 MET A N   1 
ATOM   104  C CA  . MET A 1 16  ? -0.681  -7.283  8.118   1.00 10.53 ? 1462 MET A CA  1 
ATOM   105  C C   . MET A 1 16  ? -0.731  -7.864  6.711   1.00 9.90  ? 1462 MET A C   1 
ATOM   106  O O   . MET A 1 16  ? -1.131  -7.188  5.757   1.00 10.42 ? 1462 MET A O   1 
ATOM   107  C CB  . MET A 1 16  ? 0.761   -6.962  8.453   1.00 9.14  ? 1462 MET A CB  1 
ATOM   108  C CG  . MET A 1 16  ? 0.939   -6.209  9.747   1.00 11.48 ? 1462 MET A CG  1 
ATOM   109  S SD  . MET A 1 16  ? 2.701   -6.041  10.159  1.00 11.03 ? 1462 MET A SD  1 
ATOM   110  C CE  . MET A 1 16  ? 2.634   -4.900  11.542  1.00 11.98 ? 1462 MET A CE  1 
ATOM   111  N N   . LYS A 1 17  ? -0.346  -9.121  6.587   1.00 10.29 ? 1463 LYS A N   1 
ATOM   112  C CA  . LYS A 1 17  ? -0.344  -9.786  5.300   1.00 11.10 ? 1463 LYS A CA  1 
ATOM   113  C C   . LYS A 1 17  ? -1.743  -9.902  4.713   1.00 11.60 ? 1463 LYS A C   1 
ATOM   114  O O   . LYS A 1 17  ? -1.941  -9.610  3.533   1.00 11.10 ? 1463 LYS A O   1 
ATOM   115  C CB  . LYS A 1 17  ? 0.293   -11.153 5.454   1.00 10.75 ? 1463 LYS A CB  1 
ATOM   116  C CG  . LYS A 1 17  ? 1.783   -11.106 5.537   1.00 15.11 ? 1463 LYS A CG  1 
ATOM   117  C CD  . LYS A 1 17  ? 2.346   -12.448 5.958   1.00 19.43 ? 1463 LYS A CD  1 
ATOM   118  C CE  . LYS A 1 17  ? 3.833   -12.530 5.711   1.00 24.42 ? 1463 LYS A CE  1 
ATOM   119  N NZ  . LYS A 1 17  ? 4.299   -13.898 6.043   1.00 25.57 ? 1463 LYS A NZ  1 
ATOM   120  N N   . LYS A 1 18  ? -2.718  -10.284 5.540   1.00 12.16 ? 1464 LYS A N   1 
ATOM   121  C CA  . LYS A 1 18  ? -4.087  -10.452 5.042   1.00 11.94 ? 1464 LYS A CA  1 
ATOM   122  C C   . LYS A 1 18  ? -4.656  -9.124  4.560   1.00 11.36 ? 1464 LYS A C   1 
ATOM   123  O O   . LYS A 1 18  ? -5.343  -9.073  3.542   1.00 12.35 ? 1464 LYS A O   1 
ATOM   124  C CB  . LYS A 1 18  ? -5.016  -11.063 6.093   1.00 13.18 ? 1464 LYS A CB  1 
ATOM   125  C CG  . LYS A 1 18  ? -4.606  -12.442 6.511   1.00 16.54 ? 1464 LYS A CG  1 
ATOM   126  C CD  . LYS A 1 18  ? -5.484  -12.992 7.634   1.00 22.70 ? 1464 LYS A CD  1 
ATOM   127  C CE  . LYS A 1 18  ? -4.748  -14.081 8.419   1.00 25.01 ? 1464 LYS A CE  1 
ATOM   128  N NZ  . LYS A 1 18  ? -5.605  -15.294 8.667   1.00 28.77 ? 1464 LYS A NZ  1 
ATOM   129  N N   . ILE A 1 19  ? -4.360  -8.060  5.279   1.00 10.60 ? 1465 ILE A N   1 
ATOM   130  C CA  . ILE A 1 19  ? -4.820  -6.734  4.876   1.00 10.68 ? 1465 ILE A CA  1 
ATOM   131  C C   . ILE A 1 19  ? -4.209  -6.321  3.544   1.00 11.33 ? 1465 ILE A C   1 
ATOM   132  O O   . ILE A 1 19  ? -4.924  -5.927  2.606   1.00 11.27 ? 1465 ILE A O   1 
ATOM   133  C CB  . ILE A 1 19  ? -4.551  -5.678  5.980   1.00 11.45 ? 1465 ILE A CB  1 
ATOM   134  C CG1 . ILE A 1 19  ? -5.408  -5.989  7.199   1.00 11.46 ? 1465 ILE A CG1 1 
ATOM   135  C CG2 . ILE A 1 19  ? -4.880  -4.277  5.472   1.00 10.89 ? 1465 ILE A CG2 1 
ATOM   136  C CD1 . ILE A 1 19  ? -4.915  -5.338  8.445   1.00 11.13 ? 1465 ILE A CD1 1 
ATOM   137  N N   . VAL A 1 20  ? -2.887  -6.434  3.427   1.00 10.61 ? 1466 VAL A N   1 
ATOM   138  C CA  . VAL A 1 20  ? -2.239  -6.025  2.186   1.00 11.46 ? 1466 VAL A CA  1 
ATOM   139  C C   . VAL A 1 20  ? -2.694  -6.889  1.027   1.00 10.68 ? 1466 VAL A C   1 
ATOM   140  O O   . VAL A 1 20  ? -2.957  -6.346  -0.049  1.00 10.27 ? 1466 VAL A O   1 
ATOM   141  C CB  . VAL A 1 20  ? -0.716  -5.957  2.292   1.00 11.29 ? 1466 VAL A CB  1 
ATOM   142  C CG1 . VAL A 1 20  ? -0.064  -5.730  0.931   1.00 13.49 ? 1466 VAL A CG1 1 
ATOM   143  C CG2 . VAL A 1 20  ? -0.322  -4.822  3.200   1.00 11.73 ? 1466 VAL A CG2 1 
ATOM   144  N N   . ASP A 1 21  ? -2.816  -8.199  1.225   1.00 11.45 ? 1467 ASP A N   1 
ATOM   145  C CA  . ASP A 1 21  ? -3.293  -9.064  0.149   1.00 11.88 ? 1467 ASP A CA  1 
ATOM   146  C C   . ASP A 1 21  ? -4.666  -8.606  -0.367  1.00 12.05 ? 1467 ASP A C   1 
ATOM   147  O O   . ASP A 1 21  ? -4.887  -8.552  -1.588  1.00 13.24 ? 1467 ASP A O   1 
ATOM   148  C CB  . ASP A 1 21  ? -3.337  -10.528 0.598   1.00 12.42 ? 1467 ASP A CB  1 
ATOM   149  C CG  . ASP A 1 21  ? -1.986  -11.183 0.638   1.00 17.27 ? 1467 ASP A CG  1 
ATOM   150  O OD1 . ASP A 1 21  ? -0.985  -10.625 0.130   1.00 22.29 ? 1467 ASP A OD1 1 
ATOM   151  O OD2 . ASP A 1 21  ? -1.937  -12.315 1.182   1.00 23.23 ? 1467 ASP A OD2 1 
ATOM   152  N N   . ALA A 1 22  ? -5.585  -8.266  0.537   1.00 11.83 ? 1468 ALA A N   1 
ATOM   153  C CA  . ALA A 1 22  ? -6.940  -7.868  0.125   1.00 12.24 ? 1468 ALA A CA  1 
ATOM   154  C C   . ALA A 1 22  ? -6.946  -6.529  -0.602  1.00 12.30 ? 1468 ALA A C   1 
ATOM   155  O O   . ALA A 1 22  ? -7.717  -6.290  -1.544  1.00 13.70 ? 1468 ALA A O   1 
ATOM   156  C CB  . ALA A 1 22  ? -7.882  -7.808  1.330   1.00 11.83 ? 1468 ALA A CB  1 
ATOM   157  N N   . VAL A 1 23  ? -6.099  -5.627  -0.152  1.00 11.67 ? 1469 VAL A N   1 
ATOM   158  C CA  . VAL A 1 23  ? -5.998  -4.324  -0.785  1.00 11.71 ? 1469 VAL A CA  1 
ATOM   159  C C   . VAL A 1 23  ? -5.443  -4.503  -2.198  1.00 12.15 ? 1469 VAL A C   1 
ATOM   160  O O   . VAL A 1 23  ? -5.949  -3.925  -3.152  1.00 12.17 ? 1469 VAL A O   1 
ATOM   161  C CB  . VAL A 1 23  ? -5.170  -3.357  0.072   1.00 11.75 ? 1469 VAL A CB  1 
ATOM   162  C CG1 . VAL A 1 23  ? -4.833  -2.102  -0.705  1.00 14.03 ? 1469 VAL A CG1 1 
ATOM   163  C CG2 . VAL A 1 23  ? -5.946  -3.054  1.398   1.00 12.34 ? 1469 VAL A CG2 1 
ATOM   164  N N   . ILE A 1 24  ? -4.416  -5.343  -2.345  1.00 11.73 ? 1470 ILE A N   1 
ATOM   165  C CA  . ILE A 1 24  ? -3.828  -5.615  -3.666  1.00 12.70 ? 1470 ILE A CA  1 
ATOM   166  C C   . ILE A 1 24  ? -4.813  -6.242  -4.642  1.00 13.38 ? 1470 ILE A C   1 
ATOM   167  O O   . ILE A 1 24  ? -4.867  -5.845  -5.816  1.00 13.61 ? 1470 ILE A O   1 
ATOM   168  C CB  . ILE A 1 24  ? -2.583  -6.487  -3.516  1.00 12.01 ? 1470 ILE A CB  1 
ATOM   169  C CG1 . ILE A 1 24  ? -1.469  -5.611  -2.963  1.00 12.70 ? 1470 ILE A CG1 1 
ATOM   170  C CG2 . ILE A 1 24  ? -2.163  -7.122  -4.862  1.00 12.06 ? 1470 ILE A CG2 1 
ATOM   171  C CD1 . ILE A 1 24  ? -0.186  -6.350  -2.609  1.00 12.65 ? 1470 ILE A CD1 1 
ATOM   172  N N   . LYS A 1 25  ? -5.587  -7.209  -4.176  1.00 14.17 ? 1471 LYS A N   1 
ATOM   173  C CA  . LYS A 1 25  ? -6.513  -7.931  -5.053  1.00 15.63 ? 1471 LYS A CA  1 
ATOM   174  C C   . LYS A 1 25  ? -7.789  -7.147  -5.401  1.00 14.72 ? 1471 LYS A C   1 
ATOM   175  O O   . LYS A 1 25  ? -8.544  -7.563  -6.301  1.00 15.92 ? 1471 LYS A O   1 
ATOM   176  C CB  . LYS A 1 25  ? -6.858  -9.300  -4.437  1.00 17.12 ? 1471 LYS A CB  1 
ATOM   177  C CG  . LYS A 1 25  ? -5.695  -10.303 -4.460  1.00 18.37 ? 1471 LYS A CG  1 
ATOM   178  C CD  . LYS A 1 25  ? -5.986  -11.561 -3.650  1.00 20.22 ? 1471 LYS A CD  1 
ATOM   179  C CE  . LYS A 1 25  ? -4.823  -12.557 -3.675  1.00 21.74 ? 1471 LYS A CE  1 
ATOM   180  N NZ  . LYS A 1 25  ? -5.174  -13.824 -2.970  1.00 27.75 ? 1471 LYS A NZ  1 
ATOM   181  N N   . TYR A 1 26  ? -8.042  -6.026  -4.720  1.00 14.13 ? 1472 TYR A N   1 
ATOM   182  C CA  . TYR A 1 26  ? -9.290  -5.300  -4.931  1.00 14.48 ? 1472 TYR A CA  1 
ATOM   183  C C   . TYR A 1 26  ? -9.401  -4.847  -6.404  1.00 14.44 ? 1472 TYR A C   1 
ATOM   184  O O   . TYR A 1 26  ? -8.464  -4.251  -6.950  1.00 13.72 ? 1472 TYR A O   1 
ATOM   185  C CB  . TYR A 1 26  ? -9.392  -4.111  -3.973  1.00 15.46 ? 1472 TYR A CB  1 
ATOM   186  C CG  . TYR A 1 26  ? -10.669 -3.309  -4.149  1.00 15.17 ? 1472 TYR A CG  1 
ATOM   187  C CD1 . TYR A 1 26  ? -10.694 -2.191  -4.986  1.00 16.23 ? 1472 TYR A CD1 1 
ATOM   188  C CD2 . TYR A 1 26  ? -11.834 -3.654  -3.479  1.00 16.88 ? 1472 TYR A CD2 1 
ATOM   189  C CE1 . TYR A 1 26  ? -11.875 -1.444  -5.165  1.00 17.60 ? 1472 TYR A CE1 1 
ATOM   190  C CE2 . TYR A 1 26  ? -12.997 -2.913  -3.634  1.00 17.23 ? 1472 TYR A CE2 1 
ATOM   191  C CZ  . TYR A 1 26  ? -13.007 -1.810  -4.478  1.00 16.51 ? 1472 TYR A CZ  1 
ATOM   192  O OH  . TYR A 1 26  ? -14.175 -1.089  -4.603  1.00 21.29 ? 1472 TYR A OH  1 
ATOM   193  N N   . LYS A 1 27  ? -10.563 -5.096  -7.007  1.00 14.96 ? 1473 LYS A N   1 
ATOM   194  C CA  . LYS A 1 27  ? -10.843 -4.749  -8.408  1.00 16.27 ? 1473 LYS A CA  1 
ATOM   195  C C   . LYS A 1 27  ? -12.052 -3.811  -8.510  1.00 16.92 ? 1473 LYS A C   1 
ATOM   196  O O   . LYS A 1 27  ? -13.029 -3.955  -7.775  1.00 16.62 ? 1473 LYS A O   1 
ATOM   197  C CB  . LYS A 1 27  ? -11.113 -6.025  -9.219  1.00 16.43 ? 1473 LYS A CB  1 
ATOM   198  C CG  . LYS A 1 27  ? -9.848  -6.885  -9.398  1.00 17.07 ? 1473 LYS A CG  1 
ATOM   199  C CD  . LYS A 1 27  ? -10.109 -8.263  -9.968  1.00 18.81 ? 1473 LYS A CD  1 
ATOM   200  C CE  . LYS A 1 27  ? -8.773  -8.991  -10.148 1.00 21.81 ? 1473 LYS A CE  1 
ATOM   201  N NZ  . LYS A 1 27  ? -8.943  -10.367 -10.622 1.00 24.03 ? 1473 LYS A NZ  1 
ATOM   202  N N   . ASP A 1 28  ? -11.968 -2.849  -9.424  1.00 16.95 ? 1474 ASP A N   1 
ATOM   203  C CA  . ASP A 1 28  ? -13.107 -2.052  -9.839  1.00 17.78 ? 1474 ASP A CA  1 
ATOM   204  C C   . ASP A 1 28  ? -14.180 -2.991  -10.397 1.00 18.32 ? 1474 ASP A C   1 
ATOM   205  O O   . ASP A 1 28  ? -13.904 -3.757  -11.319 1.00 17.81 ? 1474 ASP A O   1 
ATOM   206  C CB  . ASP A 1 28  ? -12.628 -1.056  -10.903 1.00 18.42 ? 1474 ASP A CB  1 
ATOM   207  C CG  . ASP A 1 28  ? -13.726 -0.142  -11.391 1.00 20.13 ? 1474 ASP A CG  1 
ATOM   208  O OD1 . ASP A 1 28  ? -14.180 0.720   -10.616 1.00 20.66 ? 1474 ASP A OD1 1 
ATOM   209  O OD2 . ASP A 1 28  ? -14.124 -0.300  -12.567 1.00 23.69 ? 1474 ASP A OD2 1 
ATOM   210  N N   . SER A 1 29  ? -15.388 -2.957  -9.835  1.00 19.92 ? 1475 SER A N   1 
ATOM   211  C CA  . SER A 1 29  ? -16.431 -3.892  -10.264 1.00 20.74 ? 1475 SER A CA  1 
ATOM   212  C C   . SER A 1 29  ? -16.839 -3.709  -11.733 1.00 20.75 ? 1475 SER A C   1 
ATOM   213  O O   . SER A 1 29  ? -16.993 -4.684  -12.470 1.00 20.53 ? 1475 SER A O   1 
ATOM   214  C CB  . SER A 1 29  ? -17.637 -3.899  -9.306  1.00 21.59 ? 1475 SER A CB  1 
ATOM   215  O OG  . SER A 1 29  ? -18.528 -2.814  -9.511  1.00 24.74 ? 1475 SER A OG  1 
ATOM   216  N N   . SER A 1 30  ? -16.934 -2.459  -12.179 1.00 20.93 ? 1476 SER A N   1 
ATOM   217  C CA  . SER A 1 30  ? -17.395 -2.222  -13.539 1.00 22.16 ? 1476 SER A CA  1 
ATOM   218  C C   . SER A 1 30  ? -16.387 -2.736  -14.568 1.00 21.43 ? 1476 SER A C   1 
ATOM   219  O O   . SER A 1 30  ? -16.748 -3.492  -15.477 1.00 23.12 ? 1476 SER A O   1 
ATOM   220  C CB  . SER A 1 30  ? -17.664 -0.739  -13.750 1.00 22.27 ? 1476 SER A CB  1 
ATOM   221  O OG  . SER A 1 30  ? -16.471 -0.015  -13.550 1.00 26.43 ? 1476 SER A OG  1 
ATOM   222  N N   . SER A 1 31  ? -15.118 -2.351  -14.405 1.00 19.35 ? 1477 SER A N   1 
ATOM   223  C CA  . SER A 1 31  ? -14.090 -2.621  -15.411 1.00 18.23 ? 1477 SER A CA  1 
ATOM   224  C C   . SER A 1 31  ? -13.197 -3.824  -15.124 1.00 16.84 ? 1477 SER A C   1 
ATOM   225  O O   . SER A 1 31  ? -12.446 -4.242  -16.013 1.00 16.57 ? 1477 SER A O   1 
ATOM   226  C CB  . SER A 1 31  ? -13.189 -1.404  -15.571 1.00 17.30 ? 1477 SER A CB  1 
ATOM   227  O OG  . SER A 1 31  ? -12.408 -1.246  -14.401 1.00 18.23 ? 1477 SER A OG  1 
ATOM   228  N N   . GLY A 1 32  ? -13.203 -4.325  -13.894 1.00 16.34 ? 1478 GLY A N   1 
ATOM   229  C CA  . GLY A 1 32  ? -12.310 -5.431  -13.536 1.00 14.27 ? 1478 GLY A CA  1 
ATOM   230  C C   . GLY A 1 32  ? -10.866 -5.030  -13.256 1.00 14.28 ? 1478 GLY A C   1 
ATOM   231  O O   . GLY A 1 32  ? -10.025 -5.877  -12.916 1.00 13.52 ? 1478 GLY A O   1 
ATOM   232  N N   . ARG A 1 33  ? -10.580 -3.740  -13.374 1.00 12.57 ? 1479 ARG A N   1 
ATOM   233  C CA  . ARG A 1 33  ? -9.213  -3.238  -13.143 1.00 13.22 ? 1479 ARG A CA  1 
ATOM   234  C C   . ARG A 1 33  ? -8.747  -3.457  -11.705 1.00 13.01 ? 1479 ARG A C   1 
ATOM   235  O O   . ARG A 1 33  ? -9.439  -3.110  -10.754 1.00 13.31 ? 1479 ARG A O   1 
ATOM   236  C CB  . ARG A 1 33  ? -9.159  -1.761  -13.483 1.00 13.34 ? 1479 ARG A CB  1 
ATOM   237  C CG  . ARG A 1 33  ? -7.799  -1.116  -13.384 1.00 17.05 ? 1479 ARG A CG  1 
ATOM   238  C CD  . ARG A 1 33  ? -7.917  0.311   -13.916 1.00 20.28 ? 1479 ARG A CD  1 
ATOM   239  N NE  . ARG A 1 33  ? -8.621  1.204   -12.991 1.00 21.97 ? 1479 ARG A NE  1 
ATOM   240  C CZ  . ARG A 1 33  ? -9.859  1.676   -13.152 1.00 22.52 ? 1479 ARG A CZ  1 
ATOM   241  N NH1 . ARG A 1 33  ? -10.593 1.341   -14.215 1.00 26.21 ? 1479 ARG A NH1 1 
ATOM   242  N NH2 . ARG A 1 33  ? -10.370 2.489   -12.252 1.00 21.49 ? 1479 ARG A NH2 1 
ATOM   243  N N   . GLN A 1 34  ? -7.539  -3.981  -11.569 1.00 13.13 ? 1480 GLN A N   1 
ATOM   244  C CA  . GLN A 1 34  ? -6.940  -4.108  -10.256 1.00 12.53 ? 1480 GLN A CA  1 
ATOM   245  C C   . GLN A 1 34  ? -6.369  -2.736  -9.902  1.00 12.11 ? 1480 GLN A C   1 
ATOM   246  O O   . GLN A 1 34  ? -5.384  -2.299  -10.489 1.00 12.04 ? 1480 GLN A O   1 
ATOM   247  C CB  . GLN A 1 34  ? -5.851  -5.173  -10.319 1.00 13.33 ? 1480 GLN A CB  1 
ATOM   248  C CG  . GLN A 1 34  ? -5.133  -5.374  -8.987  1.00 14.37 ? 1480 GLN A CG  1 
ATOM   249  C CD  . GLN A 1 34  ? -3.997  -6.375  -9.067  1.00 14.85 ? 1480 GLN A CD  1 
ATOM   250  O OE1 . GLN A 1 34  ? -4.150  -7.448  -9.648  1.00 20.14 ? 1480 GLN A OE1 1 
ATOM   251  N NE2 . GLN A 1 34  ? -2.842  -6.022  -8.489  1.00 14.56 ? 1480 GLN A NE2 1 
ATOM   252  N N   . LEU A 1 35  ? -6.975  -2.053  -8.940  1.00 11.82 ? 1481 LEU A N   1 
ATOM   253  C CA  . LEU A 1 35  ? -6.575  -0.681  -8.663  1.00 12.52 ? 1481 LEU A CA  1 
ATOM   254  C C   . LEU A 1 35  ? -5.099  -0.583  -8.312  1.00 12.19 ? 1481 LEU A C   1 
ATOM   255  O O   . LEU A 1 35  ? -4.424  0.374   -8.674  1.00 15.62 ? 1481 LEU A O   1 
ATOM   256  C CB  . LEU A 1 35  ? -7.419  -0.084  -7.537  1.00 12.81 ? 1481 LEU A CB  1 
ATOM   257  C CG  . LEU A 1 35  ? -8.765  0.557   -7.880  1.00 16.81 ? 1481 LEU A CG  1 
ATOM   258  C CD1 . LEU A 1 35  ? -9.617  -0.279  -8.792  1.00 18.90 ? 1481 LEU A CD1 1 
ATOM   259  C CD2 . LEU A 1 35  ? -9.516  0.936   -6.615  1.00 17.01 ? 1481 LEU A CD2 1 
ATOM   260  N N   . SER A 1 36  ? -4.639  -1.564  -7.547  1.00 12.19 ? 1482 SER A N   1 
ATOM   261  C CA  . SER A 1 36  ? -3.275  -1.570  -7.059  1.00 11.75 ? 1482 SER A CA  1 
ATOM   262  C C   . SER A 1 36  ? -2.216  -1.903  -8.094  1.00 10.67 ? 1482 SER A C   1 
ATOM   263  O O   . SER A 1 36  ? -1.037  -1.766  -7.804  1.00 10.55 ? 1482 SER A O   1 
ATOM   264  C CB  . SER A 1 36  ? -3.150  -2.603  -5.946  1.00 11.64 ? 1482 SER A CB  1 
ATOM   265  O OG  . SER A 1 36  ? -3.261  -3.893  -6.496  1.00 13.43 ? 1482 SER A OG  1 
ATOM   266  N N   . GLU A 1 37  ? -2.620  -2.362  -9.296  1.00 11.51 ? 1483 GLU A N   1 
ATOM   267  C CA  . GLU A 1 37  ? -1.607  -2.939  -10.202 1.00 12.34 ? 1483 GLU A CA  1 
ATOM   268  C C   . GLU A 1 37  ? -0.513  -1.953  -10.595 1.00 12.32 ? 1483 GLU A C   1 
ATOM   269  O O   . GLU A 1 37  ? 0.604   -2.339  -10.881 1.00 11.17 ? 1483 GLU A O   1 
ATOM   270  C CB  . GLU A 1 37  ? -2.231  -3.564  -11.457 1.00 12.29 ? 1483 GLU A CB  1 
ATOM   271  C CG  . GLU A 1 37  ? -2.795  -2.533  -12.455 1.00 14.42 ? 1483 GLU A CG  1 
ATOM   272  C CD  . GLU A 1 37  ? -2.267  -2.693  -13.859 1.00 17.25 ? 1483 GLU A CD  1 
ATOM   273  O OE1 . GLU A 1 37  ? -2.151  -1.637  -14.536 1.00 14.75 ? 1483 GLU A OE1 1 
ATOM   274  O OE2 . GLU A 1 37  ? -1.961  -3.847  -14.278 1.00 18.70 ? 1483 GLU A OE2 1 
ATOM   275  N N   . VAL A 1 38  ? -0.839  -0.670  -10.620 1.00 12.32 ? 1484 VAL A N   1 
ATOM   276  C CA  . VAL A 1 38  ? 0.144   0.356   -11.001 1.00 12.93 ? 1484 VAL A CA  1 
ATOM   277  C C   . VAL A 1 38  ? 1.098   0.744   -9.855  1.00 13.00 ? 1484 VAL A C   1 
ATOM   278  O O   . VAL A 1 38  ? 2.016   1.541   -10.045 1.00 13.76 ? 1484 VAL A O   1 
ATOM   279  C CB  . VAL A 1 38  ? -0.536  1.642   -11.534 1.00 13.92 ? 1484 VAL A CB  1 
ATOM   280  C CG1 . VAL A 1 38  ? -1.238  1.380   -12.853 1.00 14.45 ? 1484 VAL A CG1 1 
ATOM   281  C CG2 . VAL A 1 38  ? -1.489  2.241   -10.496 1.00 14.25 ? 1484 VAL A CG2 1 
ATOM   282  N N   . PHE A 1 39  ? 0.847   0.186   -8.670  1.00 12.47 ? 1485 PHE A N   1 
ATOM   283  C CA  . PHE A 1 39  ? 1.576   0.532   -7.458  1.00 12.37 ? 1485 PHE A CA  1 
ATOM   284  C C   . PHE A 1 39  ? 2.390   -0.627  -6.929  1.00 10.52 ? 1485 PHE A C   1 
ATOM   285  O O   . PHE A 1 39  ? 2.963   -0.545  -5.869  1.00 10.97 ? 1485 PHE A O   1 
ATOM   286  C CB  . PHE A 1 39  ? 0.578   0.998   -6.388  1.00 11.02 ? 1485 PHE A CB  1 
ATOM   287  C CG  . PHE A 1 39  ? -0.232  2.223   -6.795  1.00 11.12 ? 1485 PHE A CG  1 
ATOM   288  C CD1 . PHE A 1 39  ? -1.607  2.193   -6.729  1.00 11.11 ? 1485 PHE A CD1 1 
ATOM   289  C CD2 . PHE A 1 39  ? 0.389   3.366   -7.285  1.00 13.21 ? 1485 PHE A CD2 1 
ATOM   290  C CE1 . PHE A 1 39  ? -2.373  3.306   -7.132  1.00 14.89 ? 1485 PHE A CE1 1 
ATOM   291  C CE2 . PHE A 1 39  ? -0.376  4.460   -7.674  1.00 12.61 ? 1485 PHE A CE2 1 
ATOM   292  C CZ  . PHE A 1 39  ? -1.741  4.418   -7.598  1.00 12.90 ? 1485 PHE A CZ  1 
ATOM   293  N N   . ILE A 1 40  ? 2.429   -1.722  -7.667  1.00 10.00 ? 1486 ILE A N   1 
ATOM   294  C CA  . ILE A 1 40  ? 3.174   -2.892  -7.240  1.00 10.28 ? 1486 ILE A CA  1 
ATOM   295  C C   . ILE A 1 40  ? 4.654   -2.617  -7.273  1.00 11.37 ? 1486 ILE A C   1 
ATOM   296  O O   . ILE A 1 40  ? 5.369   -2.953  -6.307  1.00 11.01 ? 1486 ILE A O   1 
ATOM   297  C CB  . ILE A 1 40  ? 2.817   -4.124  -8.096  1.00 11.32 ? 1486 ILE A CB  1 
ATOM   298  C CG1 . ILE A 1 40  ? 1.308   -4.373  -8.029  1.00 10.00 ? 1486 ILE A CG1 1 
ATOM   299  C CG2 . ILE A 1 40  ? 3.626   -5.332  -7.641  1.00 12.44 ? 1486 ILE A CG2 1 
ATOM   300  C CD1 . ILE A 1 40  ? 0.785   -4.544  -6.617  1.00 11.66 ? 1486 ILE A CD1 1 
ATOM   301  N N   . GLN A 1 41  ? 5.113   -2.048  -8.390  1.00 12.21 ? 1487 GLN A N   1 
ATOM   302  C CA  . GLN A 1 41  ? 6.531   -1.814  -8.650  1.00 12.99 ? 1487 GLN A CA  1 
ATOM   303  C C   . GLN A 1 41  ? 6.751   -0.393  -9.099  1.00 13.78 ? 1487 GLN A C   1 
ATOM   304  O O   . GLN A 1 41  ? 6.183   0.014   -10.129 1.00 14.94 ? 1487 GLN A O   1 
ATOM   305  C CB  . GLN A 1 41  ? 7.038   -2.755  -9.769  1.00 12.71 ? 1487 GLN A CB  1 
ATOM   306  C CG  . GLN A 1 41  ? 8.547   -2.725  -9.977  1.00 13.90 ? 1487 GLN A CG  1 
ATOM   307  C CD  . GLN A 1 41  ? 9.056   -3.796  -10.938 1.00 13.91 ? 1487 GLN A CD  1 
ATOM   308  O OE1 . GLN A 1 41  ? 8.510   -4.896  -11.016 1.00 15.67 ? 1487 GLN A OE1 1 
ATOM   309  N NE2 . GLN A 1 41  ? 10.120  -3.462  -11.687 1.00 15.73 ? 1487 GLN A NE2 1 
ATOM   310  N N   . LEU A 1 42  ? 7.573   0.350   -8.348  1.00 14.97 ? 1488 LEU A N   1 
ATOM   311  C CA  . LEU A 1 42  ? 7.967   1.717   -8.705  1.00 16.32 ? 1488 LEU A CA  1 
ATOM   312  C C   . LEU A 1 42  ? 8.669   1.684   -10.057 1.00 17.13 ? 1488 LEU A C   1 
ATOM   313  O O   . LEU A 1 42  ? 9.384   0.740   -10.359 1.00 16.60 ? 1488 LEU A O   1 
ATOM   314  C CB  . LEU A 1 42  ? 8.941   2.312   -7.671  1.00 16.79 ? 1488 LEU A CB  1 
ATOM   315  C CG  . LEU A 1 42  ? 8.477   2.719   -6.266  1.00 18.46 ? 1488 LEU A CG  1 
ATOM   316  C CD1 . LEU A 1 42  ? 9.702   2.773   -5.324  1.00 20.46 ? 1488 LEU A CD1 1 
ATOM   317  C CD2 . LEU A 1 42  ? 7.690   4.024   -6.279  1.00 20.03 ? 1488 LEU A CD2 1 
ATOM   318  N N   . PRO A 1 43  ? 8.504   2.748   -10.846 1.00 19.02 ? 1489 PRO A N   1 
ATOM   319  C CA  . PRO A 1 43  ? 9.277   2.807   -12.081 1.00 20.00 ? 1489 PRO A CA  1 
ATOM   320  C C   . PRO A 1 43  ? 10.731  3.078   -11.706 1.00 20.47 ? 1489 PRO A C   1 
ATOM   321  O O   . PRO A 1 43  ? 10.987  3.632   -10.634 1.00 20.60 ? 1489 PRO A O   1 
ATOM   322  C CB  . PRO A 1 43  ? 8.690   4.032   -12.793 1.00 20.03 ? 1489 PRO A CB  1 
ATOM   323  C CG  . PRO A 1 43  ? 8.165   4.899   -11.702 1.00 20.93 ? 1489 PRO A CG  1 
ATOM   324  C CD  . PRO A 1 43  ? 7.700   3.963   -10.609 1.00 19.30 ? 1489 PRO A CD  1 
ATOM   325  N N   . SER A 1 44  ? 11.675  2.683   -12.548 1.00 21.39 ? 1490 SER A N   1 
ATOM   326  C CA  . SER A 1 44  ? 13.082  2.975   -12.248 1.00 23.02 ? 1490 SER A CA  1 
ATOM   327  C C   . SER A 1 44  ? 13.406  4.460   -12.419 1.00 23.80 ? 1490 SER A C   1 
ATOM   328  O O   . SER A 1 44  ? 12.722  5.187   -13.148 1.00 23.07 ? 1490 SER A O   1 
ATOM   329  C CB  . SER A 1 44  ? 14.029  2.107   -13.088 1.00 22.97 ? 1490 SER A CB  1 
ATOM   330  O OG  . SER A 1 44  ? 14.168  2.623   -14.403 1.00 24.79 ? 1490 SER A OG  1 
ATOM   331  N N   . ARG A 1 45  ? 14.459  4.888   -11.726 1.00 25.28 ? 1491 ARG A N   1 
ATOM   332  C CA  . ARG A 1 45  ? 14.972  6.252   -11.758 1.00 27.09 ? 1491 ARG A CA  1 
ATOM   333  C C   . ARG A 1 45  ? 15.536  6.573   -13.136 1.00 27.92 ? 1491 ARG A C   1 
ATOM   334  O O   . ARG A 1 45  ? 15.511  7.722   -13.574 1.00 28.59 ? 1491 ARG A O   1 
ATOM   335  C CB  . ARG A 1 45  ? 16.059  6.387   -10.700 1.00 27.03 ? 1491 ARG A CB  1 
ATOM   336  C CG  . ARG A 1 45  ? 16.176  7.752   -10.032 1.00 28.92 ? 1491 ARG A CG  1 
ATOM   337  C CD  . ARG A 1 45  ? 16.969  7.578   -8.752  1.00 30.96 ? 1491 ARG A CD  1 
ATOM   338  N NE  . ARG A 1 45  ? 16.895  8.701   -7.819  1.00 32.33 ? 1491 ARG A NE  1 
ATOM   339  C CZ  . ARG A 1 45  ? 16.731  8.554   -6.504  1.00 32.98 ? 1491 ARG A CZ  1 
ATOM   340  N NH1 . ARG A 1 45  ? 16.575  7.343   -5.974  1.00 34.36 ? 1491 ARG A NH1 1 
ATOM   341  N NH2 . ARG A 1 45  ? 16.698  9.614   -5.716  1.00 32.90 ? 1491 ARG A NH2 1 
ATOM   342  N N   . LYS A 1 46  ? 16.054  5.544   -13.804 1.00 29.13 ? 1492 LYS A N   1 
ATOM   343  C CA  . LYS A 1 46  ? 16.446  5.622   -15.210 1.00 30.31 ? 1492 LYS A CA  1 
ATOM   344  C C   . LYS A 1 46  ? 15.263  5.938   -16.118 1.00 30.62 ? 1492 LYS A C   1 
ATOM   345  O O   . LYS A 1 46  ? 15.355  6.816   -16.985 1.00 31.23 ? 1492 LYS A O   1 
ATOM   346  C CB  . LYS A 1 46  ? 17.069  4.299   -15.656 1.00 30.71 ? 1492 LYS A CB  1 
ATOM   347  C CG  . LYS A 1 46  ? 18.579  4.243   -15.607 1.00 31.68 ? 1492 LYS A CG  1 
ATOM   348  C CD  . LYS A 1 46  ? 19.031  2.863   -16.037 1.00 32.03 ? 1492 LYS A CD  1 
ATOM   349  C CE  . LYS A 1 46  ? 20.544  2.734   -16.082 1.00 33.11 ? 1492 LYS A CE  1 
ATOM   350  N NZ  . LYS A 1 46  ? 20.918  1.627   -17.011 1.00 34.31 ? 1492 LYS A NZ  1 
ATOM   351  N N   . GLU A 1 47  ? 14.160  5.210   -15.915 1.00 30.70 ? 1493 GLU A N   1 
ATOM   352  C CA  . GLU A 1 47  ? 12.945  5.361   -16.706 1.00 30.71 ? 1493 GLU A CA  1 
ATOM   353  C C   . GLU A 1 47  ? 12.309  6.722   -16.454 1.00 29.92 ? 1493 GLU A C   1 
ATOM   354  O O   . GLU A 1 47  ? 12.031  7.479   -17.383 1.00 30.54 ? 1493 GLU A O   1 
ATOM   355  C CB  . GLU A 1 47  ? 11.938  4.258   -16.346 1.00 31.35 ? 1493 GLU A CB  1 
ATOM   356  C CG  . GLU A 1 47  ? 12.197  2.901   -17.004 1.00 31.96 ? 1493 GLU A CG  1 
ATOM   357  C CD  . GLU A 1 47  ? 11.848  1.719   -16.100 1.00 33.91 ? 1493 GLU A CD  1 
ATOM   358  O OE1 . GLU A 1 47  ? 12.613  0.725   -16.131 1.00 33.85 ? 1493 GLU A OE1 1 
ATOM   359  O OE2 . GLU A 1 47  ? 10.833  1.779   -15.350 1.00 31.43 ? 1493 GLU A OE2 1 
ATOM   360  N N   . LEU A 1 48  ? 12.107  7.031   -15.177 1.00 28.91 ? 1494 LEU A N   1 
ATOM   361  C CA  . LEU A 1 48  ? 11.278  8.152   -14.772 1.00 27.76 ? 1494 LEU A CA  1 
ATOM   362  C C   . LEU A 1 48  ? 12.000  9.003   -13.729 1.00 27.06 ? 1494 LEU A C   1 
ATOM   363  O O   . LEU A 1 48  ? 11.562  9.073   -12.575 1.00 26.04 ? 1494 LEU A O   1 
ATOM   364  C CB  . LEU A 1 48  ? 9.926   7.651   -14.224 1.00 27.83 ? 1494 LEU A CB  1 
ATOM   365  C CG  . LEU A 1 48  ? 8.627   7.762   -15.042 1.00 29.07 ? 1494 LEU A CG  1 
ATOM   366  C CD1 . LEU A 1 48  ? 7.424   7.539   -14.135 1.00 29.32 ? 1494 LEU A CD1 1 
ATOM   367  C CD2 . LEU A 1 48  ? 8.493   9.100   -15.754 1.00 27.87 ? 1494 LEU A CD2 1 
ATOM   368  N N   . PRO A 1 49  ? 13.102  9.674   -14.135 1.00 26.44 ? 1495 PRO A N   1 
ATOM   369  C CA  . PRO A 1 49  ? 13.869  10.490  -13.189 1.00 26.30 ? 1495 PRO A CA  1 
ATOM   370  C C   . PRO A 1 49  ? 13.053  11.587  -12.510 1.00 25.58 ? 1495 PRO A C   1 
ATOM   371  O O   . PRO A 1 49  ? 13.314  11.921  -11.362 1.00 26.33 ? 1495 PRO A O   1 
ATOM   372  C CB  . PRO A 1 49  ? 14.966  11.119  -14.071 1.00 26.16 ? 1495 PRO A CB  1 
ATOM   373  C CG  . PRO A 1 49  ? 14.494  10.966  -15.456 1.00 26.61 ? 1495 PRO A CG  1 
ATOM   374  C CD  . PRO A 1 49  ? 13.701  9.709   -15.484 1.00 27.07 ? 1495 PRO A CD  1 
ATOM   375  N N   . GLU A 1 50  ? 12.076  12.136  -13.223 1.00 25.14 ? 1496 GLU A N   1 
ATOM   376  C CA  . GLU A 1 50  ? 11.204  13.191  -12.686 1.00 25.43 ? 1496 GLU A CA  1 
ATOM   377  C C   . GLU A 1 50  ? 10.311  12.740  -11.532 1.00 24.25 ? 1496 GLU A C   1 
ATOM   378  O O   . GLU A 1 50  ? 9.927   13.542  -10.682 1.00 24.05 ? 1496 GLU A O   1 
ATOM   379  C CB  . GLU A 1 50  ? 10.366  13.783  -13.805 1.00 25.58 ? 1496 GLU A CB  1 
ATOM   380  C CG  . GLU A 1 50  ? 11.203  14.520  -14.830 1.00 28.70 ? 1496 GLU A CG  1 
ATOM   381  C CD  . GLU A 1 50  ? 10.398  15.001  -16.018 1.00 32.63 ? 1496 GLU A CD  1 
ATOM   382  O OE1 . GLU A 1 50  ? 11.030  15.341  -17.042 1.00 35.54 ? 1496 GLU A OE1 1 
ATOM   383  O OE2 . GLU A 1 50  ? 9.148   15.033  -15.934 1.00 34.57 ? 1496 GLU A OE2 1 
ATOM   384  N N   . TYR A 1 51  ? 9.982   11.450  -11.499 1.00 23.56 ? 1497 TYR A N   1 
ATOM   385  C CA  . TYR A 1 51  ? 9.248   10.918  -10.361 1.00 23.12 ? 1497 TYR A CA  1 
ATOM   386  C C   . TYR A 1 51  ? 10.077  11.097  -9.097  1.00 22.72 ? 1497 TYR A C   1 
ATOM   387  O O   . TYR A 1 51  ? 9.569   11.565  -8.080  1.00 21.90 ? 1497 TYR A O   1 
ATOM   388  C CB  . TYR A 1 51  ? 8.916   9.436   -10.565 1.00 22.11 ? 1497 TYR A CB  1 
ATOM   389  C CG  . TYR A 1 51  ? 8.068   8.857   -9.455  1.00 20.52 ? 1497 TYR A CG  1 
ATOM   390  C CD1 . TYR A 1 51  ? 8.646   8.292   -8.311  1.00 19.01 ? 1497 TYR A CD1 1 
ATOM   391  C CD2 . TYR A 1 51  ? 6.679   8.889   -9.542  1.00 20.69 ? 1497 TYR A CD2 1 
ATOM   392  C CE1 . TYR A 1 51  ? 7.836   7.769   -7.281  1.00 19.57 ? 1497 TYR A CE1 1 
ATOM   393  C CE2 . TYR A 1 51  ? 5.873   8.376   -8.538  1.00 20.68 ? 1497 TYR A CE2 1 
ATOM   394  C CZ  . TYR A 1 51  ? 6.450   7.823   -7.413  1.00 20.58 ? 1497 TYR A CZ  1 
ATOM   395  O OH  . TYR A 1 51  ? 5.612   7.330   -6.433  1.00 19.79 ? 1497 TYR A OH  1 
ATOM   396  N N   . TYR A 1 52  ? 11.359  10.738  -9.186  1.00 23.39 ? 1498 TYR A N   1 
ATOM   397  C CA  . TYR A 1 52  ? 12.257  10.828  -8.046  1.00 24.04 ? 1498 TYR A CA  1 
ATOM   398  C C   . TYR A 1 52  ? 12.718  12.254  -7.737  1.00 25.08 ? 1498 TYR A C   1 
ATOM   399  O O   . TYR A 1 52  ? 13.318  12.489  -6.690  1.00 26.13 ? 1498 TYR A O   1 
ATOM   400  C CB  . TYR A 1 52  ? 13.434  9.856   -8.204  1.00 23.37 ? 1498 TYR A CB  1 
ATOM   401  C CG  . TYR A 1 52  ? 12.951  8.425   -8.288  1.00 22.14 ? 1498 TYR A CG  1 
ATOM   402  C CD1 . TYR A 1 52  ? 12.486  7.894   -9.495  1.00 22.78 ? 1498 TYR A CD1 1 
ATOM   403  C CD2 . TYR A 1 52  ? 12.915  7.616   -7.148  1.00 22.88 ? 1498 TYR A CD2 1 
ATOM   404  C CE1 . TYR A 1 52  ? 12.002  6.579   -9.574  1.00 20.02 ? 1498 TYR A CE1 1 
ATOM   405  C CE2 . TYR A 1 52  ? 12.452  6.299   -7.215  1.00 23.02 ? 1498 TYR A CE2 1 
ATOM   406  C CZ  . TYR A 1 52  ? 11.993  5.795   -8.430  1.00 21.24 ? 1498 TYR A CZ  1 
ATOM   407  O OH  . TYR A 1 52  ? 11.527  4.501   -8.493  1.00 21.77 ? 1498 TYR A OH  1 
ATOM   408  N N   . GLU A 1 53  ? 12.423  13.194  -8.632  1.00 26.08 ? 1499 GLU A N   1 
ATOM   409  C CA  . GLU A 1 53  ? 12.627  14.610  -8.318  1.00 27.38 ? 1499 GLU A CA  1 
ATOM   410  C C   . GLU A 1 53  ? 11.524  15.115  -7.386  1.00 26.66 ? 1499 GLU A C   1 
ATOM   411  O O   . GLU A 1 53  ? 11.804  15.868  -6.449  1.00 27.81 ? 1499 GLU A O   1 
ATOM   412  C CB  . GLU A 1 53  ? 12.760  15.462  -9.592  1.00 27.58 ? 1499 GLU A CB  1 
ATOM   413  C CG  . GLU A 1 53  ? 14.049  15.162  -10.388 1.00 29.24 ? 1499 GLU A CG  1 
ATOM   414  C CD  . GLU A 1 53  ? 14.241  16.063  -11.605 1.00 29.73 ? 1499 GLU A CD  1 
ATOM   415  O OE1 . GLU A 1 53  ? 14.523  15.529  -12.708 1.00 34.02 ? 1499 GLU A OE1 1 
ATOM   416  O OE2 . GLU A 1 53  ? 14.109  17.302  -11.467 1.00 32.86 ? 1499 GLU A OE2 1 
ATOM   417  N N   . LEU A 1 54  ? 10.289  14.655  -7.608  1.00 25.45 ? 1500 LEU A N   1 
ATOM   418  C CA  . LEU A 1 54  ? 9.130   15.136  -6.857  1.00 24.37 ? 1500 LEU A CA  1 
ATOM   419  C C   . LEU A 1 54  ? 8.789   14.297  -5.627  1.00 23.37 ? 1500 LEU A C   1 
ATOM   420  O O   . LEU A 1 54  ? 8.294   14.808  -4.640  1.00 24.25 ? 1500 LEU A O   1 
ATOM   421  C CB  . LEU A 1 54  ? 7.900   15.229  -7.765  1.00 24.32 ? 1500 LEU A CB  1 
ATOM   422  N N   . ILE A 1 55  ? 9.046   12.997  -5.684  1.00 21.56 ? 1501 ILE A N   1 
ATOM   423  C CA  . ILE A 1 55  ? 8.605   12.120  -4.594  1.00 20.00 ? 1501 ILE A CA  1 
ATOM   424  C C   . ILE A 1 55  ? 9.805   11.714  -3.745  1.00 19.70 ? 1501 ILE A C   1 
ATOM   425  O O   . ILE A 1 55  ? 10.640  10.945  -4.208  1.00 20.12 ? 1501 ILE A O   1 
ATOM   426  C CB  . ILE A 1 55  ? 7.875   10.877  -5.152  1.00 19.29 ? 1501 ILE A CB  1 
ATOM   427  C CG1 . ILE A 1 55  ? 6.645   11.287  -5.978  1.00 19.78 ? 1501 ILE A CG1 1 
ATOM   428  C CG2 . ILE A 1 55  ? 7.498   9.889   -4.033  1.00 18.56 ? 1501 ILE A CG2 1 
ATOM   429  C CD1 . ILE A 1 55  ? 5.686   12.204  -5.235  1.00 17.73 ? 1501 ILE A CD1 1 
ATOM   430  N N   . ARG A 1 56  ? 9.886   12.250  -2.528  1.00 19.40 ? 1502 ARG A N   1 
ATOM   431  C CA  . ARG A 1 56  ? 11.086  12.095  -1.706  1.00 19.69 ? 1502 ARG A CA  1 
ATOM   432  C C   . ARG A 1 56  ? 11.169  10.768  -0.964  1.00 19.23 ? 1502 ARG A C   1 
ATOM   433  O O   . ARG A 1 56  ? 12.276  10.308  -0.643  1.00 20.57 ? 1502 ARG A O   1 
ATOM   434  C CB  . ARG A 1 56  ? 11.242  13.267  -0.731  1.00 19.78 ? 1502 ARG A CB  1 
ATOM   435  N N   . LYS A 1 57  ? 10.018  10.158  -0.679  1.00 19.47 ? 1503 LYS A N   1 
ATOM   436  C CA  . LYS A 1 57  ? 9.967   8.849   -0.004  1.00 18.64 ? 1503 LYS A CA  1 
ATOM   437  C C   . LYS A 1 57  ? 9.128   7.820   -0.787  1.00 18.34 ? 1503 LYS A C   1 
ATOM   438  O O   . LYS A 1 57  ? 8.011   7.492   -0.380  1.00 17.41 ? 1503 LYS A O   1 
ATOM   439  C CB  . LYS A 1 57  ? 9.471   8.992   1.443   1.00 19.35 ? 1503 LYS A CB  1 
ATOM   440  C CG  . LYS A 1 57  ? 10.624  9.211   2.453   1.00 21.94 ? 1503 LYS A CG  1 
ATOM   441  C CD  . LYS A 1 57  ? 10.151  9.772   3.775   1.00 24.69 ? 1503 LYS A CD  1 
ATOM   442  C CE  . LYS A 1 57  ? 11.366  9.986   4.683   1.00 26.93 ? 1503 LYS A CE  1 
ATOM   443  N NZ  . LYS A 1 57  ? 11.207  11.117  5.644   1.00 30.34 ? 1503 LYS A NZ  1 
ATOM   444  N N   . PRO A 1 58  ? 9.689   7.292   -1.895  1.00 17.54 ? 1504 PRO A N   1 
ATOM   445  C CA  . PRO A 1 58  ? 8.858   6.426   -2.746  1.00 17.45 ? 1504 PRO A CA  1 
ATOM   446  C C   . PRO A 1 58  ? 8.528   5.133   -2.030  1.00 16.41 ? 1504 PRO A C   1 
ATOM   447  O O   . PRO A 1 58  ? 9.322   4.645   -1.215  1.00 16.83 ? 1504 PRO A O   1 
ATOM   448  C CB  . PRO A 1 58  ? 9.761   6.140   -3.948  1.00 17.02 ? 1504 PRO A CB  1 
ATOM   449  C CG  . PRO A 1 58  ? 10.850  7.204   -3.912  1.00 18.12 ? 1504 PRO A CG  1 
ATOM   450  C CD  . PRO A 1 58  ? 11.049  7.439   -2.442  1.00 18.65 ? 1504 PRO A CD  1 
ATOM   451  N N   . VAL A 1 59  ? 7.352   4.589   -2.320  1.00 15.69 ? 1505 VAL A N   1 
ATOM   452  C CA  . VAL A 1 59  ? 6.987   3.276   -1.782  1.00 15.33 ? 1505 VAL A CA  1 
ATOM   453  C C   . VAL A 1 59  ? 6.090   2.592   -2.797  1.00 14.87 ? 1505 VAL A C   1 
ATOM   454  O O   . VAL A 1 59  ? 5.286   3.248   -3.465  1.00 14.05 ? 1505 VAL A O   1 
ATOM   455  C CB  . VAL A 1 59  ? 6.295   3.429   -0.412  1.00 16.30 ? 1505 VAL A CB  1 
ATOM   456  C CG1 . VAL A 1 59  ? 5.071   4.321   -0.512  1.00 15.54 ? 1505 VAL A CG1 1 
ATOM   457  C CG2 . VAL A 1 59  ? 5.940   2.066   0.194   1.00 17.08 ? 1505 VAL A CG2 1 
ATOM   458  N N   . ASP A 1 60  ? 6.245   1.279   -2.910  1.00 13.30 ? 1506 ASP A N   1 
ATOM   459  C CA  . ASP A 1 60  ? 5.317   0.475   -3.676  1.00 12.87 ? 1506 ASP A CA  1 
ATOM   460  C C   . ASP A 1 60  ? 4.873   -0.739  -2.844  1.00 11.80 ? 1506 ASP A C   1 
ATOM   461  O O   . ASP A 1 60  ? 5.386   -0.946  -1.714  1.00 11.13 ? 1506 ASP A O   1 
ATOM   462  C CB  . ASP A 1 60  ? 5.955   0.038   -5.005  1.00 13.04 ? 1506 ASP A CB  1 
ATOM   463  C CG  . ASP A 1 60  ? 7.317   -0.625  -4.827  1.00 14.05 ? 1506 ASP A CG  1 
ATOM   464  O OD1 . ASP A 1 60  ? 7.585   -1.191  -3.741  1.00 15.54 ? 1506 ASP A OD1 1 
ATOM   465  O OD2 . ASP A 1 60  ? 8.154   -0.643  -5.767  1.00 14.72 ? 1506 ASP A OD2 1 
ATOM   466  N N   . PHE A 1 61  ? 3.949   -1.540  -3.358  1.00 11.99 ? 1507 PHE A N   1 
ATOM   467  C CA  . PHE A 1 61  ? 3.516   -2.704  -2.564  1.00 10.60 ? 1507 PHE A CA  1 
ATOM   468  C C   . PHE A 1 61  ? 4.612   -3.752  -2.374  1.00 11.73 ? 1507 PHE A C   1 
ATOM   469  O O   . PHE A 1 61  ? 4.603   -4.476  -1.363  1.00 12.43 ? 1507 PHE A O   1 
ATOM   470  C CB  . PHE A 1 61  ? 2.233   -3.310  -3.096  1.00 9.92  ? 1507 PHE A CB  1 
ATOM   471  C CG  . PHE A 1 61  ? 1.021   -2.530  -2.733  1.00 9.12  ? 1507 PHE A CG  1 
ATOM   472  C CD1 . PHE A 1 61  ? 0.363   -1.768  -3.685  1.00 10.19 ? 1507 PHE A CD1 1 
ATOM   473  C CD2 . PHE A 1 61  ? 0.563   -2.507  -1.412  1.00 12.36 ? 1507 PHE A CD2 1 
ATOM   474  C CE1 . PHE A 1 61  ? -0.795  -1.043  -3.351  1.00 11.40 ? 1507 PHE A CE1 1 
ATOM   475  C CE2 . PHE A 1 61  ? -0.595  -1.780  -1.064  1.00 13.68 ? 1507 PHE A CE2 1 
ATOM   476  C CZ  . PHE A 1 61  ? -1.257  -1.025  -2.031  1.00 12.89 ? 1507 PHE A CZ  1 
ATOM   477  N N   . LYS A 1 62  ? 5.582   -3.836  -3.291  1.00 11.78 ? 1508 LYS A N   1 
ATOM   478  C CA  . LYS A 1 62  ? 6.737   -4.745  -3.063  1.00 13.14 ? 1508 LYS A CA  1 
ATOM   479  C C   . LYS A 1 62  ? 7.481   -4.336  -1.797  1.00 13.52 ? 1508 LYS A C   1 
ATOM   480  O O   . LYS A 1 62  ? 7.796   -5.178  -0.944  1.00 12.87 ? 1508 LYS A O   1 
ATOM   481  C CB  . LYS A 1 62  ? 7.705   -4.768  -4.255  1.00 14.79 ? 1508 LYS A CB  1 
ATOM   482  C CG  . LYS A 1 62  ? 7.232   -5.600  -5.429  1.00 17.96 ? 1508 LYS A CG  1 
ATOM   483  C CD  . LYS A 1 62  ? 8.230   -5.543  -6.573  1.00 22.30 ? 1508 LYS A CD  1 
ATOM   484  N N   . LYS A 1 63  ? 7.711   -3.032  -1.631  1.00 12.43 ? 1509 LYS A N   1 
ATOM   485  C CA  . LYS A 1 63  ? 8.397   -2.530  -0.403  1.00 12.68 ? 1509 LYS A CA  1 
ATOM   486  C C   . LYS A 1 63  ? 7.559   -2.781  0.846   1.00 12.49 ? 1509 LYS A C   1 
ATOM   487  O O   . LYS A 1 63  ? 8.087   -3.137  1.915   1.00 12.78 ? 1509 LYS A O   1 
ATOM   488  C CB  . LYS A 1 63  ? 8.692   -1.030  -0.496  1.00 13.43 ? 1509 LYS A CB  1 
ATOM   489  C CG  . LYS A 1 63  ? 9.735   -0.643  -1.495  1.00 18.64 ? 1509 LYS A CG  1 
ATOM   490  C CD  . LYS A 1 63  ? 10.203  0.766   -1.212  1.00 22.58 ? 1509 LYS A CD  1 
ATOM   491  C CE  . LYS A 1 63  ? 10.735  1.427   -2.458  1.00 24.03 ? 1509 LYS A CE  1 
ATOM   492  N NZ  . LYS A 1 63  ? 11.529  2.642   -2.110  1.00 25.79 ? 1509 LYS A NZ  1 
ATOM   493  N N   . ILE A 1 64  ? 6.254   -2.568  0.739   1.00 11.42 ? 1510 ILE A N   1 
ATOM   494  C CA  . ILE A 1 64  ? 5.381   -2.757  1.880   1.00 11.52 ? 1510 ILE A CA  1 
ATOM   495  C C   . ILE A 1 64  ? 5.429   -4.236  2.319   1.00 11.71 ? 1510 ILE A C   1 
ATOM   496  O O   . ILE A 1 64  ? 5.576   -4.542  3.532   1.00 10.64 ? 1510 ILE A O   1 
ATOM   497  C CB  . ILE A 1 64  ? 3.948   -2.278  1.549   1.00 11.61 ? 1510 ILE A CB  1 
ATOM   498  C CG1 . ILE A 1 64  ? 3.924   -0.743  1.482   1.00 12.90 ? 1510 ILE A CG1 1 
ATOM   499  C CG2 . ILE A 1 64  ? 2.970   -2.815  2.562   1.00 12.63 ? 1510 ILE A CG2 1 
ATOM   500  C CD1 . ILE A 1 64  ? 2.591   -0.092  1.043   1.00 12.90 ? 1510 ILE A CD1 1 
ATOM   501  N N   . LYS A 1 65  ? 5.345   -5.157  1.364   1.00 10.97 ? 1511 LYS A N   1 
ATOM   502  C CA  . LYS A 1 65  ? 5.435   -6.589  1.717   1.00 12.26 ? 1511 LYS A CA  1 
ATOM   503  C C   . LYS A 1 65  ? 6.783   -6.959  2.376   1.00 12.80 ? 1511 LYS A C   1 
ATOM   504  O O   . LYS A 1 65  ? 6.828   -7.788  3.295   1.00 12.02 ? 1511 LYS A O   1 
ATOM   505  C CB  . LYS A 1 65  ? 5.139   -7.484  0.515   1.00 11.97 ? 1511 LYS A CB  1 
ATOM   506  C CG  . LYS A 1 65  ? 3.685   -7.511  0.141   1.00 13.15 ? 1511 LYS A CG  1 
ATOM   507  C CD  . LYS A 1 65  ? 3.400   -8.381  -1.093  1.00 13.21 ? 1511 LYS A CD  1 
ATOM   508  C CE  . LYS A 1 65  ? 1.934   -8.353  -1.439  1.00 17.84 ? 1511 LYS A CE  1 
ATOM   509  N NZ  . LYS A 1 65  ? 1.679   -9.212  -2.640  1.00 19.26 ? 1511 LYS A NZ  1 
ATOM   510  N N   . GLU A 1 66  ? 7.863   -6.365  1.893   1.00 12.72 ? 1512 GLU A N   1 
ATOM   511  C CA  . GLU A 1 66  ? 9.195   -6.509  2.487   1.00 14.38 ? 1512 GLU A CA  1 
ATOM   512  C C   . GLU A 1 66  ? 9.218   -6.059  3.936   1.00 13.70 ? 1512 GLU A C   1 
ATOM   513  O O   . GLU A 1 66  ? 9.766   -6.746  4.825   1.00 13.21 ? 1512 GLU A O   1 
ATOM   514  C CB  . GLU A 1 66  ? 10.189  -5.670  1.684   1.00 14.69 ? 1512 GLU A CB  1 
ATOM   515  C CG  . GLU A 1 66  ? 11.652  -5.761  2.156   1.00 18.93 ? 1512 GLU A CG  1 
ATOM   516  C CD  . GLU A 1 66  ? 12.546  -4.753  1.468   1.00 19.33 ? 1512 GLU A CD  1 
ATOM   517  O OE1 . GLU A 1 66  ? 13.555  -4.330  2.069   1.00 26.52 ? 1512 GLU A OE1 1 
ATOM   518  O OE2 . GLU A 1 66  ? 12.250  -4.368  0.318   1.00 26.63 ? 1512 GLU A OE2 1 
ATOM   519  N N   . ARG A 1 67  ? 8.620   -4.895  4.190   1.00 12.61 ? 1513 ARG A N   1 
ATOM   520  C CA  . ARG A 1 67  ? 8.618   -4.285  5.513   1.00 12.64 ? 1513 ARG A CA  1 
ATOM   521  C C   . ARG A 1 67  ? 7.750   -5.056  6.511   1.00 12.82 ? 1513 ARG A C   1 
ATOM   522  O O   . ARG A 1 67  ? 8.007   -5.025  7.719   1.00 13.33 ? 1513 ARG A O   1 
ATOM   523  C CB  . ARG A 1 67  ? 8.221   -2.817  5.396   1.00 12.37 ? 1513 ARG A CB  1 
ATOM   524  C CG  . ARG A 1 67  ? 9.319   -1.989  4.737   1.00 13.03 ? 1513 ARG A CG  1 
ATOM   525  C CD  . ARG A 1 67  ? 8.849   -0.597  4.360   1.00 16.36 ? 1513 ARG A CD  1 
ATOM   526  N NE  . ARG A 1 67  ? 9.984   0.206   3.882   1.00 19.32 ? 1513 ARG A NE  1 
ATOM   527  C CZ  . ARG A 1 67  ? 9.885   1.391   3.278   1.00 21.55 ? 1513 ARG A CZ  1 
ATOM   528  N NH1 . ARG A 1 67  ? 8.705   1.952   3.057   1.00 21.13 ? 1513 ARG A NH1 1 
ATOM   529  N NH2 . ARG A 1 67  ? 10.988  2.023   2.886   1.00 24.23 ? 1513 ARG A NH2 1 
ATOM   530  N N   . ILE A 1 68  ? 6.724   -5.728  6.008   1.00 11.57 ? 1514 ILE A N   1 
ATOM   531  C CA  . ILE A 1 68  ? 5.991   -6.717  6.796   1.00 11.80 ? 1514 ILE A CA  1 
ATOM   532  C C   . ILE A 1 68  ? 6.854   -7.917  7.123   1.00 12.39 ? 1514 ILE A C   1 
ATOM   533  O O   . ILE A 1 68  ? 6.978   -8.284  8.300   1.00 13.33 ? 1514 ILE A O   1 
ATOM   534  C CB  . ILE A 1 68  ? 4.703   -7.191  6.103   1.00 9.90  ? 1514 ILE A CB  1 
ATOM   535  C CG1 . ILE A 1 68  ? 3.677   -6.038  6.015   1.00 11.31 ? 1514 ILE A CG1 1 
ATOM   536  C CG2 . ILE A 1 68  ? 4.094   -8.386  6.865   1.00 11.92 ? 1514 ILE A CG2 1 
ATOM   537  C CD1 . ILE A 1 68  ? 2.512   -6.323  5.094   1.00 9.03  ? 1514 ILE A CD1 1 
ATOM   538  N N   . ARG A 1 69  ? 7.473   -8.502  6.102   1.00 12.78 ? 1515 ARG A N   1 
ATOM   539  C CA  . ARG A 1 69  ? 8.247   -9.737  6.272   1.00 13.37 ? 1515 ARG A CA  1 
ATOM   540  C C   . ARG A 1 69  ? 9.412   -9.536  7.231   1.00 13.51 ? 1515 ARG A C   1 
ATOM   541  O O   . ARG A 1 69  ? 9.760   -10.470 7.990   1.00 13.85 ? 1515 ARG A O   1 
ATOM   542  C CB  . ARG A 1 69  ? 8.768   -10.251 4.923   1.00 14.30 ? 1515 ARG A CB  1 
ATOM   543  C CG  . ARG A 1 69  ? 9.084   -11.720 4.941   1.00 17.41 ? 1515 ARG A CG  1 
ATOM   544  N N   . ASN A 1 70  ? 10.026  -8.350  7.173   1.00 12.60 ? 1516 ASN A N   1 
ATOM   545  C CA  . ASN A 1 70  ? 11.210  -8.040  7.984   1.00 13.90 ? 1516 ASN A CA  1 
ATOM   546  C C   . ASN A 1 70  ? 10.898  -7.348  9.319   1.00 12.65 ? 1516 ASN A C   1 
ATOM   547  O O   . ASN A 1 70  ? 11.801  -6.919  10.056  1.00 14.10 ? 1516 ASN A O   1 
ATOM   548  C CB  . ASN A 1 70  ? 12.236  -7.264  7.164   1.00 15.41 ? 1516 ASN A CB  1 
ATOM   549  C CG  . ASN A 1 70  ? 12.688  -8.038  5.940   1.00 18.64 ? 1516 ASN A CG  1 
ATOM   550  O OD1 . ASN A 1 70  ? 12.848  -9.261  5.987   1.00 23.32 ? 1516 ASN A OD1 1 
ATOM   551  N ND2 . ASN A 1 70  ? 12.855  -7.336  4.819   1.00 23.52 ? 1516 ASN A ND2 1 
ATOM   552  N N   . HIS A 1 71  ? 9.609   -7.282  9.638   1.00 12.89 ? 1517 HIS A N   1 
ATOM   553  C CA  . HIS A 1 71  ? 9.129   -6.766  10.927  1.00 11.50 ? 1517 HIS A CA  1 
ATOM   554  C C   . HIS A 1 71  ? 9.427   -5.289  11.144  1.00 12.01 ? 1517 HIS A C   1 
ATOM   555  O O   . HIS A 1 71  ? 9.498   -4.807  12.297  1.00 11.37 ? 1517 HIS A O   1 
ATOM   556  C CB  . HIS A 1 71  ? 9.698   -7.593  12.105  1.00 12.52 ? 1517 HIS A CB  1 
ATOM   557  C CG  . HIS A 1 71  ? 9.701   -9.067  11.858  1.00 13.76 ? 1517 HIS A CG  1 
ATOM   558  N ND1 . HIS A 1 71  ? 8.543   -9.808  11.787  1.00 13.26 ? 1517 HIS A ND1 1 
ATOM   559  C CD2 . HIS A 1 71  ? 10.719  -9.933  11.625  1.00 14.70 ? 1517 HIS A CD2 1 
ATOM   560  C CE1 . HIS A 1 71  ? 8.843   -11.071 11.527  1.00 15.74 ? 1517 HIS A CE1 1 
ATOM   561  N NE2 . HIS A 1 71  ? 10.158  -11.176 11.434  1.00 14.72 ? 1517 HIS A NE2 1 
ATOM   562  N N   . LYS A 1 72  ? 9.540   -4.524  10.056  1.00 11.87 ? 1518 LYS A N   1 
ATOM   563  C CA  . LYS A 1 72  ? 9.795   -3.103  10.201  1.00 12.16 ? 1518 LYS A CA  1 
ATOM   564  C C   . LYS A 1 72  ? 8.573   -2.410  10.843  1.00 11.18 ? 1518 LYS A C   1 
ATOM   565  O O   . LYS A 1 72  ? 8.680   -1.619  11.789  1.00 12.63 ? 1518 LYS A O   1 
ATOM   566  C CB  . LYS A 1 72  ? 10.126  -2.452  8.843   1.00 12.51 ? 1518 LYS A CB  1 
ATOM   567  C CG  . LYS A 1 72  ? 10.542  -0.989  8.973   1.00 17.03 ? 1518 LYS A CG  1 
ATOM   568  C CD  . LYS A 1 72  ? 10.683  -0.303  7.635   1.00 23.30 ? 1518 LYS A CD  1 
ATOM   569  C CE  . LYS A 1 72  ? 11.479  0.979   7.760   1.00 25.05 ? 1518 LYS A CE  1 
ATOM   570  N NZ  . LYS A 1 72  ? 11.444  1.759   6.484   1.00 27.99 ? 1518 LYS A NZ  1 
ATOM   571  N N   . TYR A 1 73  ? 7.394   -2.734  10.332  1.00 10.57 ? 1519 TYR A N   1 
ATOM   572  C CA  . TYR A 1 73  ? 6.160   -2.247  10.947  1.00 9.83  ? 1519 TYR A CA  1 
ATOM   573  C C   . TYR A 1 73  ? 5.962   -2.957  12.287  1.00 9.78  ? 1519 TYR A C   1 
ATOM   574  O O   . TYR A 1 73  ? 6.034   -4.187  12.346  1.00 11.74 ? 1519 TYR A O   1 
ATOM   575  C CB  . TYR A 1 73  ? 4.957   -2.519  10.044  1.00 9.24  ? 1519 TYR A CB  1 
ATOM   576  C CG  . TYR A 1 73  ? 5.072   -2.031  8.618   1.00 10.40 ? 1519 TYR A CG  1 
ATOM   577  C CD1 . TYR A 1 73  ? 4.653   -2.830  7.586   1.00 11.76 ? 1519 TYR A CD1 1 
ATOM   578  C CD2 . TYR A 1 73  ? 5.595   -0.779  8.337   1.00 10.37 ? 1519 TYR A CD2 1 
ATOM   579  C CE1 . TYR A 1 73  ? 4.726   -2.378  6.259   1.00 11.03 ? 1519 TYR A CE1 1 
ATOM   580  C CE2 . TYR A 1 73  ? 5.656   -0.297  7.035   1.00 9.88  ? 1519 TYR A CE2 1 
ATOM   581  C CZ  . TYR A 1 73  ? 5.252   -1.100  6.017   1.00 10.99 ? 1519 TYR A CZ  1 
ATOM   582  O OH  . TYR A 1 73  ? 5.370   -0.619  4.730   1.00 10.31 ? 1519 TYR A OH  1 
ATOM   583  N N   . ARG A 1 74  ? 5.712   -2.179  13.338  1.00 9.95  ? 1520 ARG A N   1 
ATOM   584  C CA  . ARG A 1 74  ? 5.493   -2.757  14.688  1.00 10.21 ? 1520 ARG A CA  1 
ATOM   585  C C   . ARG A 1 74  ? 4.029   -2.721  15.127  1.00 11.11 ? 1520 ARG A C   1 
ATOM   586  O O   . ARG A 1 74  ? 3.674   -3.144  16.239  1.00 11.36 ? 1520 ARG A O   1 
ATOM   587  C CB  . ARG A 1 74  ? 6.376   -2.048  15.695  1.00 10.39 ? 1520 ARG A CB  1 
ATOM   588  C CG  . ARG A 1 74  ? 7.855   -1.989  15.297  1.00 10.96 ? 1520 ARG A CG  1 
ATOM   589  C CD  . ARG A 1 74  ? 8.396   -3.367  14.970  1.00 12.38 ? 1520 ARG A CD  1 
ATOM   590  N NE  . ARG A 1 74  ? 8.439   -4.271  16.137  1.00 14.59 ? 1520 ARG A NE  1 
ATOM   591  C CZ  . ARG A 1 74  ? 8.911   -5.513  16.094  1.00 14.58 ? 1520 ARG A CZ  1 
ATOM   592  N NH1 . ARG A 1 74  ? 9.396   -6.011  14.969  1.00 14.62 ? 1520 ARG A NH1 1 
ATOM   593  N NH2 . ARG A 1 74  ? 8.927   -6.252  17.203  1.00 16.10 ? 1520 ARG A NH2 1 
ATOM   594  N N   . SER A 1 75  ? 3.169   -2.218  14.244  1.00 10.67 ? 1521 SER A N   1 
ATOM   595  C CA  . SER A 1 75  ? 1.755   -1.999  14.519  1.00 10.52 ? 1521 SER A CA  1 
ATOM   596  C C   . SER A 1 75  ? 1.010   -1.864  13.179  1.00 9.99  ? 1521 SER A C   1 
ATOM   597  O O   . SER A 1 75  ? 1.657   -1.597  12.131  1.00 10.48 ? 1521 SER A O   1 
ATOM   598  C CB  . SER A 1 75  ? 1.594   -0.723  15.347  1.00 12.04 ? 1521 SER A CB  1 
ATOM   599  O OG  . SER A 1 75  ? 1.925   0.403   14.536  1.00 13.28 ? 1521 SER A OG  1 
ATOM   600  N N   . LEU A 1 76  ? -0.314  -2.057  13.194  1.00 10.94 ? 1522 LEU A N   1 
ATOM   601  C CA  . LEU A 1 76  ? -1.098  -1.796  11.994  1.00 10.57 ? 1522 LEU A CA  1 
ATOM   602  C C   . LEU A 1 76  ? -1.031  -0.301  11.660  1.00 11.38 ? 1522 LEU A C   1 
ATOM   603  O O   . LEU A 1 76  ? -1.055  0.074   10.482  1.00 11.07 ? 1522 LEU A O   1 
ATOM   604  C CB  . LEU A 1 76  ? -2.540  -2.288  12.137  1.00 10.37 ? 1522 LEU A CB  1 
ATOM   605  C CG  . LEU A 1 76  ? -2.774  -3.781  12.267  1.00 12.33 ? 1522 LEU A CG  1 
ATOM   606  C CD1 . LEU A 1 76  ? -4.261  -4.118  12.162  1.00 13.25 ? 1522 LEU A CD1 1 
ATOM   607  C CD2 . LEU A 1 76  ? -1.958  -4.565  11.230  1.00 10.05 ? 1522 LEU A CD2 1 
ATOM   608  N N   . ASN A 1 77  ? -0.922  0.570   12.662  1.00 9.78  ? 1523 ASN A N   1 
ATOM   609  C CA  . ASN A 1 77  ? -0.735  2.004   12.357  1.00 11.05 ? 1523 ASN A CA  1 
ATOM   610  C C   . ASN A 1 77  ? 0.490   2.256   11.472  1.00 11.58 ? 1523 ASN A C   1 
ATOM   611  O O   . ASN A 1 77  ? 0.411   3.042   10.514  1.00 12.43 ? 1523 ASN A O   1 
ATOM   612  C CB  . ASN A 1 77  ? -0.597  2.793   13.663  1.00 12.45 ? 1523 ASN A CB  1 
ATOM   613  C CG  . ASN A 1 77  ? -0.489  4.280   13.428  1.00 13.86 ? 1523 ASN A CG  1 
ATOM   614  O OD1 . ASN A 1 77  ? 0.532   4.906   13.747  1.00 17.95 ? 1523 ASN A OD1 1 
ATOM   615  N ND2 . ASN A 1 77  ? -1.521  4.841   12.826  1.00 15.68 ? 1523 ASN A ND2 1 
ATOM   616  N N   . ASP A 1 78  ? 1.601   1.576   11.756  1.00 10.36 ? 1524 ASP A N   1 
ATOM   617  C CA  . ASP A 1 78  ? 2.848   1.700   10.970  1.00 10.48 ? 1524 ASP A CA  1 
ATOM   618  C C   . ASP A 1 78  ? 2.572   1.261   9.535   1.00 10.48 ? 1524 ASP A C   1 
ATOM   619  O O   . ASP A 1 78  ? 2.929   1.977   8.588   1.00 10.95 ? 1524 ASP A O   1 
ATOM   620  C CB  . ASP A 1 78  ? 3.981   0.847   11.531  1.00 11.46 ? 1524 ASP A CB  1 
ATOM   621  C CG  . ASP A 1 78  ? 4.567   1.414   12.804  1.00 11.48 ? 1524 ASP A CG  1 
ATOM   622  O OD1 . ASP A 1 78  ? 4.359   2.596   13.098  1.00 14.12 ? 1524 ASP A OD1 1 
ATOM   623  O OD2 . ASP A 1 78  ? 5.259   0.659   13.518  1.00 14.05 ? 1524 ASP A OD2 1 
ATOM   624  N N   . LEU A 1 79  ? 1.941   0.101   9.369   1.00 9.84  ? 1525 LEU A N   1 
ATOM   625  C CA  . LEU A 1 79  ? 1.622   -0.394  8.034   1.00 10.04 ? 1525 LEU A CA  1 
ATOM   626  C C   . LEU A 1 79  ? 0.740   0.631   7.327   1.00 10.91 ? 1525 LEU A C   1 
ATOM   627  O O   . LEU A 1 79  ? 1.012   0.971   6.162   1.00 11.08 ? 1525 LEU A O   1 
ATOM   628  C CB  . LEU A 1 79  ? 0.961   -1.771  8.116   1.00 10.59 ? 1525 LEU A CB  1 
ATOM   629  C CG  . LEU A 1 79  ? 0.215   -2.187  6.839   1.00 9.73  ? 1525 LEU A CG  1 
ATOM   630  C CD1 . LEU A 1 79  ? 1.177   -2.409  5.667   1.00 10.97 ? 1525 LEU A CD1 1 
ATOM   631  C CD2 . LEU A 1 79  ? -0.580  -3.424  7.120   1.00 11.89 ? 1525 LEU A CD2 1 
ATOM   632  N N   . GLU A 1 80  ? -0.321  1.072   8.001   1.00 10.43 ? 1526 GLU A N   1 
ATOM   633  C CA  . GLU A 1 80  ? -1.288  1.994   7.409   1.00 11.53 ? 1526 GLU A CA  1 
ATOM   634  C C   . GLU A 1 80  ? -0.631  3.243   6.903   1.00 12.54 ? 1526 GLU A C   1 
ATOM   635  O O   . GLU A 1 80  ? -0.992  3.757   5.829   1.00 12.17 ? 1526 GLU A O   1 
ATOM   636  C CB  . GLU A 1 80  ? -2.348  2.374   8.439   1.00 13.06 ? 1526 GLU A CB  1 
ATOM   637  C CG  . GLU A 1 80  ? -3.272  3.522   7.947   1.00 13.65 ? 1526 GLU A CG  1 
ATOM   638  C CD  . GLU A 1 80  ? -4.667  3.467   8.565   1.00 16.65 ? 1526 GLU A CD  1 
ATOM   639  O OE1 . GLU A 1 80  ? -5.382  4.477   8.527   1.00 20.82 ? 1526 GLU A OE1 1 
ATOM   640  O OE2 . GLU A 1 80  ? -5.048  2.415   9.080   1.00 17.07 ? 1526 GLU A OE2 1 
ATOM   641  N N   . LYS A 1 81  ? 0.315   3.769   7.674   1.00 12.53 ? 1527 LYS A N   1 
ATOM   642  C CA  . LYS A 1 81  ? 1.012   4.982   7.268   1.00 12.66 ? 1527 LYS A CA  1 
ATOM   643  C C   . LYS A 1 81  ? 1.757   4.819   5.955   1.00 13.04 ? 1527 LYS A C   1 
ATOM   644  O O   . LYS A 1 81  ? 1.775   5.748   5.150   1.00 13.96 ? 1527 LYS A O   1 
ATOM   645  C CB  . LYS A 1 81  ? 1.978   5.430   8.343   1.00 14.17 ? 1527 LYS A CB  1 
ATOM   646  C CG  . LYS A 1 81  ? 1.324   6.173   9.466   1.00 17.16 ? 1527 LYS A CG  1 
ATOM   647  C CD  . LYS A 1 81  ? 2.374   6.309   10.514  1.00 22.26 ? 1527 LYS A CD  1 
ATOM   648  C CE  . LYS A 1 81  ? 2.325   7.601   11.261  1.00 25.91 ? 1527 LYS A CE  1 
ATOM   649  N NZ  . LYS A 1 81  ? 3.363   7.419   12.329  1.00 24.31 ? 1527 LYS A NZ  1 
ATOM   650  N N   . ASP A 1 82  ? 2.402   3.671   5.741   1.00 12.10 ? 1528 ASP A N   1 
ATOM   651  C CA  . ASP A 1 82  ? 3.092   3.454   4.487   1.00 11.79 ? 1528 ASP A CA  1 
ATOM   652  C C   . ASP A 1 82  ? 2.085   3.303   3.351   1.00 11.36 ? 1528 ASP A C   1 
ATOM   653  O O   . ASP A 1 82  ? 2.346   3.764   2.241   1.00 10.78 ? 1528 ASP A O   1 
ATOM   654  C CB  . ASP A 1 82  ? 4.030   2.245   4.569   1.00 11.89 ? 1528 ASP A CB  1 
ATOM   655  C CG  . ASP A 1 82  ? 5.520   2.640   4.536   1.00 13.87 ? 1528 ASP A CG  1 
ATOM   656  O OD1 . ASP A 1 82  ? 5.904   3.845   4.568   1.00 14.95 ? 1528 ASP A OD1 1 
ATOM   657  O OD2 . ASP A 1 82  ? 6.343   1.720   4.471   1.00 13.80 ? 1528 ASP A OD2 1 
ATOM   658  N N   . VAL A 1 83  ? 0.938   2.674   3.586   1.00 10.71 ? 1529 VAL A N   1 
ATOM   659  C CA  . VAL A 1 83  ? -0.045  2.589   2.503   1.00 11.40 ? 1529 VAL A CA  1 
ATOM   660  C C   . VAL A 1 83  ? -0.557  3.989   2.191   1.00 12.71 ? 1529 VAL A C   1 
ATOM   661  O O   . VAL A 1 83  ? -0.690  4.345   1.023   1.00 12.62 ? 1529 VAL A O   1 
ATOM   662  C CB  . VAL A 1 83  ? -1.227  1.623   2.806   1.00 11.57 ? 1529 VAL A CB  1 
ATOM   663  C CG1 . VAL A 1 83  ? -2.240  1.678   1.714   1.00 12.97 ? 1529 VAL A CG1 1 
ATOM   664  C CG2 . VAL A 1 83  ? -0.743  0.200   2.938   1.00 11.47 ? 1529 VAL A CG2 1 
ATOM   665  N N   . MET A 1 84  ? -0.828  4.780   3.215   1.00 12.77 ? 1530 MET A N   1 
ATOM   666  C CA  . MET A 1 84  ? -1.312  6.146   2.996   1.00 13.53 ? 1530 MET A CA  1 
ATOM   667  C C   . MET A 1 84  ? -0.245  6.986   2.284   1.00 13.32 ? 1530 MET A C   1 
ATOM   668  O O   . MET A 1 84  ? -0.580  7.847   1.443   1.00 13.94 ? 1530 MET A O   1 
ATOM   669  C CB  . MET A 1 84  ? -1.789  6.766   4.314   1.00 13.64 ? 1530 MET A CB  1 
ATOM   670  C CG  . MET A 1 84  ? -3.029  6.050   4.906   1.00 17.15 ? 1530 MET A CG  1 
ATOM   671  S SD  . MET A 1 84  ? -4.441  5.834   3.801   1.00 21.73 ? 1530 MET A SD  1 
ATOM   672  C CE  . MET A 1 84  ? -5.262  4.489   4.672   1.00 21.33 ? 1530 MET A CE  1 
ATOM   673  N N   . LEU A 1 85  ? 1.029   6.750   2.581   1.00 12.76 ? 1531 LEU A N   1 
ATOM   674  C CA  . LEU A 1 85  ? 2.120   7.431   1.895   1.00 13.71 ? 1531 LEU A CA  1 
ATOM   675  C C   . LEU A 1 85  ? 2.188   7.019   0.404   1.00 12.37 ? 1531 LEU A C   1 
ATOM   676  O O   . LEU A 1 85  ? 2.332   7.886   -0.475  1.00 14.03 ? 1531 LEU A O   1 
ATOM   677  C CB  . LEU A 1 85  ? 3.454   7.173   2.597   1.00 14.74 ? 1531 LEU A CB  1 
ATOM   678  C CG  . LEU A 1 85  ? 4.720   7.696   1.934   1.00 16.39 ? 1531 LEU A CG  1 
ATOM   679  C CD1 . LEU A 1 85  ? 4.708   9.230   1.746   1.00 16.05 ? 1531 LEU A CD1 1 
ATOM   680  C CD2 . LEU A 1 85  ? 5.955   7.248   2.722   1.00 15.34 ? 1531 LEU A CD2 1 
ATOM   681  N N   . LEU A 1 86  ? 2.107   5.713   0.124   1.00 11.01 ? 1532 LEU A N   1 
ATOM   682  C CA  . LEU A 1 86  ? 2.010   5.221   -1.254  1.00 10.61 ? 1532 LEU A CA  1 
ATOM   683  C C   . LEU A 1 86  ? 0.905   5.986   -2.014  1.00 11.68 ? 1532 LEU A C   1 
ATOM   684  O O   . LEU A 1 86  ? 1.122   6.478   -3.145  1.00 12.01 ? 1532 LEU A O   1 
ATOM   685  C CB  . LEU A 1 86  ? 1.746   3.718   -1.227  1.00 10.76 ? 1532 LEU A CB  1 
ATOM   686  C CG  . LEU A 1 86  ? 1.590   2.982   -2.570  1.00 8.90  ? 1532 LEU A CG  1 
ATOM   687  C CD1 . LEU A 1 86  ? 1.946   1.510   -2.328  1.00 9.85  ? 1532 LEU A CD1 1 
ATOM   688  C CD2 . LEU A 1 86  ? 0.181   3.101   -3.143  1.00 10.63 ? 1532 LEU A CD2 1 
ATOM   689  N N   . CYS A 1 87  ? -0.257  6.136   -1.399  1.00 11.20 ? 1533 CYS A N   1 
ATOM   690  C CA  . CYS A 1 87  ? -1.388  6.832   -2.057  1.00 12.04 ? 1533 CYS A CA  1 
ATOM   691  C C   . CYS A 1 87  ? -1.123  8.350   -2.160  1.00 12.58 ? 1533 CYS A C   1 
ATOM   692  O O   . CYS A 1 87  ? -1.466  8.966   -3.180  1.00 13.52 ? 1533 CYS A O   1 
ATOM   693  C CB  . CYS A 1 87  ? -2.697  6.566   -1.342  1.00 13.35 ? 1533 CYS A CB  1 
ATOM   694  S SG  . CYS A 1 87  ? -3.205  4.846   -1.367  1.00 14.07 ? 1533 CYS A SG  1 
ATOM   695  N N   . GLN A 1 88  ? -0.529  8.937   -1.125  1.00 13.92 ? 1534 GLN A N   1 
ATOM   696  C CA  . GLN A 1 88  ? -0.151  10.378  -1.135  1.00 14.32 ? 1534 GLN A CA  1 
ATOM   697  C C   . GLN A 1 88  ? 0.758   10.650  -2.326  1.00 14.19 ? 1534 GLN A C   1 
ATOM   698  O O   . GLN A 1 88  ? 0.551   11.602  -3.109  1.00 13.90 ? 1534 GLN A O   1 
ATOM   699  C CB  . GLN A 1 88  ? 0.569   10.767  0.185   1.00 14.42 ? 1534 GLN A CB  1 
ATOM   700  C CG  . GLN A 1 88  ? 1.192   12.212  0.212   1.00 16.22 ? 1534 GLN A CG  1 
ATOM   701  C CD  . GLN A 1 88  ? 2.360   12.381  1.239   1.00 17.28 ? 1534 GLN A CD  1 
ATOM   702  O OE1 . GLN A 1 88  ? 2.183   12.200  2.452   1.00 22.03 ? 1534 GLN A OE1 1 
ATOM   703  N NE2 . GLN A 1 88  ? 3.552   12.690  0.740   1.00 21.25 ? 1534 GLN A NE2 1 
ATOM   704  N N   . ASN A 1 89  ? 1.792   9.820   -2.470  1.00 13.43 ? 1535 ASN A N   1 
ATOM   705  C CA  . ASN A 1 89  ? 2.724   9.941   -3.576  1.00 13.49 ? 1535 ASN A CA  1 
ATOM   706  C C   . ASN A 1 89  ? 2.039   9.887   -4.953  1.00 12.84 ? 1535 ASN A C   1 
ATOM   707  O O   . ASN A 1 89  ? 2.354   10.695  -5.822  1.00 13.30 ? 1535 ASN A O   1 
ATOM   708  C CB  . ASN A 1 89  ? 3.859   8.916   -3.447  1.00 13.80 ? 1535 ASN A CB  1 
ATOM   709  C CG  . ASN A 1 89  ? 4.735   9.174   -2.228  1.00 15.76 ? 1535 ASN A CG  1 
ATOM   710  O OD1 . ASN A 1 89  ? 4.758   10.294  -1.664  1.00 16.55 ? 1535 ASN A OD1 1 
ATOM   711  N ND2 . ASN A 1 89  ? 5.478   8.157   -1.820  1.00 15.25 ? 1535 ASN A ND2 1 
ATOM   712  N N   . ALA A 1 90  ? 1.112   8.950   -5.135  1.00 12.78 ? 1536 ALA A N   1 
ATOM   713  C CA  . ALA A 1 90  ? 0.321   8.882   -6.364  1.00 12.08 ? 1536 ALA A CA  1 
ATOM   714  C C   . ALA A 1 90  ? -0.421  10.195  -6.602  1.00 12.46 ? 1536 ALA A C   1 
ATOM   715  O O   . ALA A 1 90  ? -0.565  10.629  -7.749  1.00 13.50 ? 1536 ALA A O   1 
ATOM   716  C CB  . ALA A 1 90  ? -0.663  7.705   -6.314  1.00 12.24 ? 1536 ALA A CB  1 
ATOM   717  N N   . GLN A 1 91  ? -0.896  10.808  -5.533  1.00 12.69 ? 1537 GLN A N   1 
ATOM   718  C CA  . GLN A 1 91  ? -1.710  12.033  -5.649  1.00 13.63 ? 1537 GLN A CA  1 
ATOM   719  C C   . GLN A 1 91  ? -0.877  13.274  -5.901  1.00 15.70 ? 1537 GLN A C   1 
ATOM   720  O O   . GLN A 1 91  ? -1.402  14.307  -6.344  1.00 17.57 ? 1537 GLN A O   1 
ATOM   721  C CB  . GLN A 1 91  ? -2.609  12.200  -4.443  1.00 13.98 ? 1537 GLN A CB  1 
ATOM   722  C CG  . GLN A 1 91  ? -3.666  11.131  -4.390  1.00 13.45 ? 1537 GLN A CG  1 
ATOM   723  C CD  . GLN A 1 91  ? -4.156  10.830  -2.986  1.00 13.95 ? 1537 GLN A CD  1 
ATOM   724  O OE1 . GLN A 1 91  ? -4.270  11.728  -2.145  1.00 16.88 ? 1537 GLN A OE1 1 
ATOM   725  N NE2 . GLN A 1 91  ? -4.486  9.575   -2.737  1.00 13.94 ? 1537 GLN A NE2 1 
ATOM   726  N N   . THR A 1 92  ? 0.417   13.158  -5.663  1.00 16.20 ? 1538 THR A N   1 
ATOM   727  C CA  . THR A 1 92  ? 1.361   14.251  -5.860  1.00 17.55 ? 1538 THR A CA  1 
ATOM   728  C C   . THR A 1 92  ? 1.869   14.208  -7.296  1.00 17.41 ? 1538 THR A C   1 
ATOM   729  O O   . THR A 1 92  ? 1.932   15.255  -7.963  1.00 17.99 ? 1538 THR A O   1 
ATOM   730  C CB  . THR A 1 92  ? 2.547   14.138  -4.875  1.00 18.26 ? 1538 THR A CB  1 
ATOM   731  O OG1 . THR A 1 92  ? 2.068   14.291  -3.535  1.00 19.06 ? 1538 THR A OG1 1 
ATOM   732  C CG2 . THR A 1 92  ? 3.635   15.187  -5.169  1.00 20.22 ? 1538 THR A CG2 1 
ATOM   733  N N   . PHE A 1 93  ? 2.213   13.003  -7.766  1.00 16.76 ? 1539 PHE A N   1 
ATOM   734  C CA  . PHE A 1 93  ? 2.827   12.789  -9.073  1.00 17.07 ? 1539 PHE A CA  1 
ATOM   735  C C   . PHE A 1 93  ? 1.786   12.782  -10.192 1.00 16.99 ? 1539 PHE A C   1 
ATOM   736  O O   . PHE A 1 93  ? 2.094   13.166  -11.327 1.00 18.35 ? 1539 PHE A O   1 
ATOM   737  C CB  . PHE A 1 93  ? 3.619   11.468  -9.114  1.00 16.55 ? 1539 PHE A CB  1 
ATOM   738  C CG  . PHE A 1 93  ? 4.352   11.243  -10.426 1.00 17.32 ? 1539 PHE A CG  1 
ATOM   739  C CD1 . PHE A 1 93  ? 5.460   12.026  -10.764 1.00 19.21 ? 1539 PHE A CD1 1 
ATOM   740  C CD2 . PHE A 1 93  ? 3.908   10.282  -11.333 1.00 18.31 ? 1539 PHE A CD2 1 
ATOM   741  C CE1 . PHE A 1 93  ? 6.134   11.837  -11.982 1.00 17.53 ? 1539 PHE A CE1 1 
ATOM   742  C CE2 . PHE A 1 93  ? 4.574   10.079  -12.566 1.00 17.91 ? 1539 PHE A CE2 1 
ATOM   743  C CZ  . PHE A 1 93  ? 5.698   10.886  -12.883 1.00 16.68 ? 1539 PHE A CZ  1 
ATOM   744  N N   . ASN A 1 94  ? 0.586   12.282  -9.894  1.00 16.83 ? 1540 ASN A N   1 
ATOM   745  C CA  . ASN A 1 94  ? -0.491  12.280  -10.880 1.00 17.32 ? 1540 ASN A CA  1 
ATOM   746  C C   . ASN A 1 94  ? -1.504  13.366  -10.564 1.00 17.71 ? 1540 ASN A C   1 
ATOM   747  O O   . ASN A 1 94  ? -1.612  13.822  -9.428  1.00 18.16 ? 1540 ASN A O   1 
ATOM   748  C CB  . ASN A 1 94  ? -1.176  10.905  -10.966 1.00 16.74 ? 1540 ASN A CB  1 
ATOM   749  C CG  . ASN A 1 94  ? -0.188  9.772   -11.181 1.00 17.01 ? 1540 ASN A CG  1 
ATOM   750  O OD1 . ASN A 1 94  ? 0.069   9.378   -12.311 1.00 19.30 ? 1540 ASN A OD1 1 
ATOM   751  N ND2 . ASN A 1 94  ? 0.370   9.229   -10.078 1.00 14.29 ? 1540 ASN A ND2 1 
ATOM   752  N N   . LEU A 1 95  ? -2.254  13.788  -11.576 1.00 18.72 ? 1541 LEU A N   1 
ATOM   753  C CA  . LEU A 1 95  ? -3.164  14.919  -11.423 1.00 18.56 ? 1541 LEU A CA  1 
ATOM   754  C C   . LEU A 1 95  ? -4.547  14.502  -10.943 1.00 18.82 ? 1541 LEU A C   1 
ATOM   755  O O   . LEU A 1 95  ? -5.021  13.431  -11.328 1.00 17.43 ? 1541 LEU A O   1 
ATOM   756  C CB  . LEU A 1 95  ? -3.275  15.652  -12.762 1.00 19.33 ? 1541 LEU A CB  1 
ATOM   757  C CG  . LEU A 1 95  ? -2.053  16.472  -13.200 1.00 19.99 ? 1541 LEU A CG  1 
ATOM   758  C CD1 . LEU A 1 95  ? -2.169  16.872  -14.677 1.00 23.40 ? 1541 LEU A CD1 1 
ATOM   759  C CD2 . LEU A 1 95  ? -1.893  17.730  -12.324 1.00 21.09 ? 1541 LEU A CD2 1 
ATOM   760  N N   . GLU A 1 96  ? -5.173  15.319  -10.085 1.00 18.63 ? 1542 GLU A N   1 
ATOM   761  C CA  . GLU A 1 96  ? -6.564  15.096  -9.663  1.00 19.94 ? 1542 GLU A CA  1 
ATOM   762  C C   . GLU A 1 96  ? -7.407  14.817  -10.912 1.00 18.48 ? 1542 GLU A C   1 
ATOM   763  O O   . GLU A 1 96  ? -7.256  15.488  -11.943 1.00 19.81 ? 1542 GLU A O   1 
ATOM   764  C CB  . GLU A 1 96  ? -7.141  16.266  -8.837  1.00 20.67 ? 1542 GLU A CB  1 
ATOM   765  C CG  . GLU A 1 96  ? -8.473  15.968  -8.122  1.00 22.84 ? 1542 GLU A CG  1 
ATOM   766  C CD  . GLU A 1 96  ? -8.848  17.023  -7.073  1.00 22.45 ? 1542 GLU A CD  1 
ATOM   767  O OE1 . GLU A 1 96  ? -9.252  16.653  -5.950  1.00 28.98 ? 1542 GLU A OE1 1 
ATOM   768  O OE2 . GLU A 1 96  ? -8.742  18.228  -7.362  1.00 26.59 ? 1542 GLU A OE2 1 
ATOM   769  N N   . GLY A 1 97  ? -8.278  13.824  -10.793 1.00 18.08 ? 1543 GLY A N   1 
ATOM   770  C CA  . GLY A 1 97  ? -9.165  13.390  -11.864 1.00 16.36 ? 1543 GLY A CA  1 
ATOM   771  C C   . GLY A 1 97  ? -8.572  12.367  -12.814 1.00 15.50 ? 1543 GLY A C   1 
ATOM   772  O O   . GLY A 1 97  ? -9.285  11.807  -13.655 1.00 14.44 ? 1543 GLY A O   1 
ATOM   773  N N   . SER A 1 98  ? -7.257  12.137  -12.715 1.00 14.22 ? 1544 SER A N   1 
ATOM   774  C CA  . SER A 1 98  ? -6.641  11.079  -13.499 1.00 14.20 ? 1544 SER A CA  1 
ATOM   775  C C   . SER A 1 98  ? -7.030  9.718   -12.924 1.00 13.90 ? 1544 SER A C   1 
ATOM   776  O O   . SER A 1 98  ? -7.370  9.588   -11.725 1.00 13.41 ? 1544 SER A O   1 
ATOM   777  C CB  . SER A 1 98  ? -5.126  11.230  -13.578 1.00 14.39 ? 1544 SER A CB  1 
ATOM   778  O OG  . SER A 1 98  ? -4.520  10.992  -12.311 1.00 12.71 ? 1544 SER A OG  1 
ATOM   779  N N   . LEU A 1 99  ? -7.018  8.721   -13.792 1.00 13.99 ? 1545 LEU A N   1 
ATOM   780  C CA  . LEU A 1 99  ? -7.293  7.370   -13.376 1.00 13.98 ? 1545 LEU A CA  1 
ATOM   781  C C   . LEU A 1 99  ? -6.399  6.962   -12.196 1.00 13.82 ? 1545 LEU A C   1 
ATOM   782  O O   . LEU A 1 99  ? -6.910  6.535   -11.186 1.00 12.83 ? 1545 LEU A O   1 
ATOM   783  C CB  . LEU A 1 99  ? -7.182  6.413   -14.563 1.00 14.68 ? 1545 LEU A CB  1 
ATOM   784  C CG  . LEU A 1 99  ? -7.601  4.969   -14.260 1.00 17.28 ? 1545 LEU A CG  1 
ATOM   785  C CD1 . LEU A 1 99  ? -8.150  4.243   -15.490 1.00 19.82 ? 1545 LEU A CD1 1 
ATOM   786  C CD2 . LEU A 1 99  ? -6.429  4.196   -13.683 1.00 20.03 ? 1545 LEU A CD2 1 
ATOM   787  N N   . ILE A 1 100 ? -5.087  7.135   -12.310 1.00 12.65 ? 1546 ILE A N   1 
ATOM   788  C CA  . ILE A 1 100 ? -4.179  6.685   -11.251 1.00 13.20 ? 1546 ILE A CA  1 
ATOM   789  C C   . ILE A 1 100 ? -4.399  7.469   -9.946  1.00 13.35 ? 1546 ILE A C   1 
ATOM   790  O O   . ILE A 1 100 ? -4.425  6.911   -8.866  1.00 12.63 ? 1546 ILE A O   1 
ATOM   791  C CB  . ILE A 1 100 ? -2.725  6.747   -11.726 1.00 12.37 ? 1546 ILE A CB  1 
ATOM   792  C CG1 . ILE A 1 100 ? -2.520  5.723   -12.843 1.00 14.16 ? 1546 ILE A CG1 1 
ATOM   793  C CG2 . ILE A 1 100 ? -1.800  6.384   -10.596 1.00 12.38 ? 1546 ILE A CG2 1 
ATOM   794  C CD1 . ILE A 1 100 ? -1.192  5.828   -13.563 1.00 14.03 ? 1546 ILE A CD1 1 
ATOM   795  N N   . TYR A 1 101 ? -4.564  8.782   -10.021 1.00 13.28 ? 1547 TYR A N   1 
ATOM   796  C CA  . TYR A 1 101 ? -4.869  9.556   -8.799  1.00 12.86 ? 1547 TYR A CA  1 
ATOM   797  C C   . TYR A 1 101 ? -6.171  9.036   -8.153  1.00 13.50 ? 1547 TYR A C   1 
ATOM   798  O O   . TYR A 1 101 ? -6.246  8.762   -6.936  1.00 12.99 ? 1547 TYR A O   1 
ATOM   799  C CB  . TYR A 1 101 ? -4.999  11.020  -9.195  1.00 14.47 ? 1547 TYR A CB  1 
ATOM   800  C CG  . TYR A 1 101 ? -5.304  12.013  -8.083  1.00 16.06 ? 1547 TYR A CG  1 
ATOM   801  C CD1 . TYR A 1 101 ? -6.530  12.007  -7.427  1.00 17.02 ? 1547 TYR A CD1 1 
ATOM   802  C CD2 . TYR A 1 101 ? -4.380  12.998  -7.744  1.00 16.39 ? 1547 TYR A CD2 1 
ATOM   803  C CE1 . TYR A 1 101 ? -6.821  12.956  -6.415  1.00 17.52 ? 1547 TYR A CE1 1 
ATOM   804  C CE2 . TYR A 1 101 ? -4.658  13.927  -6.763  1.00 17.34 ? 1547 TYR A CE2 1 
ATOM   805  C CZ  . TYR A 1 101 ? -5.874  13.913  -6.107  1.00 17.17 ? 1547 TYR A CZ  1 
ATOM   806  O OH  . TYR A 1 101 ? -6.109  14.868  -5.121  1.00 18.83 ? 1547 TYR A OH  1 
ATOM   807  N N   . GLU A 1 102 ? -7.225  8.896   -8.935  1.00 13.85 ? 1548 GLU A N   1 
ATOM   808  C CA  . GLU A 1 102 ? -8.489  8.562   -8.326  1.00 14.71 ? 1548 GLU A CA  1 
ATOM   809  C C   . GLU A 1 102 ? -8.500  7.129   -7.803  1.00 14.19 ? 1548 GLU A C   1 
ATOM   810  O O   . GLU A 1 102 ? -9.135  6.844   -6.810  1.00 14.31 ? 1548 GLU A O   1 
ATOM   811  C CB  . GLU A 1 102 ? -9.642  8.859   -9.288  1.00 15.64 ? 1548 GLU A CB  1 
ATOM   812  C CG  . GLU A 1 102 ? -9.788  10.357  -9.627  1.00 17.29 ? 1548 GLU A CG  1 
ATOM   813  C CD  . GLU A 1 102 ? -10.099 11.249  -8.437  1.00 18.84 ? 1548 GLU A CD  1 
ATOM   814  O OE1 . GLU A 1 102 ? -10.704 10.776  -7.448  1.00 21.38 ? 1548 GLU A OE1 1 
ATOM   815  O OE2 . GLU A 1 102 ? -9.764  12.444  -8.498  1.00 21.13 ? 1548 GLU A OE2 1 
ATOM   816  N N   . ASP A 1 103 ? -7.777  6.240   -8.462  1.00 13.17 ? 1549 ASP A N   1 
ATOM   817  C CA  . ASP A 1 103 ? -7.671  4.857   -7.952  1.00 11.47 ? 1549 ASP A CA  1 
ATOM   818  C C   . ASP A 1 103 ? -6.973  4.874   -6.584  1.00 11.88 ? 1549 ASP A C   1 
ATOM   819  O O   . ASP A 1 103 ? -7.312  4.084   -5.677  1.00 11.80 ? 1549 ASP A O   1 
ATOM   820  C CB  . ASP A 1 103 ? -6.926  3.969   -8.946  1.00 12.65 ? 1549 ASP A CB  1 
ATOM   821  C CG  . ASP A 1 103 ? -7.836  3.459   -10.067 1.00 12.64 ? 1549 ASP A CG  1 
ATOM   822  O OD1 . ASP A 1 103 ? -9.068  3.723   -10.031 1.00 13.92 ? 1549 ASP A OD1 1 
ATOM   823  O OD2 . ASP A 1 103 ? -7.324  2.747   -10.936 1.00 14.52 ? 1549 ASP A OD2 1 
ATOM   824  N N   . SER A 1 104 ? -5.981  5.744   -6.440  1.00 10.33 ? 1550 SER A N   1 
ATOM   825  C CA  . SER A 1 104 ? -5.262  5.802   -5.151  1.00 11.40 ? 1550 SER A CA  1 
ATOM   826  C C   . SER A 1 104 ? -6.174  6.287   -4.024  1.00 12.37 ? 1550 SER A C   1 
ATOM   827  O O   . SER A 1 104 ? -6.086  5.793   -2.901  1.00 13.01 ? 1550 SER A O   1 
ATOM   828  C CB  . SER A 1 104 ? -3.969  6.610   -5.256  1.00 12.16 ? 1550 SER A CB  1 
ATOM   829  O OG  . SER A 1 104 ? -4.207  8.022   -5.265  1.00 11.81 ? 1550 SER A OG  1 
ATOM   830  N N   . ILE A 1 105 ? -7.055  7.238   -4.317  1.00 13.01 ? 1551 ILE A N   1 
ATOM   831  C CA  . ILE A 1 105 ? -8.075  7.667   -3.352  1.00 14.63 ? 1551 ILE A CA  1 
ATOM   832  C C   . ILE A 1 105 ? -8.963  6.492   -2.915  1.00 14.32 ? 1551 ILE A C   1 
ATOM   833  O O   . ILE A 1 105 ? -9.208  6.296   -1.711  1.00 15.43 ? 1551 ILE A O   1 
ATOM   834  C CB  . ILE A 1 105 ? -8.947  8.785   -3.957  1.00 15.55 ? 1551 ILE A CB  1 
ATOM   835  C CG1 . ILE A 1 105 ? -8.124  10.054  -4.189  1.00 16.44 ? 1551 ILE A CG1 1 
ATOM   836  C CG2 . ILE A 1 105 ? -10.182 9.050   -3.081  1.00 16.65 ? 1551 ILE A CG2 1 
ATOM   837  C CD1 . ILE A 1 105 ? -7.832  10.924  -2.972  1.00 19.40 ? 1551 ILE A CD1 1 
ATOM   838  N N   . VAL A 1 106 ? -9.405  5.685   -3.865  1.00 13.68 ? 1552 VAL A N   1 
ATOM   839  C CA  . VAL A 1 106 ? -10.243 4.550   -3.539  1.00 13.36 ? 1552 VAL A CA  1 
ATOM   840  C C   . VAL A 1 106 ? -9.464  3.557   -2.679  1.00 12.92 ? 1552 VAL A C   1 
ATOM   841  O O   . VAL A 1 106 ? -9.989  3.058   -1.716  1.00 13.25 ? 1552 VAL A O   1 
ATOM   842  C CB  . VAL A 1 106 ? -10.877 3.877   -4.764  1.00 13.92 ? 1552 VAL A CB  1 
ATOM   843  C CG1 . VAL A 1 106 ? -11.679 2.695   -4.339  1.00 13.55 ? 1552 VAL A CG1 1 
ATOM   844  C CG2 . VAL A 1 106 ? -11.793 4.854   -5.494  1.00 14.96 ? 1552 VAL A CG2 1 
ATOM   845  N N   . LEU A 1 107 ? -8.211  3.315   -3.023  1.00 12.60 ? 1553 LEU A N   1 
ATOM   846  C CA  . LEU A 1 107 ? -7.376  2.359   -2.273  1.00 13.08 ? 1553 LEU A CA  1 
ATOM   847  C C   . LEU A 1 107 ? -7.209  2.731   -0.798  1.00 13.85 ? 1553 LEU A C   1 
ATOM   848  O O   . LEU A 1 107 ? -7.101  1.841   0.056   1.00 14.03 ? 1553 LEU A O   1 
ATOM   849  C CB  . LEU A 1 107 ? -6.004  2.210   -2.941  1.00 12.81 ? 1553 LEU A CB  1 
ATOM   850  C CG  . LEU A 1 107 ? -5.890  1.299   -4.170  1.00 14.34 ? 1553 LEU A CG  1 
ATOM   851  C CD1 . LEU A 1 107 ? -4.460  1.328   -4.707  1.00 16.59 ? 1553 LEU A CD1 1 
ATOM   852  C CD2 . LEU A 1 107 ? -6.284  -0.127  -3.805  1.00 13.80 ? 1553 LEU A CD2 1 
ATOM   853  N N   . GLN A 1 108 ? -7.187  4.023   -0.504  1.00 14.85 ? 1554 GLN A N   1 
ATOM   854  C CA  . GLN A 1 108 ? -7.162  4.506   0.903   1.00 16.20 ? 1554 GLN A CA  1 
ATOM   855  C C   . GLN A 1 108 ? -8.378  3.971   1.647   1.00 16.71 ? 1554 GLN A C   1 
ATOM   856  O O   . GLN A 1 108 ? -8.251  3.447   2.755   1.00 18.33 ? 1554 GLN A O   1 
ATOM   857  C CB  . GLN A 1 108 ? -7.231  6.039   0.957   1.00 16.55 ? 1554 GLN A CB  1 
ATOM   858  C CG  . GLN A 1 108 ? -5.985  6.752   0.528   1.00 17.94 ? 1554 GLN A CG  1 
ATOM   859  C CD  . GLN A 1 108 ? -6.145  8.264   0.343   1.00 18.93 ? 1554 GLN A CD  1 
ATOM   860  O OE1 . GLN A 1 108 ? -7.155  8.864   0.721   1.00 25.27 ? 1554 GLN A OE1 1 
ATOM   861  N NE2 . GLN A 1 108 ? -5.123  8.883   -0.194  1.00 20.70 ? 1554 GLN A NE2 1 
ATOM   862  N N   . SER A 1 109 ? -9.560  4.121   1.050   1.00 16.69 ? 1555 SER A N   1 
ATOM   863  C CA  . SER A 1 109 ? -10.812 3.641   1.644   1.00 17.51 ? 1555 SER A CA  1 
ATOM   864  C C   . SER A 1 109 ? -10.851 2.118   1.729   1.00 16.28 ? 1555 SER A C   1 
ATOM   865  O O   . SER A 1 109 ? -11.347 1.560   2.705   1.00 17.68 ? 1555 SER A O   1 
ATOM   866  C CB  . SER A 1 109 ? -12.024 4.172   0.878   1.00 18.63 ? 1555 SER A CB  1 
ATOM   867  O OG  . SER A 1 109 ? -12.076 3.669   -0.441  1.00 23.47 ? 1555 SER A OG  1 
ATOM   868  N N   . VAL A 1 110 ? -10.332 1.442   0.700   1.00 14.94 ? 1556 VAL A N   1 
ATOM   869  C CA  . VAL A 1 110 ? -10.255 -0.030  0.704   1.00 14.23 ? 1556 VAL A CA  1 
ATOM   870  C C   . VAL A 1 110 ? -9.385  -0.488  1.875   1.00 14.06 ? 1556 VAL A C   1 
ATOM   871  O O   . VAL A 1 110 ? -9.777  -1.417  2.592   1.00 13.87 ? 1556 VAL A O   1 
ATOM   872  C CB  . VAL A 1 110 ? -9.721  -0.584  -0.658  1.00 14.20 ? 1556 VAL A CB  1 
ATOM   873  C CG1 . VAL A 1 110 ? -9.512  -2.096  -0.634  1.00 14.28 ? 1556 VAL A CG1 1 
ATOM   874  C CG2 . VAL A 1 110 ? -10.679 -0.198  -1.768  1.00 12.77 ? 1556 VAL A CG2 1 
ATOM   875  N N   . PHE A 1 111 ? -8.220  0.134   2.065   1.00 13.45 ? 1557 PHE A N   1 
ATOM   876  C CA  . PHE A 1 111 ? -7.392  -0.242  3.210   1.00 13.83 ? 1557 PHE A CA  1 
ATOM   877  C C   . PHE A 1 111 ? -8.176  -0.132  4.522   1.00 13.54 ? 1557 PHE A C   1 
ATOM   878  O O   . PHE A 1 111 ? -8.142  -1.044  5.330   1.00 13.78 ? 1557 PHE A O   1 
ATOM   879  C CB  . PHE A 1 111 ? -6.124  0.588   3.321   1.00 14.59 ? 1557 PHE A CB  1 
ATOM   880  C CG  . PHE A 1 111 ? -5.228  0.173   4.470   1.00 14.35 ? 1557 PHE A CG  1 
ATOM   881  C CD1 . PHE A 1 111 ? -5.465  0.640   5.768   1.00 15.99 ? 1557 PHE A CD1 1 
ATOM   882  C CD2 . PHE A 1 111 ? -4.164  -0.681  4.254   1.00 12.35 ? 1557 PHE A CD2 1 
ATOM   883  C CE1 . PHE A 1 111 ? -4.643  0.242   6.835   1.00 16.60 ? 1557 PHE A CE1 1 
ATOM   884  C CE2 . PHE A 1 111 ? -3.325  -1.067  5.309   1.00 14.10 ? 1557 PHE A CE2 1 
ATOM   885  C CZ  . PHE A 1 111 ? -3.562  -0.605  6.590   1.00 15.44 ? 1557 PHE A CZ  1 
ATOM   886  N N   . THR A 1 112 ? -8.867  0.979   4.717   1.00 15.65 ? 1558 THR A N   1 
ATOM   887  C CA  . THR A 1 112 ? -9.598  1.198   5.952   1.00 15.94 ? 1558 THR A CA  1 
ATOM   888  C C   . THR A 1 112 ? -10.674 0.140   6.146   1.00 15.91 ? 1558 THR A C   1 
ATOM   889  O O   . THR A 1 112 ? -10.803 -0.472  7.216   1.00 15.33 ? 1558 THR A O   1 
ATOM   890  C CB  . THR A 1 112 ? -10.187 2.605   5.959   1.00 16.60 ? 1558 THR A CB  1 
ATOM   891  O OG1 . THR A 1 112 ? -9.115  3.547   6.053   1.00 16.66 ? 1558 THR A OG1 1 
ATOM   892  C CG2 . THR A 1 112 ? -11.147 2.790   7.142   1.00 18.08 ? 1558 THR A CG2 1 
ATOM   893  N N   . SER A 1 113 ? -11.432 -0.113  5.096   1.00 15.02 ? 1559 SER A N   1 
ATOM   894  C CA  . SER A 1 113 ? -12.516 -1.084  5.182   1.00 15.59 ? 1559 SER A CA  1 
ATOM   895  C C   . SER A 1 113 ? -11.968 -2.483  5.438   1.00 14.54 ? 1559 SER A C   1 
ATOM   896  O O   . SER A 1 113 ? -12.493 -3.234  6.250   1.00 14.05 ? 1559 SER A O   1 
ATOM   897  C CB  . SER A 1 113 ? -13.341 -1.066  3.897   1.00 16.37 ? 1559 SER A CB  1 
ATOM   898  O OG  . SER A 1 113 ? -13.934 0.214   3.702   1.00 21.36 ? 1559 SER A OG  1 
ATOM   899  N N   . VAL A 1 114 ? -10.882 -2.832  4.745   1.00 12.38 ? 1560 VAL A N   1 
ATOM   900  C CA  . VAL A 1 114 ? -10.332 -4.181  4.878   1.00 12.68 ? 1560 VAL A CA  1 
ATOM   901  C C   . VAL A 1 114 ? -9.756  -4.348  6.277   1.00 12.20 ? 1560 VAL A C   1 
ATOM   902  O O   . VAL A 1 114 ? -9.969  -5.384  6.904   1.00 13.57 ? 1560 VAL A O   1 
ATOM   903  C CB  . VAL A 1 114 ? -9.264  -4.446  3.796   1.00 12.45 ? 1560 VAL A CB  1 
ATOM   904  C CG1 . VAL A 1 114 ? -8.439  -5.710  4.109   1.00 14.61 ? 1560 VAL A CG1 1 
ATOM   905  C CG2 . VAL A 1 114 ? -9.952  -4.571  2.427   1.00 13.08 ? 1560 VAL A CG2 1 
ATOM   906  N N   . ARG A 1 115 ? -9.042  -3.333  6.763   1.00 12.58 ? 1561 ARG A N   1 
ATOM   907  C CA  . ARG A 1 115 ? -8.475  -3.423  8.129   1.00 12.40 ? 1561 ARG A CA  1 
ATOM   908  C C   . ARG A 1 115 ? -9.549  -3.691  9.169   1.00 13.37 ? 1561 ARG A C   1 
ATOM   909  O O   . ARG A 1 115 ? -9.353  -4.497  10.092  1.00 14.58 ? 1561 ARG A O   1 
ATOM   910  C CB  . ARG A 1 115 ? -7.726  -2.160  8.487   1.00 12.12 ? 1561 ARG A CB  1 
ATOM   911  C CG  . ARG A 1 115 ? -7.207  -2.160  9.901   1.00 12.49 ? 1561 ARG A CG  1 
ATOM   912  C CD  . ARG A 1 115 ? -6.427  -0.934  10.223  1.00 12.68 ? 1561 ARG A CD  1 
ATOM   913  N NE  . ARG A 1 115 ? -6.171  -0.920  11.668  1.00 13.84 ? 1561 ARG A NE  1 
ATOM   914  C CZ  . ARG A 1 115 ? -5.456  -0.002  12.307  1.00 12.14 ? 1561 ARG A CZ  1 
ATOM   915  N NH1 . ARG A 1 115 ? -4.926  1.037   11.662  1.00 11.34 ? 1561 ARG A NH1 1 
ATOM   916  N NH2 . ARG A 1 115 ? -5.283  -0.128  13.633  1.00 13.66 ? 1561 ARG A NH2 1 
ATOM   917  N N   . GLN A 1 116 ? -10.664 -2.989  9.023   1.00 14.48 ? 1562 GLN A N   1 
ATOM   918  C CA  . GLN A 1 116 ? -11.754 -3.120  9.988   1.00 15.41 ? 1562 GLN A CA  1 
ATOM   919  C C   . GLN A 1 116 ? -12.452 -4.443  9.901   1.00 16.27 ? 1562 GLN A C   1 
ATOM   920  O O   . GLN A 1 116 ? -12.781 -5.024  10.934  1.00 16.58 ? 1562 GLN A O   1 
ATOM   921  C CB  . GLN A 1 116 ? -12.766 -2.020  9.803   1.00 15.75 ? 1562 GLN A CB  1 
ATOM   922  C CG  . GLN A 1 116 ? -12.230 -0.708  10.250  1.00 20.01 ? 1562 GLN A CG  1 
ATOM   923  C CD  . GLN A 1 116 ? -13.119 0.453   9.907   1.00 25.46 ? 1562 GLN A CD  1 
ATOM   924  O OE1 . GLN A 1 116 ? -14.081 0.325   9.141   1.00 28.73 ? 1562 GLN A OE1 1 
ATOM   925  N NE2 . GLN A 1 116 ? -12.801 1.604   10.470  1.00 25.24 ? 1562 GLN A NE2 1 
ATOM   926  N N   . LYS A 1 117 ? -12.699 -4.931  8.684   1.00 14.80 ? 1563 LYS A N   1 
ATOM   927  C CA  . LYS A 1 117 ? -13.279 -6.256  8.549   1.00 16.33 ? 1563 LYS A CA  1 
ATOM   928  C C   . LYS A 1 117 ? -12.433 -7.305  9.266   1.00 16.20 ? 1563 LYS A C   1 
ATOM   929  O O   . LYS A 1 117 ? -12.967 -8.120  10.026  1.00 16.93 ? 1563 LYS A O   1 
ATOM   930  C CB  . LYS A 1 117 ? -13.520 -6.619  7.084   1.00 16.98 ? 1563 LYS A CB  1 
ATOM   931  C CG  . LYS A 1 117 ? -14.949 -6.284  6.646   1.00 19.96 ? 1563 LYS A CG  1 
ATOM   932  N N   . ILE A 1 118 ? -11.118 -7.242  9.042   1.00 16.08 ? 1564 ILE A N   1 
ATOM   933  C CA  . ILE A 1 118 ? -10.174 -8.206  9.594   1.00 16.84 ? 1564 ILE A CA  1 
ATOM   934  C C   . ILE A 1 118 ? -10.086 -8.082  11.119  1.00 16.93 ? 1564 ILE A C   1 
ATOM   935  O O   . ILE A 1 118 ? -10.170 -9.082  11.836  1.00 17.64 ? 1564 ILE A O   1 
ATOM   936  C CB  . ILE A 1 118 ? -8.796  -8.081  8.886   1.00 16.83 ? 1564 ILE A CB  1 
ATOM   937  C CG1 . ILE A 1 118 ? -8.889  -8.814  7.546   1.00 18.50 ? 1564 ILE A CG1 1 
ATOM   938  C CG2 . ILE A 1 118 ? -7.629  -8.584  9.806   1.00 17.58 ? 1564 ILE A CG2 1 
ATOM   939  C CD1 . ILE A 1 118 ? -7.886  -8.384  6.534   1.00 21.39 ? 1564 ILE A CD1 1 
ATOM   940  N N   . GLU A 1 119 ? -9.933  -6.873  11.616  1.00 15.98 ? 1565 GLU A N   1 
ATOM   941  C CA  . GLU A 1 119 ? -9.847  -6.698  13.073  1.00 16.26 ? 1565 GLU A CA  1 
ATOM   942  C C   . GLU A 1 119 ? -11.147 -7.020  13.808  1.00 17.60 ? 1565 GLU A C   1 
ATOM   943  O O   . GLU A 1 119 ? -11.102 -7.564  14.913  1.00 18.12 ? 1565 GLU A O   1 
ATOM   944  C CB  . GLU A 1 119 ? -9.369  -5.308  13.432  1.00 15.74 ? 1565 GLU A CB  1 
ATOM   945  C CG  . GLU A 1 119 ? -7.989  -5.044  12.906  1.00 13.03 ? 1565 GLU A CG  1 
ATOM   946  C CD  . GLU A 1 119 ? -7.334  -3.935  13.636  1.00 14.31 ? 1565 GLU A CD  1 
ATOM   947  O OE1 . GLU A 1 119 ? -6.555  -4.264  14.549  1.00 17.99 ? 1565 GLU A OE1 1 
ATOM   948  O OE2 . GLU A 1 119 ? -7.573  -2.747  13.362  1.00 14.29 ? 1565 GLU A OE2 1 
ATOM   949  N N   . LYS A 1 120 ? -12.300 -6.691  13.221  1.00 19.09 ? 1566 LYS A N   1 
ATOM   950  C CA  . LYS A 1 120 ? -13.585 -7.057  13.826  1.00 20.03 ? 1566 LYS A CA  1 
ATOM   951  C C   . LYS A 1 120 ? -13.733 -8.563  13.904  1.00 22.00 ? 1566 LYS A C   1 
ATOM   952  O O   . LYS A 1 120 ? -14.239 -9.097  14.898  1.00 21.76 ? 1566 LYS A O   1 
ATOM   953  C CB  . LYS A 1 120 ? -14.744 -6.462  13.042  1.00 20.00 ? 1566 LYS A CB  1 
ATOM   954  C CG  . LYS A 1 120 ? -14.896 -4.965  13.257  1.00 19.85 ? 1566 LYS A CG  1 
ATOM   955  C CD  . LYS A 1 120 ? -15.914 -4.386  12.293  1.00 22.23 ? 1566 LYS A CD  1 
ATOM   956  C CE  . LYS A 1 120 ? -17.353 -4.825  12.607  1.00 25.22 ? 1566 LYS A CE  1 
ATOM   957  N NZ  . LYS A 1 120 ? -18.005 -3.856  13.543  1.00 27.21 ? 1566 LYS A NZ  1 
ATOM   958  N N   . GLU A 1 121 ? -13.284 -9.244  12.852  1.00 23.34 ? 1567 GLU A N   1 
ATOM   959  C CA  . GLU A 1 121 ? -13.283 -10.700 12.815  1.00 26.40 ? 1567 GLU A CA  1 
ATOM   960  C C   . GLU A 1 121 ? -12.482 -11.254 13.977  1.00 27.21 ? 1567 GLU A C   1 
ATOM   961  O O   . GLU A 1 121 ? -12.920 -12.192 14.633  1.00 26.82 ? 1567 GLU A O   1 
ATOM   962  C CB  . GLU A 1 121 ? -12.737 -11.213 11.485  1.00 26.36 ? 1567 GLU A CB  1 
ATOM   963  C CG  . GLU A 1 121 ? -13.717 -11.043 10.328  1.00 27.91 ? 1567 GLU A CG  1 
ATOM   964  C CD  . GLU A 1 121 ? -13.106 -11.304 8.953   1.00 28.14 ? 1567 GLU A CD  1 
ATOM   965  O OE1 . GLU A 1 121 ? -13.858 -11.184 7.961   1.00 29.56 ? 1567 GLU A OE1 1 
ATOM   966  O OE2 . GLU A 1 121 ? -11.894 -11.623 8.850   1.00 29.35 ? 1567 GLU A OE2 1 
ATOM   967  N N   . ASP A 1 122 ? -11.323 -10.647 14.239  1.00 28.66 ? 1568 ASP A N   1 
ATOM   968  C CA  . ASP A 1 122 ? -10.462 -11.039 15.362  1.00 30.29 ? 1568 ASP A CA  1 
ATOM   969  C C   . ASP A 1 122 ? -10.969 -10.495 16.707  1.00 31.26 ? 1568 ASP A C   1 
ATOM   970  O O   . ASP A 1 122 ? -10.264 -10.544 17.725  1.00 31.80 ? 1568 ASP A O   1 
ATOM   971  C CB  . ASP A 1 122 ? -9.023  -10.603 15.086  1.00 30.79 ? 1568 ASP A CB  1 
ATOM   972  C CG  . ASP A 1 122 ? -8.402  -11.354 13.923  1.00 32.22 ? 1568 ASP A CG  1 
ATOM   973  O OD1 . ASP A 1 122 ? -8.840  -12.493 13.633  1.00 34.00 ? 1568 ASP A OD1 1 
ATOM   974  O OD2 . ASP A 1 122 ? -7.474  -10.808 13.292  1.00 34.36 ? 1568 ASP A OD2 1 
ATOM   975  N N   . ASP A 1 123 ? -12.192 -9.968  16.680  1.00 31.86 ? 1569 ASP A N   1 
ATOM   976  C CA  . ASP A 1 123 ? -12.962 -9.572  17.868  1.00 33.07 ? 1569 ASP A CA  1 
ATOM   977  C C   . ASP A 1 123 ? -12.401 -8.361  18.595  1.00 33.29 ? 1569 ASP A C   1 
ATOM   978  O O   . ASP A 1 123 ? -12.848 -7.237  18.360  1.00 33.76 ? 1569 ASP A O   1 
ATOM   979  C CB  . ASP A 1 123 ? -13.198 -10.763 18.815  1.00 33.11 ? 1569 ASP A CB  1 
ATOM   980  C CG  . ASP A 1 123 ? -14.121 -11.812 18.213  1.00 34.64 ? 1569 ASP A CG  1 
ATOM   981  O OD1 . ASP A 1 123 ? -14.197 -11.885 16.968  1.00 35.97 ? 1569 ASP A OD1 1 
ATOM   982  O OD2 . ASP A 1 123 ? -14.776 -12.568 18.967  1.00 35.80 ? 1569 ASP A OD2 1 
HETATM 983  O O   . HOH B 2 .   ? 6.113   -8.755  10.869  1.00 10.95 ? 1    HOH A O   1 
HETATM 984  O O   . HOH B 2 .   ? 3.085   7.318   -7.106  1.00 13.61 ? 2    HOH A O   1 
HETATM 985  O O   . HOH B 2 .   ? 5.546   6.130   -4.034  1.00 12.59 ? 3    HOH A O   1 
HETATM 986  O O   . HOH B 2 .   ? 2.364   6.881   -9.777  1.00 14.89 ? 4    HOH A O   1 
HETATM 987  O O   . HOH B 2 .   ? -6.278  -3.152  -5.872  1.00 12.43 ? 5    HOH A O   1 
HETATM 988  O O   . HOH B 2 .   ? 4.992   -5.350  17.464  1.00 14.06 ? 6    HOH A O   1 
HETATM 989  O O   . HOH B 2 .   ? 5.095   3.552   8.735   1.00 16.38 ? 7    HOH A O   1 
HETATM 990  O O   . HOH B 2 .   ? 1.207   -4.824  -11.834 1.00 16.38 ? 8    HOH A O   1 
HETATM 991  O O   . HOH B 2 .   ? 5.006   -9.877  3.489   1.00 15.75 ? 9    HOH A O   1 
HETATM 992  O O   . HOH B 2 .   ? 7.262   11.065  -0.549  1.00 18.76 ? 10   HOH A O   1 
HETATM 993  O O   . HOH B 2 .   ? 2.771   5.487   -5.078  1.00 15.95 ? 11   HOH A O   1 
HETATM 994  O O   . HOH B 2 .   ? -2.067  -7.941  -11.709 1.00 19.42 ? 12   HOH A O   1 
HETATM 995  O O   . HOH B 2 .   ? 3.738   2.962   -5.706  1.00 16.27 ? 13   HOH A O   1 
HETATM 996  O O   . HOH B 2 .   ? 6.675   -6.806  -10.503 1.00 17.59 ? 14   HOH A O   1 
HETATM 997  O O   . HOH B 2 .   ? -3.204  -6.054  -13.398 1.00 16.58 ? 15   HOH A O   1 
HETATM 998  O O   . HOH B 2 .   ? -4.285  0.044   -14.458 1.00 16.01 ? 16   HOH A O   1 
HETATM 999  O O   . HOH B 2 .   ? 8.183   -7.791  -1.418  1.00 20.09 ? 17   HOH A O   1 
HETATM 1000 O O   . HOH B 2 .   ? 3.308   -1.905  -10.732 1.00 15.13 ? 18   HOH A O   1 
HETATM 1001 O O   . HOH B 2 .   ? 9.696   4.365   1.430   1.00 19.15 ? 19   HOH A O   1 
HETATM 1002 O O   . HOH B 2 .   ? -12.600 -6.677  -5.650  1.00 19.94 ? 20   HOH A O   1 
HETATM 1003 O O   . HOH B 2 .   ? 14.391  -7.902  10.116  1.00 16.81 ? 21   HOH A O   1 
HETATM 1004 O O   . HOH B 2 .   ? 5.154   5.500   6.881   1.00 23.19 ? 22   HOH A O   1 
HETATM 1005 O O   . HOH B 2 .   ? 11.280  -13.622 10.607  1.00 20.65 ? 23   HOH A O   1 
HETATM 1006 O O   . HOH B 2 .   ? -0.732  -7.804  -8.387  1.00 18.57 ? 24   HOH A O   1 
HETATM 1007 O O   . HOH B 2 .   ? 1.325   8.038   13.920  1.00 20.91 ? 25   HOH A O   1 
HETATM 1008 O O   . HOH B 2 .   ? 11.483  -4.274  -14.164 1.00 20.69 ? 26   HOH A O   1 
HETATM 1009 O O   . HOH B 2 .   ? 3.257   -6.435  19.177  1.00 21.13 ? 27   HOH A O   1 
HETATM 1010 O O   . HOH B 2 .   ? 19.518  -15.758 13.985  1.00 16.24 ? 28   HOH A O   1 
HETATM 1011 O O   . HOH B 2 .   ? 7.694   0.996   11.209  1.00 22.16 ? 29   HOH A O   1 
HETATM 1012 O O   . HOH B 2 .   ? 6.061   -12.393 12.975  1.00 19.40 ? 30   HOH A O   1 
HETATM 1013 O O   . HOH B 2 .   ? 4.086   1.018   16.266  1.00 19.49 ? 31   HOH A O   1 
HETATM 1014 O O   . HOH B 2 .   ? -9.362  16.271  -14.823 1.00 25.00 ? 32   HOH A O   1 
HETATM 1015 O O   . HOH B 2 .   ? -9.856  -1.380  12.661  1.00 18.67 ? 33   HOH A O   1 
HETATM 1016 O O   . HOH B 2 .   ? 3.799   -7.210  21.519  1.00 20.12 ? 34   HOH A O   1 
HETATM 1017 O O   . HOH B 2 .   ? 0.830   -13.898 17.860  1.00 23.55 ? 35   HOH A O   1 
HETATM 1018 O O   . HOH B 2 .   ? -5.206  -2.370  15.794  1.00 17.91 ? 36   HOH A O   1 
HETATM 1019 O O   . HOH B 2 .   ? 10.670  -0.843  13.571  1.00 21.23 ? 37   HOH A O   1 
HETATM 1020 O O   . HOH B 2 .   ? -4.790  2.472   -10.633 1.00 27.09 ? 38   HOH A O   1 
HETATM 1021 O O   . HOH B 2 .   ? 1.404   -8.509  -6.436  1.00 20.23 ? 39   HOH A O   1 
HETATM 1022 O O   . HOH B 2 .   ? 1.627   7.633   -13.570 1.00 22.03 ? 40   HOH A O   1 
HETATM 1023 O O   . HOH B 2 .   ? -2.123  -8.850  16.886  1.00 21.77 ? 41   HOH A O   1 
HETATM 1024 O O   . HOH B 2 .   ? 9.482   -0.502  -14.731 1.00 18.57 ? 42   HOH A O   1 
HETATM 1025 O O   . HOH B 2 .   ? 9.745   -12.038 18.729  1.00 27.28 ? 43   HOH A O   1 
HETATM 1026 O O   . HOH B 2 .   ? 22.125  -7.498  16.262  1.00 21.98 ? 44   HOH A O   1 
HETATM 1027 O O   . HOH B 2 .   ? -11.424 8.406   -6.347  1.00 22.05 ? 45   HOH A O   1 
HETATM 1028 O O   . HOH B 2 .   ? -3.856  8.084   -14.824 1.00 20.09 ? 46   HOH A O   1 
HETATM 1029 O O   . HOH B 2 .   ? 0.754   -5.452  18.985  1.00 18.98 ? 47   HOH A O   1 
HETATM 1030 O O   . HOH B 2 .   ? 10.802  -0.708  -12.230 1.00 18.97 ? 48   HOH A O   1 
HETATM 1031 O O   . HOH B 2 .   ? 7.487   2.320   9.019   1.00 29.22 ? 49   HOH A O   1 
HETATM 1032 O O   . HOH B 2 .   ? -5.196  0.328   -11.947 1.00 23.36 ? 50   HOH A O   1 
HETATM 1033 O O   . HOH B 2 .   ? 11.231  -0.380  -8.708  1.00 27.25 ? 51   HOH A O   1 
HETATM 1034 O O   . HOH B 2 .   ? 10.188  -7.926  20.337  1.00 22.49 ? 52   HOH A O   1 
HETATM 1035 O O   . HOH B 2 .   ? 14.158  -10.759 9.644   1.00 20.87 ? 53   HOH A O   1 
HETATM 1036 O O   . HOH B 2 .   ? 2.086   9.736   -15.432 1.00 23.97 ? 54   HOH A O   1 
HETATM 1037 O O   . HOH B 2 .   ? 8.159   5.077   4.037   1.00 21.63 ? 55   HOH A O   1 
HETATM 1038 O O   . HOH B 2 .   ? -4.381  -5.894  14.785  1.00 23.77 ? 56   HOH A O   1 
HETATM 1039 O O   . HOH B 2 .   ? 25.019  -7.300  12.925  1.00 31.29 ? 57   HOH A O   1 
HETATM 1040 O O   . HOH B 2 .   ? -6.631  -11.351 2.608   1.00 21.01 ? 58   HOH A O   1 
HETATM 1041 O O   . HOH B 2 .   ? 3.852   12.940  -1.744  1.00 27.10 ? 59   HOH A O   1 
HETATM 1042 O O   . HOH B 2 .   ? 2.643   -15.226 11.092  1.00 28.95 ? 60   HOH A O   1 
HETATM 1043 O O   . HOH B 2 .   ? 23.013  -8.409  10.073  1.00 36.04 ? 61   HOH A O   1 
HETATM 1044 O O   . HOH B 2 .   ? 8.270   -12.737 8.399   1.00 31.44 ? 62   HOH A O   1 
HETATM 1045 O O   . HOH B 2 .   ? 2.775   -7.282  -4.342  1.00 21.59 ? 63   HOH A O   1 
HETATM 1046 O O   . HOH B 2 .   ? -1.826  -13.649 6.403   1.00 23.70 ? 64   HOH A O   1 
HETATM 1047 O O   . HOH B 2 .   ? 2.041   8.456   5.544   1.00 23.88 ? 65   HOH A O   1 
HETATM 1048 O O   . HOH B 2 .   ? 12.120  -11.994 8.125   1.00 24.56 ? 66   HOH A O   1 
HETATM 1049 O O   . HOH B 2 .   ? 10.891  -6.992  -10.375 1.00 23.76 ? 67   HOH A O   1 
HETATM 1050 O O   . HOH B 2 .   ? -3.928  17.416  -8.548  1.00 21.20 ? 68   HOH A O   1 
HETATM 1051 O O   . HOH B 2 .   ? -7.220  -11.500 0.017   1.00 25.72 ? 69   HOH A O   1 
HETATM 1052 O O   . HOH B 2 .   ? -15.824 -8.210  10.108  1.00 21.84 ? 70   HOH A O   1 
HETATM 1053 O O   . HOH B 2 .   ? 2.241   -14.519 8.479   1.00 27.36 ? 71   HOH A O   1 
HETATM 1054 O O   . HOH B 2 .   ? -6.696  -10.020 16.766  1.00 30.91 ? 72   HOH A O   1 
HETATM 1055 O O   . HOH B 2 .   ? 0.926   10.139  4.053   1.00 26.62 ? 73   HOH A O   1 
HETATM 1056 O O   . HOH B 2 .   ? 2.358   12.254  -14.088 1.00 23.51 ? 74   HOH A O   1 
HETATM 1057 O O   . HOH B 2 .   ? 24.070  -3.277  15.925  1.00 27.19 ? 75   HOH A O   1 
HETATM 1058 O O   . HOH B 2 .   ? 6.689   -13.650 6.677   1.00 29.23 ? 76   HOH A O   1 
HETATM 1059 O O   . HOH B 2 .   ? -11.523 3.830   -8.775  1.00 20.39 ? 77   HOH A O   1 
HETATM 1060 O O   . HOH B 2 .   ? -9.859  0.647   9.613   1.00 24.51 ? 78   HOH A O   1 
HETATM 1061 O O   . HOH B 2 .   ? -14.808 -5.135  17.414  1.00 30.64 ? 79   HOH A O   1 
HETATM 1062 O O   . HOH B 2 .   ? 7.659   -8.843  19.041  1.00 34.64 ? 80   HOH A O   1 
HETATM 1063 O O   . HOH B 2 .   ? -9.718  5.939   -11.500 1.00 23.42 ? 81   HOH A O   1 
HETATM 1064 O O   . HOH B 2 .   ? -12.823 1.398   -8.539  1.00 24.60 ? 82   HOH A O   1 
HETATM 1065 O O   . HOH B 2 .   ? 13.234  -1.247  -11.666 1.00 26.68 ? 83   HOH A O   1 
HETATM 1066 O O   . HOH B 2 .   ? 4.437   1.202   -11.822 1.00 29.04 ? 84   HOH A O   1 
HETATM 1067 O O   . HOH B 2 .   ? -16.161 -10.241 8.325   1.00 24.77 ? 85   HOH A O   1 
HETATM 1068 O O   . HOH B 2 .   ? 8.984   -9.441  0.427   1.00 30.85 ? 86   HOH A O   1 
HETATM 1069 O O   . HOH B 2 .   ? -5.093  -13.600 2.671   1.00 27.43 ? 87   HOH A O   1 
HETATM 1070 O O   . HOH B 2 .   ? -1.852  10.642  4.134   1.00 33.56 ? 88   HOH A O   1 
HETATM 1071 O O   . HOH B 2 .   ? -2.901  9.073   1.652   1.00 19.83 ? 89   HOH A O   1 
HETATM 1072 O O   . HOH B 2 .   ? -9.718  -0.340  -16.871 1.00 25.51 ? 90   HOH A O   1 
HETATM 1073 O O   . HOH B 2 .   ? 10.841  11.490  -15.988 1.00 41.69 ? 91   HOH A O   1 
HETATM 1074 O O   . HOH B 2 .   ? 5.263   -8.053  -4.959  1.00 29.28 ? 92   HOH A O   1 
HETATM 1075 O O   . HOH B 2 .   ? -8.853  -7.630  16.345  1.00 29.80 ? 93   HOH A O   1 
HETATM 1076 O O   . HOH B 2 .   ? 10.265  -10.760 2.224   1.00 41.00 ? 94   HOH A O   1 
HETATM 1077 O O   . HOH B 2 .   ? 4.968   4.842   11.459  1.00 27.67 ? 95   HOH A O   1 
HETATM 1078 O O   . HOH B 2 .   ? 13.564  -11.484 12.254  1.00 21.98 ? 96   HOH A O   1 
HETATM 1079 O O   . HOH B 2 .   ? 4.676   9.080   -16.394 1.00 29.68 ? 97   HOH A O   1 
HETATM 1080 O O   . HOH B 2 .   ? 7.194   1.365   15.279  1.00 26.52 ? 98   HOH A O   1 
HETATM 1081 O O   . HOH B 2 .   ? 10.908  -11.058 21.935  1.00 26.26 ? 99   HOH A O   1 
HETATM 1082 O O   . HOH B 2 .   ? 0.583   -9.390  1.766   1.00 27.36 ? 100  HOH A O   1 
HETATM 1083 O O   . HOH B 2 .   ? 10.125  -2.226  -3.756  1.00 24.57 ? 101  HOH A O   1 
HETATM 1084 O O   . HOH B 2 .   ? -1.372  16.478  -8.165  1.00 21.78 ? 102  HOH A O   1 
HETATM 1085 O O   . HOH B 2 .   ? 6.592   14.595  -2.408  1.00 31.34 ? 103  HOH A O   1 
HETATM 1086 O O   . HOH B 2 .   ? -7.365  -5.545  16.726  1.00 23.45 ? 104  HOH A O   1 
HETATM 1087 O O   . HOH B 2 .   ? -10.513 5.785   4.993   1.00 26.48 ? 105  HOH A O   1 
HETATM 1088 O O   . HOH B 2 .   ? -15.551 -10.199 20.602  1.00 39.35 ? 106  HOH A O   1 
HETATM 1089 O O   . HOH B 2 .   ? 23.409  -8.952  14.066  1.00 26.26 ? 107  HOH A O   1 
HETATM 1090 O O   . HOH B 2 .   ? -13.204 2.902   -12.716 1.00 28.45 ? 108  HOH A O   1 
HETATM 1091 O O   . HOH B 2 .   ? -3.470  -16.890 14.351  1.00 25.48 ? 109  HOH A O   1 
HETATM 1092 O O   . HOH B 2 .   ? -6.385  11.898  0.035   1.00 26.65 ? 110  HOH A O   1 
HETATM 1093 O O   . HOH B 2 .   ? -14.520 0.665   -6.689  1.00 29.10 ? 111  HOH A O   1 
HETATM 1094 O O   . HOH B 2 .   ? -9.825  -7.622  -2.008  1.00 27.84 ? 112  HOH A O   1 
HETATM 1095 O O   . HOH B 2 .   ? -12.855 10.714  -3.000  1.00 26.24 ? 113  HOH A O   1 
HETATM 1096 O O   . HOH B 2 .   ? 11.063  -4.183  -1.719  1.00 26.49 ? 114  HOH A O   1 
HETATM 1097 O O   . HOH B 2 .   ? 6.740   12.275  2.080   1.00 28.59 ? 115  HOH A O   1 
HETATM 1098 O O   . HOH B 2 .   ? -3.642  11.438  0.522   1.00 29.25 ? 116  HOH A O   1 
HETATM 1099 O O   . HOH B 2 .   ? -3.365  -15.562 10.885  1.00 29.53 ? 117  HOH A O   1 
HETATM 1100 O O   . HOH B 2 .   ? 17.340  2.726   -12.889 1.00 34.15 ? 118  HOH A O   1 
HETATM 1101 O O   . HOH B 2 .   ? 0.526   -10.263 -4.679  1.00 35.84 ? 119  HOH A O   1 
HETATM 1102 O O   . HOH B 2 .   ? -5.851  -8.662  -11.725 1.00 28.11 ? 120  HOH A O   1 
HETATM 1103 O O   . HOH B 2 .   ? 11.919  -1.134  0.728   1.00 43.01 ? 121  HOH A O   1 
HETATM 1104 O O   . HOH B 2 .   ? -9.107  -10.324 -1.686  1.00 30.85 ? 122  HOH A O   1 
HETATM 1105 O O   . HOH B 2 .   ? -15.474 1.579   -16.439 1.00 25.19 ? 123  HOH A O   1 
HETATM 1106 O O   . HOH B 2 .   ? 2.852   -10.614 2.165   1.00 26.73 ? 124  HOH A O   1 
HETATM 1107 O O   . HOH B 2 .   ? -13.482 2.618   4.497   1.00 29.29 ? 125  HOH A O   1 
HETATM 1108 O O   . HOH B 2 .   ? -9.236  -11.465 10.982  1.00 33.38 ? 126  HOH A O   1 
HETATM 1109 O O   . HOH B 2 .   ? -13.286 8.379   -4.399  1.00 28.96 ? 127  HOH A O   1 
HETATM 1110 O O   . HOH B 2 .   ? -15.155 -3.041  6.494   1.00 27.01 ? 128  HOH A O   1 
HETATM 1111 O O   . HOH B 2 .   ? -15.563 2.711   -14.048 1.00 34.17 ? 129  HOH A O   1 
HETATM 1112 O O   . HOH B 2 .   ? 8.677   2.054   6.349   1.00 28.55 ? 130  HOH A O   1 
HETATM 1113 O O   . HOH B 2 .   ? -7.801  2.720   8.425   1.00 30.18 ? 131  HOH A O   1 
HETATM 1114 O O   . HOH B 2 .   ? 10.582  -14.169 5.789   1.00 37.81 ? 132  HOH A O   1 
HETATM 1115 O O   . HOH B 2 .   ? -13.284 6.722   -1.851  1.00 27.59 ? 133  HOH A O   1 
HETATM 1116 O O   . HOH B 2 .   ? 14.439  11.718  -1.285  1.00 26.68 ? 134  HOH A O   1 
HETATM 1117 O O   . HOH B 2 .   ? 4.219   3.793   -8.610  1.00 30.23 ? 135  HOH A O   1 
HETATM 1118 O O   . HOH B 2 .   ? 15.430  2.959   -9.319  1.00 32.29 ? 136  HOH A O   1 
HETATM 1119 O O   . HOH B 2 .   ? -16.628 -4.196  8.802   1.00 29.49 ? 137  HOH A O   1 
HETATM 1120 O O   . HOH B 2 .   ? 13.184  4.763   -3.627  1.00 29.49 ? 138  HOH A O   1 
HETATM 1121 O O   . HOH B 2 .   ? -3.901  -12.634 13.074  1.00 27.85 ? 139  HOH A O   1 
HETATM 1122 O O   . HOH B 2 .   ? -13.761 0.801   1.119   1.00 33.91 ? 140  HOH A O   1 
HETATM 1123 O O   . HOH B 2 .   ? 14.344  7.347   -3.255  1.00 31.55 ? 141  HOH A O   1 
HETATM 1124 O O   . HOH B 2 .   ? 12.517  5.504   1.908   1.00 30.54 ? 142  HOH A O   1 
HETATM 1125 O O   . HOH B 2 .   ? -13.240 1.578   -14.911 1.00 41.38 ? 143  HOH A O   1 
HETATM 1126 O O   . HOH B 2 .   ? -12.361 -9.994  5.279   1.00 38.15 ? 144  HOH A O   1 
HETATM 1127 O O   . HOH B 2 .   ? 3.965   10.296  11.058  1.00 36.59 ? 145  HOH A O   1 
HETATM 1128 O O   . HOH B 2 .   ? -13.026 3.520   12.001  1.00 28.05 ? 146  HOH A O   1 
HETATM 1129 O O   . HOH B 2 .   ? 9.210   16.127  -11.662 1.00 32.31 ? 147  HOH A O   1 
HETATM 1130 O O   . HOH B 2 .   ? 12.001  5.039   -0.637  1.00 36.25 ? 148  HOH A O   1 
HETATM 1131 O O   . HOH B 2 .   ? -3.126  -9.867  -3.064  1.00 41.37 ? 149  HOH A O   1 
HETATM 1132 O O   . HOH B 2 .   ? -4.912  13.247  2.297   1.00 30.00 ? 150  HOH A O   1 
HETATM 1133 O O   . HOH B 2 .   ? -16.561 -0.724  -17.061 1.00 32.73 ? 151  HOH A O   1 
HETATM 1134 O O   . HOH B 2 .   ? -10.060 3.359   -18.234 1.00 36.19 ? 152  HOH A O   1 
HETATM 1135 O O   . HOH B 2 .   ? 24.418  -2.447  13.477  1.00 33.01 ? 153  HOH A O   1 
HETATM 1136 O O   . HOH B 2 .   ? -0.785  -10.069 -2.140  1.00 28.71 ? 154  HOH A O   1 
HETATM 1137 O O   . HOH B 2 .   ? 21.931  -2.038  12.505  1.00 35.81 ? 155  HOH A O   1 
HETATM 1138 O O   . HOH B 2 .   ? -7.858  -14.222 -3.177  1.00 37.47 ? 156  HOH A O   1 
HETATM 1139 O O   . HOH B 2 .   ? 10.631  5.308   3.561   1.00 35.81 ? 157  HOH A O   1 
HETATM 1140 O O   . HOH B 2 .   ? -2.504  7.657   13.235  1.00 30.05 ? 158  HOH A O   1 
HETATM 1141 O O   . HOH B 2 .   ? -3.045  -16.133 6.763   1.00 41.15 ? 159  HOH A O   1 
HETATM 1142 O O   . HOH B 2 .   ? 15.854  12.092  -10.132 1.00 27.13 ? 160  HOH A O   1 
HETATM 1143 O O   . HOH B 2 .   ? 6.445   -9.171  -2.993  1.00 35.38 ? 161  HOH A O   1 
HETATM 1144 O O   . HOH B 2 .   ? 16.567  11.672  -6.922  1.00 26.38 ? 162  HOH A O   1 
HETATM 1145 O O   . HOH B 2 .   ? 11.638  17.439  -12.342 1.00 34.54 ? 163  HOH A O   1 
HETATM 1146 O O   . HOH B 2 .   ? 13.243  0.503   -2.657  1.00 36.23 ? 164  HOH A O   1 
HETATM 1147 O O   . HOH B 2 .   ? 11.944  -4.647  16.761  1.00 34.64 ? 165  HOH A O   1 
# 
